data_3VSU
#
_entry.id   3VSU
#
_cell.length_a   88.676
_cell.length_b   202.313
_cell.length_c   100.400
_cell.angle_alpha   90.00
_cell.angle_beta   99.14
_cell.angle_gamma   90.00
#
_symmetry.space_group_name_H-M   'P 1 21 1'
#
loop_
_entity.id
_entity.type
_entity.pdbx_description
1 polymer Xylosidase
2 branched beta-D-xylopyranose-(1-4)-beta-D-xylopyranose
3 water water
#
_entity_poly.entity_id   1
_entity_poly.type   'polypeptide(L)'
_entity_poly.pdbx_seq_one_letter_code
;MEYHVAKTGSDEGKGTLKDPFLTINKAASVAMAGDTIIVHEGVYREWVKPKYKGLSDKRRITYKAAEGEKVVIKGSERIQ
SWQRVEGNVWRCQLPNSFFGEFNPYKEEVFGDWLLTVNEKKHLGDVYLNGMSFYEVTNYEDLFNPQLRTEVLDHWTQKIV
PIKNAEQTKYVWYAEVDREKTTIYANFQGADPNEEFVEINVRRSCFYPVETGIDYITVKGFEMAHAATPWAPPTADQPGL
IGPNWSKGWIIEDNIIHDAKCSAISIGKEATTGNNYRSIRKDKPGYQYQLEAVFNAKRNGWSKEKIGSHIIRNNTIYDCG
QNAIVGHLGGVFSEIYNNHIYNIALKREFYGHEIAGIKLHAAIDVQIHHNRIHDCSLGLWLDWEAQGTRVSKNLFYNNNR
DVFVEVSHGPYLVDHNILSSEYAIDNMSQGGAYINNLIAGKMNQRKVLNRSTQYHLPHSTEVAGFAFVYGGDDRFYNNIF
IGKEGLENVGTSHYNNCTTSLEEYIEKVNEVPGDLGEFERVEQPVYINKNAYFNGAEPFEKEKDNLVKKDFDPKLAIIDE
GDEVYLSLQLPDEFENIVGDIHSTKTLERVRIVDAEYESPDGKELVLDTDYLDAKKPENSSIGPIALLKKGNNYIKVW
;
_entity_poly.pdbx_strand_id   A,B,C,D
#
# COMPACT_ATOMS: atom_id res chain seq x y z
N MET A 1 16.34 -31.93 -10.41
CA MET A 1 17.73 -32.38 -10.78
C MET A 1 18.66 -32.35 -9.54
N GLU A 2 19.46 -33.38 -9.39
CA GLU A 2 20.40 -33.45 -8.29
C GLU A 2 21.80 -33.20 -8.83
N TYR A 3 22.31 -32.00 -8.65
CA TYR A 3 23.67 -31.67 -9.11
C TYR A 3 24.70 -32.09 -8.10
N HIS A 4 25.91 -32.35 -8.60
CA HIS A 4 27.02 -32.79 -7.77
C HIS A 4 28.24 -31.94 -8.05
N VAL A 5 28.96 -31.56 -7.00
CA VAL A 5 30.16 -30.78 -7.13
C VAL A 5 31.26 -31.61 -6.40
N ALA A 6 32.44 -31.72 -6.99
CA ALA A 6 33.48 -32.52 -6.36
C ALA A 6 34.81 -32.02 -6.87
N LYS A 7 35.87 -32.20 -6.08
CA LYS A 7 37.18 -31.70 -6.50
C LYS A 7 37.74 -32.46 -7.71
N THR A 8 37.11 -33.57 -8.07
CA THR A 8 37.50 -34.38 -9.21
C THR A 8 36.61 -34.03 -10.41
N GLY A 9 35.72 -33.05 -10.23
CA GLY A 9 34.80 -32.72 -11.29
C GLY A 9 35.30 -31.71 -12.30
N SER A 10 34.37 -31.20 -13.11
CA SER A 10 34.70 -30.24 -14.13
C SER A 10 33.52 -29.34 -14.42
N ASP A 11 33.72 -28.02 -14.49
CA ASP A 11 32.61 -27.14 -14.76
C ASP A 11 32.14 -27.25 -16.20
N GLU A 12 32.72 -28.20 -16.92
CA GLU A 12 32.34 -28.47 -18.31
C GLU A 12 31.50 -29.73 -18.34
N GLY A 13 31.45 -30.44 -17.20
CA GLY A 13 30.68 -31.67 -17.14
C GLY A 13 29.18 -31.46 -17.04
N LYS A 14 28.44 -32.54 -16.87
CA LYS A 14 26.99 -32.47 -16.77
C LYS A 14 26.49 -32.16 -15.36
N GLY A 15 27.40 -32.19 -14.38
CA GLY A 15 27.02 -31.92 -13.01
C GLY A 15 26.30 -33.10 -12.38
N THR A 16 26.45 -34.27 -12.96
CA THR A 16 25.81 -35.46 -12.42
C THR A 16 26.75 -36.11 -11.42
N LEU A 17 26.28 -37.14 -10.72
CA LEU A 17 27.13 -37.82 -9.77
C LEU A 17 28.39 -38.40 -10.45
N LYS A 18 28.22 -38.96 -11.64
CA LYS A 18 29.39 -39.53 -12.33
C LYS A 18 30.25 -38.48 -13.00
N ASP A 19 29.62 -37.41 -13.48
CA ASP A 19 30.30 -36.34 -14.19
C ASP A 19 29.98 -35.02 -13.47
N PRO A 20 30.49 -34.88 -12.25
CA PRO A 20 30.25 -33.68 -11.42
C PRO A 20 30.92 -32.36 -11.77
N PHE A 21 30.31 -31.26 -11.36
CA PHE A 21 30.94 -29.97 -11.60
C PHE A 21 32.15 -29.87 -10.66
N LEU A 22 32.94 -28.83 -10.82
CA LEU A 22 34.11 -28.63 -9.98
C LEU A 22 33.89 -27.53 -8.93
N THR A 23 33.17 -26.46 -9.31
CA THR A 23 32.95 -25.38 -8.36
C THR A 23 31.49 -25.26 -7.90
N ILE A 24 31.28 -24.86 -6.66
CA ILE A 24 29.89 -24.73 -6.18
C ILE A 24 29.16 -23.62 -6.92
N ASN A 25 29.84 -22.53 -7.28
CA ASN A 25 29.13 -21.46 -7.96
C ASN A 25 28.67 -21.87 -9.36
N LYS A 26 29.26 -22.91 -9.93
CA LYS A 26 28.81 -23.39 -11.24
C LYS A 26 27.42 -24.02 -11.03
N ALA A 27 27.28 -24.82 -9.99
CA ALA A 27 25.99 -25.45 -9.73
C ALA A 27 24.97 -24.35 -9.43
N ALA A 28 25.37 -23.35 -8.64
CA ALA A 28 24.51 -22.24 -8.29
C ALA A 28 24.03 -21.44 -9.51
N SER A 29 24.80 -21.45 -10.58
CA SER A 29 24.40 -20.69 -11.76
C SER A 29 23.39 -21.45 -12.60
N VAL A 30 23.21 -22.75 -12.37
CA VAL A 30 22.23 -23.53 -13.16
C VAL A 30 21.06 -24.17 -12.39
N ALA A 31 21.18 -24.33 -11.09
CA ALA A 31 20.10 -24.99 -10.34
C ALA A 31 18.81 -24.18 -10.39
N MET A 32 17.68 -24.88 -10.42
CA MET A 32 16.40 -24.17 -10.42
C MET A 32 15.46 -24.76 -9.38
N ALA A 33 14.33 -24.09 -9.17
CA ALA A 33 13.35 -24.51 -8.18
C ALA A 33 13.16 -26.02 -8.14
N GLY A 34 13.41 -26.59 -6.96
CA GLY A 34 13.26 -28.02 -6.73
C GLY A 34 14.57 -28.81 -6.78
N ASP A 35 15.62 -28.24 -7.35
CA ASP A 35 16.87 -28.97 -7.45
C ASP A 35 17.64 -29.03 -6.11
N THR A 36 18.63 -29.91 -6.08
CA THR A 36 19.51 -30.10 -4.92
C THR A 36 20.94 -30.05 -5.47
N ILE A 37 21.84 -29.44 -4.72
CA ILE A 37 23.23 -29.37 -5.10
C ILE A 37 23.99 -30.12 -4.00
N ILE A 38 24.62 -31.23 -4.34
CA ILE A 38 25.38 -31.97 -3.34
C ILE A 38 26.88 -31.74 -3.60
N VAL A 39 27.56 -31.20 -2.58
CA VAL A 39 28.98 -30.91 -2.69
C VAL A 39 29.79 -31.97 -1.93
N HIS A 40 30.84 -32.47 -2.59
CA HIS A 40 31.67 -33.51 -1.99
C HIS A 40 32.91 -32.94 -1.32
N GLU A 41 33.50 -33.77 -0.45
CA GLU A 41 34.68 -33.43 0.35
C GLU A 41 35.64 -32.46 -0.29
N GLY A 42 36.04 -31.44 0.43
CA GLY A 42 36.98 -30.50 -0.12
C GLY A 42 36.82 -29.11 0.47
N VAL A 43 37.76 -28.23 0.14
CA VAL A 43 37.75 -26.85 0.60
C VAL A 43 37.49 -26.03 -0.66
N TYR A 44 36.39 -25.29 -0.67
CA TYR A 44 36.03 -24.50 -1.84
C TYR A 44 36.23 -23.01 -1.54
N ARG A 45 37.25 -22.43 -2.16
CA ARG A 45 37.56 -21.04 -1.96
C ARG A 45 36.83 -20.18 -3.01
N GLU A 46 35.59 -19.87 -2.71
CA GLU A 46 34.77 -19.08 -3.62
C GLU A 46 33.60 -18.48 -2.90
N TRP A 47 33.02 -17.46 -3.53
CA TRP A 47 31.81 -16.79 -3.02
C TRP A 47 30.69 -17.33 -3.88
N VAL A 48 29.85 -18.17 -3.27
CA VAL A 48 28.70 -18.82 -3.93
C VAL A 48 27.54 -17.82 -4.07
N LYS A 49 27.00 -17.69 -5.27
CA LYS A 49 25.90 -16.74 -5.53
C LYS A 49 24.70 -17.40 -6.17
N PRO A 50 23.72 -17.86 -5.36
CA PRO A 50 22.51 -18.51 -5.87
C PRO A 50 21.92 -17.61 -6.92
N LYS A 51 21.78 -18.12 -8.15
CA LYS A 51 21.25 -17.31 -9.22
C LYS A 51 19.72 -17.35 -9.35
N TYR A 52 19.12 -18.54 -9.27
CA TYR A 52 17.69 -18.66 -9.36
C TYR A 52 17.07 -18.93 -7.99
N LYS A 53 15.80 -18.55 -7.85
CA LYS A 53 15.12 -18.71 -6.58
C LYS A 53 14.31 -20.00 -6.45
N GLY A 54 14.08 -20.40 -5.20
CA GLY A 54 13.23 -21.51 -4.91
C GLY A 54 11.84 -20.86 -5.02
N LEU A 55 10.79 -21.60 -5.30
CA LEU A 55 9.46 -21.00 -5.46
C LEU A 55 8.46 -21.27 -4.35
N SER A 56 8.83 -22.11 -3.39
CA SER A 56 7.97 -22.44 -2.25
C SER A 56 8.80 -23.34 -1.34
N ASP A 57 8.26 -23.62 -0.17
CA ASP A 57 8.98 -24.47 0.75
C ASP A 57 9.11 -25.87 0.13
N LYS A 58 8.12 -26.29 -0.66
CA LYS A 58 8.22 -27.60 -1.28
C LYS A 58 9.25 -27.54 -2.42
N ARG A 59 9.18 -26.45 -3.21
CA ARG A 59 10.11 -26.26 -4.34
C ARG A 59 11.32 -25.35 -4.03
N ARG A 60 12.07 -25.72 -3.02
CA ARG A 60 13.28 -25.02 -2.62
C ARG A 60 14.44 -25.40 -3.53
N ILE A 61 15.56 -24.73 -3.33
CA ILE A 61 16.79 -25.10 -3.99
C ILE A 61 17.68 -25.40 -2.78
N THR A 62 18.11 -26.66 -2.67
CA THR A 62 18.93 -27.13 -1.56
C THR A 62 20.40 -27.35 -1.89
N TYR A 63 21.28 -26.69 -1.12
CA TYR A 63 22.74 -26.84 -1.24
C TYR A 63 23.15 -27.57 0.04
N LYS A 64 23.79 -28.73 -0.10
CA LYS A 64 24.23 -29.45 1.10
C LYS A 64 25.51 -30.27 0.89
N ALA A 65 26.19 -30.55 1.99
CA ALA A 65 27.41 -31.36 1.97
C ALA A 65 27.00 -32.82 1.75
N ALA A 66 27.80 -33.57 0.99
CA ALA A 66 27.51 -34.99 0.77
C ALA A 66 27.56 -35.66 2.17
N GLU A 67 26.73 -36.66 2.40
CA GLU A 67 26.67 -37.32 3.71
C GLU A 67 28.01 -37.86 4.17
N GLY A 68 28.39 -37.54 5.39
CA GLY A 68 29.66 -38.01 5.91
C GLY A 68 30.89 -37.31 5.35
N GLU A 69 30.72 -36.27 4.55
CA GLU A 69 31.87 -35.60 3.98
C GLU A 69 32.09 -34.20 4.55
N LYS A 70 33.35 -33.80 4.66
CA LYS A 70 33.70 -32.49 5.18
C LYS A 70 33.87 -31.48 4.06
N VAL A 71 32.95 -30.53 4.00
CA VAL A 71 32.99 -29.53 2.96
C VAL A 71 33.15 -28.15 3.61
N VAL A 72 34.14 -27.41 3.13
CA VAL A 72 34.44 -26.11 3.66
C VAL A 72 34.35 -25.07 2.57
N ILE A 73 33.74 -23.93 2.87
CA ILE A 73 33.67 -22.85 1.92
C ILE A 73 34.41 -21.72 2.62
N LYS A 74 35.45 -21.19 1.99
CA LYS A 74 36.21 -20.12 2.61
C LYS A 74 36.32 -18.88 1.73
N GLY A 75 36.40 -17.72 2.39
CA GLY A 75 36.54 -16.46 1.69
C GLY A 75 38.02 -16.10 1.57
N SER A 76 38.88 -16.91 2.17
CA SER A 76 40.34 -16.66 2.14
C SER A 76 41.13 -17.43 1.07
N GLU A 77 42.43 -17.20 1.08
CA GLU A 77 43.37 -17.91 0.22
C GLU A 77 44.60 -18.22 1.06
N ARG A 78 45.25 -19.35 0.79
CA ARG A 78 46.49 -19.66 1.49
C ARG A 78 47.60 -18.90 0.78
N ILE A 79 48.44 -18.25 1.55
CA ILE A 79 49.53 -17.51 0.95
C ILE A 79 50.85 -18.20 1.29
N GLN A 80 51.61 -18.54 0.24
CA GLN A 80 52.91 -19.19 0.43
C GLN A 80 54.02 -18.45 -0.31
N SER A 81 53.87 -17.14 -0.45
CA SER A 81 54.87 -16.33 -1.12
C SER A 81 55.39 -15.28 -0.14
N TRP A 82 55.39 -15.62 1.15
CA TRP A 82 55.88 -14.67 2.13
C TRP A 82 57.42 -14.57 2.07
N GLN A 83 57.97 -13.38 2.38
CA GLN A 83 59.41 -13.13 2.43
C GLN A 83 59.71 -12.45 3.76
N ARG A 84 60.72 -12.94 4.45
CA ARG A 84 61.09 -12.40 5.74
C ARG A 84 61.61 -10.97 5.59
N VAL A 85 61.14 -10.05 6.40
CA VAL A 85 61.60 -8.67 6.31
C VAL A 85 62.69 -8.48 7.33
N GLU A 86 62.37 -8.78 8.58
CA GLU A 86 63.31 -8.65 9.66
C GLU A 86 62.65 -9.24 10.89
N GLY A 87 63.46 -9.87 11.74
CA GLY A 87 62.96 -10.48 12.95
C GLY A 87 61.97 -11.52 12.54
N ASN A 88 60.79 -11.47 13.17
CA ASN A 88 59.71 -12.41 12.88
C ASN A 88 58.63 -11.85 11.94
N VAL A 89 58.95 -10.74 11.29
CA VAL A 89 58.02 -10.05 10.38
C VAL A 89 58.32 -10.47 8.96
N TRP A 90 57.29 -10.92 8.27
CA TRP A 90 57.36 -11.38 6.90
C TRP A 90 56.38 -10.55 6.08
N ARG A 91 56.56 -10.56 4.77
CA ARG A 91 55.72 -9.78 3.90
C ARG A 91 55.35 -10.54 2.62
N CYS A 92 54.16 -10.24 2.10
CA CYS A 92 53.73 -10.80 0.83
C CYS A 92 53.14 -9.62 0.03
N GLN A 93 53.12 -9.74 -1.28
CA GLN A 93 52.60 -8.70 -2.15
C GLN A 93 51.74 -9.34 -3.21
N LEU A 94 50.58 -8.74 -3.44
CA LEU A 94 49.67 -9.24 -4.42
C LEU A 94 49.21 -8.12 -5.33
N PRO A 95 49.06 -8.41 -6.63
CA PRO A 95 48.60 -7.35 -7.53
C PRO A 95 47.16 -7.08 -7.09
N ASN A 96 46.71 -5.83 -7.18
CA ASN A 96 45.35 -5.49 -6.77
C ASN A 96 44.30 -6.31 -7.52
N SER A 97 44.60 -6.78 -8.72
CA SER A 97 43.62 -7.61 -9.44
C SER A 97 43.29 -8.91 -8.67
N PHE A 98 44.14 -9.32 -7.74
CA PHE A 98 43.90 -10.52 -6.95
C PHE A 98 42.60 -10.36 -6.11
N PHE A 99 42.24 -9.12 -5.81
CA PHE A 99 41.05 -8.83 -5.00
C PHE A 99 39.89 -8.31 -5.88
N GLY A 100 40.23 -7.77 -7.04
CA GLY A 100 39.21 -7.23 -7.92
C GLY A 100 38.57 -5.96 -7.36
N GLU A 101 37.24 -5.89 -7.48
CA GLU A 101 36.46 -4.74 -6.99
C GLU A 101 36.56 -4.53 -5.47
N PHE A 102 36.47 -5.62 -4.72
CA PHE A 102 36.51 -5.59 -3.25
C PHE A 102 37.89 -6.00 -2.65
N ASN A 103 38.61 -5.03 -2.09
CA ASN A 103 39.92 -5.29 -1.50
C ASN A 103 39.82 -5.09 0.01
N PRO A 104 39.81 -6.20 0.77
CA PRO A 104 39.70 -6.13 2.24
C PRO A 104 40.73 -5.21 2.92
N TYR A 105 41.91 -5.07 2.32
CA TYR A 105 42.98 -4.23 2.90
C TYR A 105 42.82 -2.76 2.61
N LYS A 106 41.92 -2.42 1.70
CA LYS A 106 41.62 -1.01 1.41
C LYS A 106 40.31 -0.63 2.14
N GLU A 107 39.35 -1.55 2.17
CA GLU A 107 38.05 -1.35 2.83
C GLU A 107 38.16 -1.24 4.34
N GLU A 108 37.59 -0.19 4.91
CA GLU A 108 37.64 0.03 6.35
C GLU A 108 36.39 -0.46 7.08
N VAL A 109 36.52 -0.66 8.39
CA VAL A 109 35.37 -0.94 9.24
C VAL A 109 34.84 0.52 9.30
N PHE A 110 33.59 0.73 8.90
CA PHE A 110 33.08 2.09 8.76
C PHE A 110 31.57 2.20 8.83
N GLY A 111 31.08 3.33 9.33
CA GLY A 111 29.66 3.58 9.30
C GLY A 111 28.96 4.02 10.56
N ASP A 112 27.64 4.17 10.42
CA ASP A 112 26.79 4.59 11.51
C ASP A 112 27.00 3.78 12.77
N TRP A 113 27.18 4.49 13.87
CA TRP A 113 27.35 3.92 15.21
C TRP A 113 28.65 3.22 15.51
N LEU A 114 29.61 3.32 14.59
CA LEU A 114 30.94 2.76 14.84
C LEU A 114 31.58 3.86 15.74
N LEU A 115 32.07 3.50 16.94
CA LEU A 115 32.67 4.47 17.87
C LEU A 115 34.21 4.56 17.81
N THR A 116 34.88 3.49 17.44
CA THR A 116 36.34 3.55 17.37
C THR A 116 36.72 4.20 16.04
N VAL A 117 36.83 5.53 16.05
CA VAL A 117 37.13 6.23 14.81
C VAL A 117 38.54 6.80 14.63
N ASN A 118 39.32 6.92 15.71
CA ASN A 118 40.66 7.43 15.54
C ASN A 118 41.60 6.42 14.89
N GLU A 119 41.58 5.19 15.40
CA GLU A 119 42.42 4.11 14.86
C GLU A 119 41.59 3.34 13.82
N LYS A 120 41.83 3.59 12.53
CA LYS A 120 41.06 2.89 11.50
C LYS A 120 41.37 1.39 11.40
N LYS A 121 40.36 0.53 11.31
CA LYS A 121 40.62 -0.90 11.10
C LYS A 121 40.09 -1.25 9.72
N HIS A 122 40.58 -2.35 9.16
CA HIS A 122 40.17 -2.77 7.84
C HIS A 122 39.56 -4.16 7.89
N LEU A 123 38.95 -4.57 6.77
CA LEU A 123 38.26 -5.82 6.68
C LEU A 123 39.17 -7.06 6.45
N GLY A 124 40.47 -6.82 6.28
CA GLY A 124 41.42 -7.92 6.05
C GLY A 124 41.67 -8.72 7.32
N ASP A 125 42.49 -9.76 7.24
CA ASP A 125 42.80 -10.59 8.40
C ASP A 125 43.85 -11.59 7.93
N VAL A 126 44.70 -12.03 8.86
CA VAL A 126 45.75 -13.02 8.57
C VAL A 126 45.52 -14.14 9.59
N TYR A 127 45.67 -15.38 9.13
CA TYR A 127 45.49 -16.55 9.99
C TYR A 127 46.73 -17.43 9.96
N LEU A 128 47.08 -17.97 11.12
CA LEU A 128 48.22 -18.88 11.27
C LEU A 128 47.62 -20.20 11.75
N ASN A 129 47.50 -21.18 10.86
CA ASN A 129 46.88 -22.47 11.21
C ASN A 129 45.49 -22.25 11.83
N GLY A 130 44.69 -21.40 11.20
CA GLY A 130 43.36 -21.13 11.70
C GLY A 130 43.22 -20.02 12.73
N MET A 131 44.30 -19.58 13.36
CA MET A 131 44.18 -18.51 14.37
C MET A 131 44.32 -17.11 13.76
N SER A 132 43.29 -16.29 13.89
CA SER A 132 43.35 -14.93 13.32
C SER A 132 44.26 -13.98 14.11
N PHE A 133 44.73 -12.93 13.44
CA PHE A 133 45.68 -11.96 14.04
C PHE A 133 45.04 -10.66 14.44
N TYR A 134 45.80 -9.81 15.14
CA TYR A 134 45.36 -8.47 15.53
C TYR A 134 45.96 -7.43 14.55
N GLU A 135 45.13 -6.54 14.02
CA GLU A 135 45.65 -5.51 13.11
C GLU A 135 46.38 -4.41 13.90
N VAL A 136 47.49 -3.88 13.38
CA VAL A 136 48.13 -2.75 14.05
C VAL A 136 48.15 -1.59 13.08
N THR A 137 48.19 -0.39 13.63
CA THR A 137 48.09 0.84 12.85
C THR A 137 49.29 1.25 12.03
N ASN A 138 50.50 0.96 12.50
CA ASN A 138 51.70 1.36 11.79
C ASN A 138 52.70 0.24 11.59
N TYR A 139 53.52 0.41 10.56
CA TYR A 139 54.60 -0.52 10.21
C TYR A 139 55.43 -0.83 11.46
N GLU A 140 55.81 0.21 12.18
CA GLU A 140 56.62 0.05 13.39
C GLU A 140 56.04 -0.89 14.43
N ASP A 141 54.71 -0.91 14.57
CA ASP A 141 54.06 -1.78 15.58
C ASP A 141 54.17 -3.26 15.24
N LEU A 142 54.62 -3.60 14.04
CA LEU A 142 54.74 -5.00 13.69
C LEU A 142 55.86 -5.75 14.44
N PHE A 143 56.97 -5.05 14.67
CA PHE A 143 58.12 -5.72 15.23
C PHE A 143 58.23 -6.23 16.64
N ASN A 144 57.78 -5.48 17.62
CA ASN A 144 57.86 -5.99 18.99
C ASN A 144 56.51 -5.85 19.69
N PRO A 145 55.48 -6.51 19.15
CA PRO A 145 54.14 -6.43 19.75
C PRO A 145 54.10 -6.96 21.17
N GLN A 146 53.37 -6.26 22.02
CA GLN A 146 53.26 -6.66 23.42
C GLN A 146 52.13 -7.63 23.73
N LEU A 147 52.43 -8.62 24.56
CA LEU A 147 51.41 -9.58 24.95
C LEU A 147 50.44 -8.87 25.90
N ARG A 148 49.14 -8.95 25.65
CA ARG A 148 48.18 -8.31 26.55
C ARG A 148 47.37 -9.41 27.18
N THR A 149 47.05 -9.27 28.46
CA THR A 149 46.29 -10.30 29.13
C THR A 149 44.94 -9.78 29.62
N GLU A 150 44.73 -8.48 29.55
CA GLU A 150 43.44 -7.95 30.00
C GLU A 150 43.00 -6.83 29.03
N VAL A 151 41.69 -6.60 28.95
CA VAL A 151 41.16 -5.62 28.02
C VAL A 151 39.91 -4.97 28.63
N LEU A 152 39.56 -3.78 28.17
CA LEU A 152 38.40 -3.11 28.70
C LEU A 152 37.12 -3.48 27.92
N ASP A 153 36.10 -3.94 28.62
CA ASP A 153 34.83 -4.22 27.94
C ASP A 153 34.23 -2.82 27.89
N HIS A 154 34.03 -2.29 26.68
CA HIS A 154 33.53 -0.93 26.55
C HIS A 154 32.23 -0.61 27.26
N TRP A 155 31.18 -1.38 27.03
CA TRP A 155 29.91 -1.06 27.68
C TRP A 155 29.95 -1.07 29.21
N THR A 156 30.37 -2.19 29.81
CA THR A 156 30.41 -2.24 31.26
C THR A 156 31.57 -1.45 31.89
N GLN A 157 32.54 -1.03 31.07
CA GLN A 157 33.69 -0.29 31.58
C GLN A 157 34.46 -1.06 32.65
N LYS A 158 34.55 -2.38 32.47
CA LYS A 158 35.27 -3.23 33.41
C LYS A 158 36.46 -3.82 32.68
N ILE A 159 37.56 -4.03 33.41
CA ILE A 159 38.75 -4.66 32.84
C ILE A 159 38.52 -6.14 33.00
N VAL A 160 38.57 -6.87 31.90
CA VAL A 160 38.35 -8.30 31.95
C VAL A 160 39.52 -9.02 31.29
N PRO A 161 39.68 -10.32 31.58
CA PRO A 161 40.78 -11.08 31.00
C PRO A 161 40.59 -11.27 29.50
N ILE A 162 41.70 -11.38 28.79
CA ILE A 162 41.67 -11.63 27.38
C ILE A 162 41.70 -13.13 27.37
N LYS A 163 40.74 -13.74 26.68
CA LYS A 163 40.66 -15.19 26.64
C LYS A 163 41.89 -15.86 26.08
N ASN A 164 42.29 -15.45 24.88
CA ASN A 164 43.45 -16.06 24.26
C ASN A 164 44.56 -15.03 24.23
N ALA A 165 45.29 -14.91 25.32
CA ALA A 165 46.34 -13.90 25.43
C ALA A 165 47.46 -14.10 24.43
N GLU A 166 47.80 -15.35 24.16
CA GLU A 166 48.89 -15.61 23.24
C GLU A 166 48.62 -14.98 21.88
N GLN A 167 47.36 -14.99 21.47
CA GLN A 167 47.00 -14.43 20.17
C GLN A 167 47.38 -12.93 20.02
N THR A 168 47.44 -12.20 21.11
CA THR A 168 47.73 -10.77 21.01
C THR A 168 49.09 -10.41 20.47
N LYS A 169 50.00 -11.39 20.39
CA LYS A 169 51.34 -11.12 19.86
C LYS A 169 51.40 -11.29 18.34
N TYR A 170 50.32 -11.82 17.75
CA TYR A 170 50.30 -12.02 16.31
C TYR A 170 49.56 -10.87 15.67
N VAL A 171 50.32 -10.02 15.00
CA VAL A 171 49.83 -8.80 14.39
C VAL A 171 50.15 -8.67 12.90
N TRP A 172 49.30 -7.89 12.21
CA TRP A 172 49.44 -7.66 10.78
C TRP A 172 49.16 -6.20 10.47
N TYR A 173 49.66 -5.79 9.31
CA TYR A 173 49.50 -4.42 8.85
C TYR A 173 49.64 -4.46 7.33
N ALA A 174 48.82 -3.68 6.63
CA ALA A 174 48.88 -3.69 5.17
C ALA A 174 48.91 -2.32 4.52
N GLU A 175 49.43 -2.28 3.29
CA GLU A 175 49.52 -1.03 2.50
C GLU A 175 48.99 -1.32 1.10
N VAL A 176 48.07 -0.50 0.63
CA VAL A 176 47.54 -0.69 -0.70
C VAL A 176 47.91 0.52 -1.54
N ASP A 177 48.59 0.29 -2.65
CA ASP A 177 48.93 1.40 -3.53
C ASP A 177 48.17 1.21 -4.85
N ARG A 178 48.52 1.96 -5.87
CA ARG A 178 47.77 1.87 -7.13
C ARG A 178 47.88 0.55 -7.87
N GLU A 179 48.98 -0.17 -7.68
CA GLU A 179 49.18 -1.43 -8.38
C GLU A 179 48.99 -2.67 -7.51
N LYS A 180 49.41 -2.58 -6.25
CA LYS A 180 49.37 -3.76 -5.42
C LYS A 180 49.12 -3.56 -3.94
N THR A 181 48.97 -4.70 -3.25
CA THR A 181 48.69 -4.73 -1.83
C THR A 181 49.82 -5.45 -1.16
N THR A 182 50.43 -4.81 -0.17
CA THR A 182 51.51 -5.45 0.54
C THR A 182 51.03 -5.76 1.95
N ILE A 183 51.12 -7.03 2.36
CA ILE A 183 50.68 -7.38 3.72
C ILE A 183 51.86 -7.89 4.56
N TYR A 184 52.04 -7.28 5.73
CA TYR A 184 53.09 -7.64 6.67
C TYR A 184 52.44 -8.32 7.89
N ALA A 185 53.16 -9.24 8.52
CA ALA A 185 52.64 -9.88 9.71
C ALA A 185 53.80 -10.45 10.51
N ASN A 186 53.63 -10.49 11.83
CA ASN A 186 54.64 -11.05 12.70
C ASN A 186 54.20 -12.46 13.03
N PHE A 187 54.97 -13.45 12.62
CA PHE A 187 54.60 -14.84 12.88
C PHE A 187 55.34 -15.42 14.10
N GLN A 188 55.97 -14.55 14.89
CA GLN A 188 56.63 -14.96 16.10
C GLN A 188 57.50 -16.22 16.01
N GLY A 189 58.22 -16.40 14.91
CA GLY A 189 59.09 -17.56 14.82
C GLY A 189 58.67 -18.68 13.87
N ALA A 190 57.40 -18.69 13.44
CA ALA A 190 56.98 -19.75 12.54
C ALA A 190 57.34 -19.33 11.13
N ASP A 191 57.44 -20.30 10.21
CA ASP A 191 57.73 -19.99 8.82
C ASP A 191 56.33 -19.97 8.18
N PRO A 192 55.82 -18.78 7.81
CA PRO A 192 54.49 -18.70 7.21
C PRO A 192 54.30 -19.48 5.92
N ASN A 193 55.38 -19.76 5.20
CA ASN A 193 55.23 -20.53 3.96
C ASN A 193 55.14 -22.04 4.28
N GLU A 194 55.63 -22.44 5.44
CA GLU A 194 55.61 -23.85 5.81
C GLU A 194 54.34 -24.15 6.63
N GLU A 195 54.00 -23.25 7.55
CA GLU A 195 52.76 -23.41 8.31
C GLU A 195 51.59 -23.09 7.33
N PHE A 196 50.37 -23.24 7.83
CA PHE A 196 49.20 -23.01 6.98
C PHE A 196 48.69 -21.59 7.21
N VAL A 197 49.14 -20.67 6.36
CA VAL A 197 48.78 -19.28 6.52
C VAL A 197 47.84 -18.77 5.46
N GLU A 198 46.74 -18.19 5.93
CA GLU A 198 45.71 -17.64 5.08
C GLU A 198 45.44 -16.15 5.31
N ILE A 199 44.83 -15.52 4.33
CA ILE A 199 44.43 -14.11 4.51
C ILE A 199 43.00 -13.94 3.98
N ASN A 200 42.24 -12.99 4.54
CA ASN A 200 40.90 -12.68 4.00
C ASN A 200 41.05 -12.15 2.55
N VAL A 201 40.11 -12.52 1.69
CA VAL A 201 40.14 -12.06 0.31
C VAL A 201 38.74 -11.61 -0.14
N ARG A 202 37.75 -12.50 0.00
CA ARG A 202 36.38 -12.18 -0.42
C ARG A 202 35.47 -11.68 0.70
N ARG A 203 34.46 -10.92 0.35
CA ARG A 203 33.55 -10.34 1.33
C ARG A 203 32.62 -11.37 1.96
N SER A 204 32.03 -12.23 1.13
CA SER A 204 31.07 -13.23 1.60
C SER A 204 31.43 -14.61 1.13
N CYS A 205 30.76 -15.62 1.71
CA CYS A 205 30.94 -17.00 1.29
C CYS A 205 29.69 -17.57 0.55
N PHE A 206 28.48 -17.19 0.98
CA PHE A 206 27.24 -17.75 0.38
C PHE A 206 26.19 -16.65 0.52
N TYR A 207 26.01 -15.88 -0.54
CA TYR A 207 25.16 -14.72 -0.44
C TYR A 207 24.79 -14.32 -1.88
N PRO A 208 23.49 -14.19 -2.19
CA PRO A 208 23.06 -13.81 -3.55
C PRO A 208 23.45 -12.37 -3.85
N VAL A 209 23.65 -12.06 -5.12
CA VAL A 209 23.98 -10.70 -5.47
C VAL A 209 22.75 -9.98 -5.95
N GLU A 210 21.60 -10.63 -5.82
CA GLU A 210 20.33 -10.00 -6.17
C GLU A 210 19.42 -10.24 -4.98
N THR A 211 18.43 -9.39 -4.81
CA THR A 211 17.46 -9.59 -3.73
C THR A 211 16.37 -10.55 -4.24
N GLY A 212 15.52 -11.04 -3.34
CA GLY A 212 14.45 -11.92 -3.79
C GLY A 212 14.76 -13.37 -4.20
N ILE A 213 15.99 -13.85 -3.93
CA ILE A 213 16.30 -15.23 -4.24
C ILE A 213 15.79 -16.06 -3.04
N ASP A 214 14.47 -16.29 -3.04
CA ASP A 214 13.81 -17.02 -1.98
C ASP A 214 14.05 -18.53 -1.91
N TYR A 215 13.61 -19.08 -0.78
CA TYR A 215 13.59 -20.52 -0.56
C TYR A 215 14.84 -21.32 -0.90
N ILE A 216 15.96 -20.93 -0.28
CA ILE A 216 17.21 -21.64 -0.43
C ILE A 216 17.51 -22.34 0.92
N THR A 217 17.95 -23.58 0.88
CA THR A 217 18.37 -24.28 2.09
C THR A 217 19.88 -24.50 1.95
N VAL A 218 20.62 -24.15 3.01
CA VAL A 218 22.09 -24.31 3.04
C VAL A 218 22.35 -25.20 4.28
N LYS A 219 22.81 -26.43 4.04
CA LYS A 219 22.99 -27.40 5.09
C LYS A 219 24.31 -28.17 5.17
N GLY A 220 24.88 -28.23 6.37
CA GLY A 220 26.08 -29.05 6.59
C GLY A 220 27.47 -28.64 6.18
N PHE A 221 27.67 -27.35 5.93
CA PHE A 221 28.96 -26.86 5.50
C PHE A 221 29.75 -26.24 6.65
N GLU A 222 31.07 -26.17 6.50
CA GLU A 222 31.81 -25.40 7.47
C GLU A 222 32.10 -24.14 6.60
N MET A 223 31.99 -22.93 7.15
CA MET A 223 32.24 -21.71 6.32
C MET A 223 33.01 -20.73 7.13
N ALA A 224 34.05 -20.14 6.54
CA ALA A 224 34.86 -19.25 7.32
C ALA A 224 35.66 -18.23 6.52
N HIS A 225 36.22 -17.26 7.26
CA HIS A 225 37.11 -16.22 6.73
C HIS A 225 36.44 -15.31 5.70
N ALA A 226 35.58 -14.43 6.19
CA ALA A 226 34.87 -13.51 5.30
C ALA A 226 35.10 -12.09 5.79
N ALA A 227 35.46 -11.22 4.85
CA ALA A 227 35.73 -9.81 5.12
C ALA A 227 34.45 -8.99 5.05
N THR A 228 33.52 -9.28 5.95
CA THR A 228 32.22 -8.62 6.04
C THR A 228 32.39 -7.26 6.68
N PRO A 229 31.66 -6.25 6.18
CA PRO A 229 31.69 -4.85 6.66
C PRO A 229 30.82 -4.55 7.89
N TRP A 230 31.07 -3.42 8.54
CA TRP A 230 30.31 -2.98 9.71
C TRP A 230 28.85 -2.95 9.24
N ALA A 231 27.94 -3.54 10.01
CA ALA A 231 26.58 -3.63 9.53
C ALA A 231 25.47 -3.04 10.41
N PRO A 232 25.33 -1.71 10.40
CA PRO A 232 24.30 -1.04 11.19
C PRO A 232 22.96 -1.12 10.46
N PRO A 233 21.85 -0.88 11.18
CA PRO A 233 20.49 -0.94 10.60
C PRO A 233 20.19 0.10 9.53
N THR A 234 21.04 1.09 9.40
CA THR A 234 20.85 2.19 8.45
C THR A 234 21.70 2.02 7.21
N ALA A 235 22.24 0.83 7.06
CA ALA A 235 23.09 0.55 5.91
C ALA A 235 22.77 -0.79 5.30
N ASP A 236 23.42 -1.09 4.19
CA ASP A 236 23.29 -2.40 3.58
C ASP A 236 23.86 -3.36 4.66
N GLN A 237 23.33 -4.58 4.82
CA GLN A 237 23.92 -5.44 5.85
C GLN A 237 24.38 -6.81 5.33
N PRO A 238 25.50 -6.82 4.58
CA PRO A 238 25.95 -8.12 4.09
C PRO A 238 26.59 -8.91 5.22
N GLY A 239 26.65 -10.23 5.07
CA GLY A 239 27.28 -11.04 6.09
C GLY A 239 28.07 -12.12 5.36
N LEU A 240 28.57 -13.11 6.07
CA LEU A 240 29.30 -14.21 5.45
C LEU A 240 28.29 -15.07 4.63
N ILE A 241 27.11 -15.29 5.21
CA ILE A 241 26.06 -16.03 4.53
C ILE A 241 24.75 -15.28 4.85
N GLY A 242 23.82 -15.22 3.92
CA GLY A 242 22.57 -14.52 4.21
C GLY A 242 21.59 -14.57 3.05
N PRO A 243 20.29 -14.35 3.28
CA PRO A 243 19.32 -14.40 2.18
C PRO A 243 19.28 -13.16 1.30
N ASN A 244 19.90 -12.08 1.76
CA ASN A 244 19.91 -10.82 1.03
C ASN A 244 18.48 -10.33 0.61
N TRP A 245 17.64 -10.06 1.63
CA TRP A 245 16.31 -9.45 1.43
C TRP A 245 15.42 -10.38 0.60
N SER A 246 15.01 -11.49 1.21
CA SER A 246 14.19 -12.47 0.52
C SER A 246 13.41 -13.27 1.56
N LYS A 247 12.80 -14.36 1.13
CA LYS A 247 11.99 -15.11 2.06
C LYS A 247 12.24 -16.60 2.09
N GLY A 248 12.05 -17.19 3.26
CA GLY A 248 12.11 -18.64 3.40
C GLY A 248 13.38 -19.45 3.35
N TRP A 249 14.50 -18.87 3.73
CA TRP A 249 15.73 -19.65 3.74
C TRP A 249 15.78 -20.56 4.98
N ILE A 250 16.57 -21.63 4.88
CA ILE A 250 16.82 -22.52 6.00
C ILE A 250 18.36 -22.69 6.02
N ILE A 251 19.02 -22.14 7.06
CA ILE A 251 20.47 -22.26 7.21
C ILE A 251 20.65 -23.18 8.43
N GLU A 252 21.07 -24.42 8.17
CA GLU A 252 21.13 -25.39 9.24
C GLU A 252 22.36 -26.28 9.26
N ASP A 253 22.73 -26.78 10.45
CA ASP A 253 23.84 -27.71 10.62
C ASP A 253 25.17 -27.23 10.03
N ASN A 254 25.46 -25.93 10.09
CA ASN A 254 26.72 -25.40 9.58
C ASN A 254 27.62 -24.98 10.73
N ILE A 255 28.93 -24.90 10.47
CA ILE A 255 29.87 -24.43 11.45
C ILE A 255 30.42 -23.19 10.74
N ILE A 256 30.17 -22.03 11.32
CA ILE A 256 30.52 -20.76 10.71
C ILE A 256 31.44 -19.96 11.61
N HIS A 257 32.56 -19.50 11.06
CA HIS A 257 33.44 -18.71 11.90
C HIS A 257 34.35 -17.74 11.14
N ASP A 258 34.91 -16.80 11.90
CA ASP A 258 35.80 -15.79 11.37
C ASP A 258 35.22 -14.84 10.34
N ALA A 259 34.02 -14.34 10.62
CA ALA A 259 33.45 -13.30 9.79
C ALA A 259 34.04 -12.05 10.42
N LYS A 260 34.57 -11.14 9.61
CA LYS A 260 35.15 -9.94 10.18
C LYS A 260 34.13 -9.22 11.06
N CYS A 261 32.95 -9.00 10.49
CA CYS A 261 31.89 -8.36 11.24
C CYS A 261 30.75 -9.33 11.55
N SER A 262 29.73 -9.43 10.72
CA SER A 262 28.62 -10.36 11.04
C SER A 262 28.72 -11.60 10.21
N ALA A 263 28.40 -12.73 10.82
CA ALA A 263 28.44 -14.03 10.18
C ALA A 263 27.15 -14.25 9.37
N ILE A 264 26.04 -14.53 10.04
CA ILE A 264 24.78 -14.73 9.32
C ILE A 264 24.00 -13.43 9.35
N SER A 265 23.66 -12.93 8.18
CA SER A 265 22.85 -11.71 8.10
C SER A 265 21.45 -11.98 7.55
N ILE A 266 20.42 -11.56 8.27
CA ILE A 266 19.05 -11.62 7.77
C ILE A 266 18.61 -10.18 7.81
N GLY A 267 19.49 -9.31 7.31
CA GLY A 267 19.24 -7.86 7.33
C GLY A 267 18.63 -7.22 6.08
N LYS A 268 18.85 -5.93 5.98
CA LYS A 268 18.29 -5.17 4.87
C LYS A 268 19.36 -4.90 3.81
N GLU A 269 18.94 -4.30 2.69
CA GLU A 269 19.86 -4.03 1.59
C GLU A 269 20.04 -2.51 1.43
N ALA A 270 20.94 -2.10 0.54
CA ALA A 270 21.29 -0.70 0.35
C ALA A 270 20.25 0.35 -0.02
N THR A 271 19.34 0.02 -0.93
CA THR A 271 18.42 1.05 -1.39
C THR A 271 17.48 1.70 -0.38
N THR A 272 17.21 1.05 0.75
CA THR A 272 16.32 1.70 1.70
C THR A 272 17.10 2.58 2.67
N GLY A 273 18.42 2.74 2.46
CA GLY A 273 19.23 3.57 3.34
C GLY A 273 20.66 3.10 3.44
N ASN A 274 21.66 3.95 3.21
CA ASN A 274 23.00 3.43 3.27
C ASN A 274 23.99 4.38 3.95
N ASN A 275 24.01 4.33 5.28
CA ASN A 275 24.91 5.19 6.10
C ASN A 275 24.73 6.70 5.79
N TYR A 276 23.51 7.15 5.50
CA TYR A 276 23.33 8.56 5.18
C TYR A 276 23.87 9.48 6.32
N ARG A 277 23.72 9.07 7.58
CA ARG A 277 24.24 9.93 8.65
C ARG A 277 25.77 10.12 8.54
N SER A 278 26.49 9.02 8.31
CA SER A 278 27.95 9.11 8.23
C SER A 278 28.40 9.79 6.94
N ILE A 279 27.62 9.69 5.88
CA ILE A 279 28.02 10.27 4.61
C ILE A 279 27.49 11.68 4.34
N ARG A 280 26.21 11.93 4.64
CA ARG A 280 25.58 13.25 4.43
C ARG A 280 25.75 14.16 5.66
N LYS A 281 25.71 13.55 6.86
CA LYS A 281 25.94 14.26 8.12
C LYS A 281 24.96 15.34 8.48
N ASP A 282 23.81 15.37 7.83
CA ASP A 282 22.84 16.41 8.13
C ASP A 282 21.82 15.98 9.19
N LYS A 283 21.67 14.67 9.39
CA LYS A 283 20.70 14.16 10.34
C LYS A 283 21.28 12.95 11.05
N PRO A 284 20.80 12.63 12.25
CA PRO A 284 21.35 11.46 12.94
C PRO A 284 20.87 10.10 12.40
N GLY A 285 21.65 9.07 12.70
CA GLY A 285 21.29 7.72 12.31
C GLY A 285 19.91 7.39 12.86
N TYR A 286 19.61 7.91 14.05
CA TYR A 286 18.27 7.68 14.63
C TYR A 286 17.16 8.10 13.61
N GLN A 287 17.30 9.31 13.08
CA GLN A 287 16.34 9.88 12.13
C GLN A 287 16.34 9.10 10.82
N TYR A 288 17.51 8.67 10.38
CA TYR A 288 17.57 7.92 9.13
C TYR A 288 17.04 6.48 9.29
N GLN A 289 17.18 5.89 10.48
CA GLN A 289 16.66 4.55 10.71
C GLN A 289 15.14 4.52 10.67
N LEU A 290 14.47 5.46 11.35
CA LEU A 290 13.01 5.42 11.31
C LEU A 290 12.52 5.64 9.85
N GLU A 291 13.30 6.38 9.08
CA GLU A 291 12.95 6.61 7.68
C GLU A 291 13.09 5.31 6.85
N ALA A 292 14.15 4.53 7.13
CA ALA A 292 14.40 3.28 6.43
C ALA A 292 13.22 2.31 6.58
N VAL A 293 12.60 2.32 7.75
CA VAL A 293 11.44 1.44 7.97
C VAL A 293 10.32 1.75 6.92
N PHE A 294 10.02 3.04 6.74
CA PHE A 294 9.00 3.44 5.77
C PHE A 294 9.48 3.20 4.32
N ASN A 295 10.76 3.42 4.06
CA ASN A 295 11.29 3.16 2.71
C ASN A 295 11.08 1.64 2.42
N ALA A 296 11.46 0.79 3.38
CA ALA A 296 11.33 -0.65 3.19
C ALA A 296 9.84 -1.04 2.95
N LYS A 297 8.96 -0.43 3.72
CA LYS A 297 7.53 -0.69 3.59
C LYS A 297 7.10 -0.36 2.16
N ARG A 298 7.61 0.73 1.60
CA ARG A 298 7.26 1.05 0.20
C ARG A 298 7.91 0.06 -0.76
N ASN A 299 8.97 -0.63 -0.33
CA ASN A 299 9.69 -1.64 -1.12
C ASN A 299 9.11 -3.06 -0.93
N GLY A 300 7.91 -3.16 -0.41
CA GLY A 300 7.34 -4.48 -0.23
C GLY A 300 7.75 -5.25 1.02
N TRP A 301 8.33 -4.58 2.02
CA TRP A 301 8.69 -5.28 3.25
C TRP A 301 7.37 -5.73 3.93
N SER A 302 7.12 -7.03 3.92
CA SER A 302 5.89 -7.59 4.50
C SER A 302 6.09 -9.09 4.61
N LYS A 303 5.23 -9.77 5.38
CA LYS A 303 5.36 -11.22 5.52
C LYS A 303 5.29 -11.92 4.17
N GLU A 304 4.54 -11.35 3.23
CA GLU A 304 4.44 -12.00 1.92
C GLU A 304 5.76 -12.08 1.14
N LYS A 305 6.70 -11.17 1.40
CA LYS A 305 7.91 -11.12 0.58
C LYS A 305 9.26 -11.24 1.27
N ILE A 306 9.27 -10.89 2.56
CA ILE A 306 10.48 -10.85 3.35
C ILE A 306 10.43 -11.61 4.67
N GLY A 307 11.51 -12.34 4.95
CA GLY A 307 11.65 -13.05 6.21
C GLY A 307 11.25 -14.50 6.27
N SER A 308 10.65 -14.89 7.39
CA SER A 308 10.28 -16.26 7.63
C SER A 308 11.45 -17.20 7.34
N HIS A 309 12.66 -16.83 7.80
CA HIS A 309 13.80 -17.70 7.61
C HIS A 309 13.98 -18.60 8.84
N ILE A 310 14.76 -19.68 8.67
CA ILE A 310 15.03 -20.58 9.77
C ILE A 310 16.52 -20.77 9.91
N ILE A 311 17.05 -20.44 11.08
CA ILE A 311 18.47 -20.59 11.36
C ILE A 311 18.55 -21.62 12.50
N ARG A 312 18.93 -22.86 12.20
CA ARG A 312 18.96 -23.88 13.25
C ARG A 312 20.13 -24.84 13.22
N ASN A 313 20.49 -25.33 14.40
CA ASN A 313 21.58 -26.30 14.55
C ASN A 313 22.93 -25.87 13.97
N ASN A 314 23.24 -24.59 14.10
CA ASN A 314 24.54 -24.10 13.63
C ASN A 314 25.47 -23.81 14.85
N THR A 315 26.77 -23.74 14.59
CA THR A 315 27.75 -23.37 15.61
C THR A 315 28.39 -22.19 14.94
N ILE A 316 28.44 -21.04 15.64
CA ILE A 316 28.92 -19.82 15.02
C ILE A 316 29.79 -19.15 16.04
N TYR A 317 31.04 -18.89 15.69
CA TYR A 317 31.93 -18.29 16.67
C TYR A 317 33.05 -17.46 16.03
N ASP A 318 33.76 -16.71 16.87
CA ASP A 318 34.87 -15.91 16.42
C ASP A 318 34.53 -14.92 15.31
N CYS A 319 33.57 -14.03 15.56
CA CYS A 319 33.20 -13.00 14.59
C CYS A 319 33.33 -11.68 15.32
N GLY A 320 33.64 -10.61 14.58
CA GLY A 320 33.82 -9.31 15.22
C GLY A 320 32.60 -8.49 15.61
N GLN A 321 31.48 -8.71 14.93
CA GLN A 321 30.28 -7.94 15.23
C GLN A 321 29.13 -8.79 15.77
N ASN A 322 28.73 -9.81 15.01
CA ASN A 322 27.63 -10.68 15.45
C ASN A 322 27.76 -12.06 14.80
N ALA A 323 27.11 -13.03 15.41
CA ALA A 323 27.00 -14.36 14.86
C ALA A 323 25.79 -14.24 13.89
N ILE A 324 24.75 -13.52 14.33
CA ILE A 324 23.53 -13.28 13.53
C ILE A 324 23.14 -11.78 13.65
N VAL A 325 22.89 -11.12 12.52
CA VAL A 325 22.53 -9.70 12.52
C VAL A 325 21.37 -9.45 11.54
N GLY A 326 20.72 -8.31 11.70
CA GLY A 326 19.70 -7.90 10.75
C GLY A 326 18.59 -6.97 11.18
N HIS A 327 18.33 -5.99 10.33
CA HIS A 327 17.27 -5.04 10.54
C HIS A 327 16.25 -5.35 9.43
N LEU A 328 15.00 -5.48 9.84
CA LEU A 328 13.90 -5.74 8.89
C LEU A 328 13.88 -7.08 8.14
N GLY A 329 15.01 -7.55 7.60
CA GLY A 329 15.03 -8.78 6.80
C GLY A 329 14.73 -10.08 7.56
N GLY A 330 14.65 -9.97 8.89
CA GLY A 330 14.42 -11.16 9.68
C GLY A 330 13.03 -11.36 10.26
N VAL A 331 12.08 -10.51 9.89
CA VAL A 331 10.72 -10.68 10.42
C VAL A 331 10.18 -12.10 10.21
N PHE A 332 9.47 -12.58 11.23
CA PHE A 332 8.81 -13.88 11.26
C PHE A 332 9.76 -15.08 11.24
N SER A 333 11.06 -14.85 11.45
CA SER A 333 12.04 -15.94 11.42
C SER A 333 12.12 -16.73 12.74
N GLU A 334 12.81 -17.89 12.67
CA GLU A 334 12.99 -18.74 13.83
C GLU A 334 14.47 -19.07 13.99
N ILE A 335 15.01 -18.86 15.18
CA ILE A 335 16.43 -19.09 15.43
C ILE A 335 16.48 -20.07 16.65
N TYR A 336 16.95 -21.29 16.40
CA TYR A 336 16.96 -22.28 17.49
C TYR A 336 18.04 -23.34 17.41
N ASN A 337 18.38 -23.89 18.57
CA ASN A 337 19.40 -24.96 18.66
C ASN A 337 20.76 -24.52 18.11
N ASN A 338 21.06 -23.22 18.20
CA ASN A 338 22.36 -22.73 17.76
C ASN A 338 23.33 -22.58 18.95
N HIS A 339 24.61 -22.80 18.68
CA HIS A 339 25.63 -22.64 19.71
C HIS A 339 26.43 -21.44 19.25
N ILE A 340 26.36 -20.33 19.98
CA ILE A 340 27.05 -19.09 19.60
C ILE A 340 28.01 -18.68 20.69
N TYR A 341 29.26 -18.41 20.32
CA TYR A 341 30.23 -18.01 21.34
C TYR A 341 31.43 -17.28 20.73
N ASN A 342 32.21 -16.61 21.60
CA ASN A 342 33.39 -15.86 21.17
C ASN A 342 33.07 -14.80 20.15
N ILE A 343 32.06 -14.00 20.44
CA ILE A 343 31.68 -12.95 19.55
C ILE A 343 32.19 -11.61 20.03
N ALA A 344 33.02 -11.00 19.20
CA ALA A 344 33.56 -9.66 19.46
C ALA A 344 34.51 -9.58 20.65
N LEU A 345 35.16 -10.70 20.99
CA LEU A 345 36.08 -10.70 22.12
C LEU A 345 37.41 -10.01 21.85
N LYS A 346 37.88 -9.97 20.60
CA LYS A 346 39.16 -9.31 20.33
C LYS A 346 39.09 -7.80 20.53
N ARG A 347 37.89 -7.24 20.33
CA ARG A 347 37.67 -5.83 20.52
C ARG A 347 38.61 -4.96 19.71
N GLU A 348 38.84 -5.34 18.45
CA GLU A 348 39.69 -4.51 17.59
C GLU A 348 38.93 -3.24 17.23
N PHE A 349 37.60 -3.31 17.23
CA PHE A 349 36.78 -2.11 16.93
C PHE A 349 35.53 -2.24 17.78
N TYR A 350 34.87 -1.12 18.04
CA TYR A 350 33.67 -1.13 18.87
C TYR A 350 32.64 -0.14 18.35
N GLY A 351 31.36 -0.47 18.57
CA GLY A 351 30.27 0.39 18.14
C GLY A 351 28.99 -0.21 18.68
N HIS A 352 27.89 0.52 18.49
CA HIS A 352 26.60 0.05 19.01
C HIS A 352 25.84 -0.95 18.12
N GLU A 353 26.54 -1.95 17.59
CA GLU A 353 25.89 -2.98 16.78
C GLU A 353 26.43 -4.37 17.12
N ILE A 354 27.19 -4.46 18.20
CA ILE A 354 27.82 -5.72 18.58
C ILE A 354 27.03 -6.56 19.57
N ALA A 355 26.89 -7.87 19.28
CA ALA A 355 26.19 -8.84 20.13
C ALA A 355 26.16 -10.22 19.43
N GLY A 356 26.05 -11.31 20.22
CA GLY A 356 25.97 -12.65 19.63
C GLY A 356 24.91 -12.63 18.54
N ILE A 357 23.71 -12.16 18.92
CA ILE A 357 22.59 -11.99 18.00
C ILE A 357 22.08 -10.52 18.17
N LYS A 358 21.99 -9.76 17.10
CA LYS A 358 21.40 -8.44 17.23
C LYS A 358 20.38 -8.33 16.12
N LEU A 359 19.12 -8.06 16.49
CA LEU A 359 18.06 -7.93 15.49
C LEU A 359 17.24 -6.66 15.69
N HIS A 360 17.02 -5.90 14.62
CA HIS A 360 16.16 -4.70 14.68
C HIS A 360 14.86 -5.10 14.00
N ALA A 361 13.73 -4.74 14.57
CA ALA A 361 12.41 -5.08 14.03
C ALA A 361 12.25 -6.61 13.88
N ALA A 362 12.47 -7.32 14.98
CA ALA A 362 12.36 -8.77 15.05
C ALA A 362 10.87 -9.15 15.28
N ILE A 363 9.99 -8.69 14.39
CA ILE A 363 8.56 -8.95 14.53
C ILE A 363 8.27 -10.45 14.51
N ASP A 364 7.57 -10.91 15.55
CA ASP A 364 7.20 -12.33 15.74
C ASP A 364 8.36 -13.33 15.61
N VAL A 365 9.58 -12.83 15.77
CA VAL A 365 10.74 -13.73 15.70
C VAL A 365 10.80 -14.67 16.94
N GLN A 366 11.03 -15.96 16.70
CA GLN A 366 11.14 -16.94 17.79
C GLN A 366 12.63 -17.32 17.98
N ILE A 367 13.20 -17.01 19.15
CA ILE A 367 14.61 -17.29 19.44
C ILE A 367 14.60 -18.27 20.64
N HIS A 368 14.84 -19.55 20.38
CA HIS A 368 14.75 -20.53 21.46
C HIS A 368 15.77 -21.67 21.43
N HIS A 369 16.06 -22.24 22.60
CA HIS A 369 16.99 -23.36 22.71
C HIS A 369 18.37 -23.08 22.12
N ASN A 370 18.89 -21.86 22.33
CA ASN A 370 20.22 -21.54 21.85
C ASN A 370 21.17 -21.47 23.08
N ARG A 371 22.45 -21.72 22.84
CA ARG A 371 23.49 -21.69 23.86
C ARG A 371 24.34 -20.48 23.46
N ILE A 372 24.35 -19.44 24.27
CA ILE A 372 25.09 -18.22 23.93
C ILE A 372 26.00 -17.82 25.07
N HIS A 373 27.30 -17.89 24.83
CA HIS A 373 28.24 -17.60 25.88
C HIS A 373 29.53 -16.98 25.35
N ASP A 374 30.30 -16.35 26.24
CA ASP A 374 31.56 -15.72 25.86
C ASP A 374 31.41 -14.65 24.76
N CYS A 375 30.43 -13.78 24.96
CA CYS A 375 30.16 -12.67 24.08
C CYS A 375 30.20 -11.43 24.98
N SER A 376 30.44 -10.25 24.38
CA SER A 376 30.42 -9.04 25.17
C SER A 376 28.94 -8.77 25.44
N LEU A 377 28.05 -9.25 24.57
CA LEU A 377 26.60 -9.11 24.75
C LEU A 377 25.93 -10.26 24.04
N GLY A 378 25.11 -11.03 24.76
CA GLY A 378 24.50 -12.18 24.13
C GLY A 378 23.45 -11.92 23.07
N LEU A 379 22.43 -11.16 23.42
CA LEU A 379 21.32 -10.89 22.51
C LEU A 379 20.87 -9.42 22.63
N TRP A 380 20.76 -8.77 21.48
CA TRP A 380 20.32 -7.38 21.44
C TRP A 380 19.11 -7.26 20.49
N LEU A 381 17.94 -6.91 21.04
CA LEU A 381 16.70 -6.70 20.28
C LEU A 381 16.60 -5.18 20.38
N ASP A 382 16.67 -4.52 19.22
CA ASP A 382 16.76 -3.07 19.14
C ASP A 382 15.71 -2.52 18.18
N TRP A 383 14.63 -1.96 18.75
CA TRP A 383 13.50 -1.40 17.99
C TRP A 383 12.56 -2.51 17.53
N GLU A 384 11.27 -2.21 17.60
CA GLU A 384 10.25 -3.09 17.06
C GLU A 384 10.32 -4.58 17.37
N ALA A 385 10.64 -4.89 18.63
CA ALA A 385 10.62 -6.27 19.11
C ALA A 385 9.15 -6.47 19.49
N GLN A 386 8.30 -6.73 18.51
CA GLN A 386 6.87 -6.91 18.76
C GLN A 386 6.49 -8.35 18.40
N GLY A 387 6.00 -9.08 19.39
CA GLY A 387 5.67 -10.47 19.16
C GLY A 387 6.95 -11.29 19.32
N THR A 388 8.10 -10.65 19.53
CA THR A 388 9.34 -11.43 19.69
C THR A 388 9.28 -12.36 20.93
N ARG A 389 9.84 -13.57 20.82
CA ARG A 389 9.84 -14.49 21.96
C ARG A 389 11.20 -15.08 22.17
N VAL A 390 11.81 -14.81 23.33
CA VAL A 390 13.13 -15.36 23.68
C VAL A 390 12.81 -16.44 24.72
N SER A 391 12.90 -17.69 24.29
CA SER A 391 12.46 -18.78 25.15
C SER A 391 13.44 -19.97 25.31
N LYS A 392 13.60 -20.46 26.54
CA LYS A 392 14.45 -21.65 26.74
C LYS A 392 15.91 -21.53 26.26
N ASN A 393 16.51 -20.36 26.38
CA ASN A 393 17.89 -20.18 25.96
C ASN A 393 18.85 -20.28 27.17
N LEU A 394 20.11 -20.61 26.88
CA LEU A 394 21.15 -20.74 27.89
C LEU A 394 22.22 -19.65 27.67
N PHE A 395 22.28 -18.66 28.57
CA PHE A 395 23.25 -17.55 28.51
C PHE A 395 24.16 -17.63 29.73
N TYR A 396 25.48 -17.58 29.50
CA TYR A 396 26.45 -17.65 30.57
C TYR A 396 27.78 -17.11 30.08
N ASN A 397 28.64 -16.70 31.02
CA ASN A 397 29.93 -16.11 30.69
C ASN A 397 29.90 -14.99 29.63
N ASN A 398 28.90 -14.11 29.72
CA ASN A 398 28.83 -12.98 28.82
C ASN A 398 29.01 -11.75 29.70
N ASN A 399 29.58 -10.68 29.15
CA ASN A 399 29.68 -9.47 29.93
C ASN A 399 28.26 -8.99 30.23
N ARG A 400 27.35 -9.21 29.30
CA ARG A 400 25.94 -8.86 29.49
C ARG A 400 25.12 -9.94 28.73
N ASP A 401 23.99 -10.39 29.27
CA ASP A 401 23.24 -11.40 28.53
C ASP A 401 22.25 -10.87 27.47
N VAL A 402 21.26 -10.10 27.92
CA VAL A 402 20.21 -9.58 27.04
C VAL A 402 19.94 -8.09 27.13
N PHE A 403 19.65 -7.49 25.98
CA PHE A 403 19.37 -6.05 25.87
C PHE A 403 18.12 -5.87 24.98
N VAL A 404 17.02 -5.35 25.53
CA VAL A 404 15.82 -5.07 24.71
C VAL A 404 15.71 -3.55 24.74
N GLU A 405 15.93 -2.92 23.59
CA GLU A 405 15.96 -1.46 23.52
C GLU A 405 14.86 -0.81 22.63
N VAL A 406 14.41 0.34 23.08
CA VAL A 406 13.36 1.15 22.45
C VAL A 406 12.25 0.35 21.76
N SER A 407 11.75 -0.67 22.44
CA SER A 407 10.65 -1.49 21.92
C SER A 407 9.45 -1.33 22.86
N HIS A 408 8.27 -1.66 22.35
CA HIS A 408 7.02 -1.50 23.09
C HIS A 408 6.26 -2.79 23.31
N GLY A 409 6.86 -3.90 22.87
CA GLY A 409 6.23 -5.20 23.01
C GLY A 409 4.96 -5.34 22.19
N PRO A 410 4.12 -6.36 22.47
CA PRO A 410 4.38 -7.34 23.55
C PRO A 410 5.54 -8.26 23.23
N TYR A 411 6.57 -8.26 24.05
CA TYR A 411 7.67 -9.18 23.80
C TYR A 411 7.79 -10.10 25.01
N LEU A 412 8.16 -11.34 24.74
CA LEU A 412 8.23 -12.37 25.77
C LEU A 412 9.63 -12.97 25.99
N VAL A 413 10.01 -13.09 27.25
CA VAL A 413 11.30 -13.69 27.65
C VAL A 413 10.92 -14.76 28.70
N ASP A 414 10.87 -16.04 28.28
CA ASP A 414 10.43 -17.10 29.18
C ASP A 414 11.33 -18.35 29.27
N HIS A 415 11.37 -18.92 30.47
CA HIS A 415 12.11 -20.15 30.74
C HIS A 415 13.58 -20.11 30.32
N ASN A 416 14.21 -18.94 30.39
CA ASN A 416 15.62 -18.86 30.01
C ASN A 416 16.49 -18.93 31.22
N ILE A 417 17.78 -19.15 30.99
CA ILE A 417 18.76 -19.13 32.03
C ILE A 417 19.66 -17.94 31.69
N LEU A 418 19.51 -16.82 32.43
CA LEU A 418 20.35 -15.64 32.22
C LEU A 418 21.28 -15.62 33.41
N SER A 419 22.42 -16.29 33.25
CA SER A 419 23.36 -16.45 34.35
C SER A 419 24.51 -15.49 34.53
N SER A 420 24.69 -14.53 33.62
CA SER A 420 25.79 -13.59 33.78
C SER A 420 25.48 -12.51 34.85
N GLU A 421 26.53 -11.86 35.36
CA GLU A 421 26.38 -10.82 36.41
C GLU A 421 25.59 -9.61 35.99
N TYR A 422 25.61 -9.31 34.70
CA TYR A 422 24.84 -8.19 34.17
C TYR A 422 23.91 -8.95 33.23
N ALA A 423 22.71 -9.25 33.72
CA ALA A 423 21.76 -10.05 32.98
C ALA A 423 20.90 -9.37 31.95
N ILE A 424 20.33 -8.21 32.33
CA ILE A 424 19.40 -7.51 31.44
C ILE A 424 19.58 -6.00 31.32
N ASP A 425 19.55 -5.49 30.08
CA ASP A 425 19.54 -4.05 29.83
C ASP A 425 18.11 -3.91 29.30
N ASN A 426 17.28 -3.15 30.01
CA ASN A 426 15.86 -2.99 29.65
C ASN A 426 15.59 -1.53 29.40
N MET A 427 15.51 -1.14 28.12
CA MET A 427 15.22 0.25 27.78
C MET A 427 13.98 0.21 26.90
N SER A 428 12.98 -0.55 27.36
CA SER A 428 11.74 -0.77 26.62
C SER A 428 10.56 -0.84 27.58
N GLN A 429 9.42 -1.19 27.01
CA GLN A 429 8.21 -1.35 27.79
C GLN A 429 7.43 -2.45 27.07
N GLY A 430 6.46 -3.04 27.78
CA GLY A 430 5.66 -4.08 27.17
C GLY A 430 6.25 -5.48 27.19
N GLY A 431 7.15 -5.73 28.14
CA GLY A 431 7.76 -7.05 28.18
C GLY A 431 7.14 -7.98 29.20
N ALA A 432 7.29 -9.28 29.00
CA ALA A 432 6.81 -10.28 29.96
C ALA A 432 8.02 -11.19 30.24
N TYR A 433 8.41 -11.27 31.51
CA TYR A 433 9.55 -12.11 31.92
C TYR A 433 8.92 -13.21 32.76
N ILE A 434 8.84 -14.41 32.16
CA ILE A 434 8.15 -15.55 32.76
C ILE A 434 9.00 -16.81 33.00
N ASN A 435 9.03 -17.27 34.25
CA ASN A 435 9.77 -18.50 34.57
C ASN A 435 11.25 -18.54 34.20
N ASN A 436 11.97 -17.41 34.38
CA ASN A 436 13.42 -17.40 34.08
C ASN A 436 14.24 -17.58 35.36
N LEU A 437 15.52 -17.88 35.17
CA LEU A 437 16.48 -17.95 36.26
C LEU A 437 17.32 -16.71 35.88
N ILE A 438 17.38 -15.71 36.75
CA ILE A 438 18.10 -14.47 36.47
C ILE A 438 19.08 -14.24 37.62
N ALA A 439 20.37 -14.35 37.31
CA ALA A 439 21.43 -14.24 38.30
C ALA A 439 22.33 -13.04 38.12
N GLY A 440 21.81 -11.97 37.53
CA GLY A 440 22.60 -10.79 37.30
C GLY A 440 21.69 -9.58 37.40
N LYS A 441 22.30 -8.41 37.34
CA LYS A 441 21.51 -7.21 37.47
C LYS A 441 20.73 -6.83 36.23
N MET A 442 19.76 -5.94 36.44
CA MET A 442 18.98 -5.39 35.37
C MET A 442 19.11 -3.88 35.44
N ASN A 443 19.44 -3.28 34.32
CA ASN A 443 19.53 -1.82 34.21
C ASN A 443 18.25 -1.44 33.45
N GLN A 444 17.33 -0.75 34.09
CA GLN A 444 16.07 -0.37 33.44
C GLN A 444 15.97 1.13 33.32
N ARG A 445 15.82 1.63 32.09
CA ARG A 445 15.75 3.08 31.82
C ARG A 445 14.73 3.50 30.76
N LYS A 446 14.14 4.68 30.96
CA LYS A 446 13.19 5.27 30.03
C LYS A 446 13.99 5.79 28.82
N VAL A 447 13.31 6.09 27.74
CA VAL A 447 13.96 6.69 26.56
C VAL A 447 12.93 7.73 26.09
N LEU A 448 13.13 8.96 26.52
CA LEU A 448 12.15 9.98 26.20
C LEU A 448 12.51 10.87 25.00
N ASN A 449 13.71 10.72 24.43
CA ASN A 449 14.08 11.57 23.31
C ASN A 449 14.16 10.80 21.97
N ARG A 450 13.68 9.55 21.93
CA ARG A 450 13.65 8.77 20.68
C ARG A 450 12.35 8.03 20.66
N SER A 451 11.56 8.29 19.62
CA SER A 451 10.28 7.63 19.46
C SER A 451 10.48 6.58 18.38
N THR A 452 9.90 5.38 18.57
CA THR A 452 10.07 4.29 17.59
C THR A 452 8.76 3.59 17.25
N GLN A 453 8.68 3.04 16.04
CA GLN A 453 7.46 2.39 15.56
C GLN A 453 6.91 1.18 16.31
N TYR A 454 5.60 1.06 16.27
CA TYR A 454 4.92 -0.16 16.71
C TYR A 454 4.02 -0.52 15.52
N HIS A 455 3.52 -1.75 15.51
CA HIS A 455 2.81 -2.28 14.36
C HIS A 455 1.48 -2.90 14.68
N LEU A 456 0.78 -3.26 13.62
CA LEU A 456 -0.44 -4.04 13.77
C LEU A 456 0.11 -5.43 14.15
N PRO A 457 -0.62 -6.20 14.96
CA PRO A 457 -0.15 -7.53 15.36
C PRO A 457 0.17 -8.42 14.15
N HIS A 458 1.23 -9.21 14.27
CA HIS A 458 1.61 -10.18 13.25
C HIS A 458 1.76 -9.61 11.85
N SER A 459 2.29 -8.39 11.76
CA SER A 459 2.40 -7.68 10.49
C SER A 459 3.50 -6.62 10.52
N THR A 460 3.94 -6.18 9.33
CA THR A 460 4.92 -5.11 9.25
C THR A 460 4.21 -3.74 9.16
N GLU A 461 2.90 -3.77 8.92
CA GLU A 461 2.11 -2.52 8.85
C GLU A 461 2.39 -1.70 10.10
N VAL A 462 2.64 -0.40 9.91
CA VAL A 462 2.92 0.52 11.02
C VAL A 462 1.62 1.02 11.63
N ALA A 463 1.53 0.91 12.95
CA ALA A 463 0.32 1.36 13.64
C ALA A 463 0.56 2.74 14.29
N GLY A 464 1.82 3.00 14.64
CA GLY A 464 2.18 4.26 15.28
C GLY A 464 3.65 4.25 15.70
N PHE A 465 4.01 5.15 16.61
CA PHE A 465 5.36 5.21 17.13
C PHE A 465 5.29 5.81 18.54
N ALA A 466 6.24 5.48 19.40
CA ALA A 466 6.20 6.02 20.77
C ALA A 466 7.55 6.07 21.47
N PHE A 467 7.60 6.89 22.52
CA PHE A 467 8.75 6.98 23.41
C PHE A 467 8.61 5.81 24.38
N VAL A 468 9.67 5.53 25.12
CA VAL A 468 9.62 4.50 26.15
C VAL A 468 9.45 5.22 27.48
N TYR A 469 8.27 5.09 28.06
CA TYR A 469 7.97 5.73 29.33
C TYR A 469 8.44 4.86 30.49
N GLY A 470 8.80 3.61 30.20
CA GLY A 470 9.29 2.73 31.24
C GLY A 470 8.17 2.02 31.95
N GLY A 471 8.42 0.78 32.37
CA GLY A 471 7.40 -0.01 33.02
C GLY A 471 6.51 -0.77 32.02
N ASP A 472 5.28 -1.05 32.40
CA ASP A 472 4.38 -1.84 31.58
C ASP A 472 5.11 -3.18 31.29
N ASP A 473 5.69 -3.76 32.35
CA ASP A 473 6.39 -5.02 32.27
C ASP A 473 5.72 -6.06 33.21
N ARG A 474 5.82 -7.33 32.83
CA ARG A 474 5.30 -8.45 33.64
C ARG A 474 6.48 -9.29 34.11
N PHE A 475 6.42 -9.76 35.35
CA PHE A 475 7.46 -10.63 35.91
C PHE A 475 6.76 -11.64 36.76
N TYR A 476 6.74 -12.90 36.31
CA TYR A 476 6.08 -13.97 37.03
C TYR A 476 6.97 -15.21 37.09
N ASN A 477 6.96 -15.90 38.23
CA ASN A 477 7.69 -17.16 38.37
C ASN A 477 9.20 -17.13 38.13
N ASN A 478 9.86 -16.00 38.32
CA ASN A 478 11.30 -16.00 38.09
C ASN A 478 12.04 -16.22 39.40
N ILE A 479 13.25 -16.76 39.28
CA ILE A 479 14.11 -16.96 40.43
C ILE A 479 15.23 -15.95 40.19
N PHE A 480 15.37 -14.95 41.07
CA PHE A 480 16.41 -13.92 40.98
C PHE A 480 17.54 -14.21 41.99
N ILE A 481 18.78 -14.15 41.53
CA ILE A 481 19.88 -14.42 42.43
C ILE A 481 20.88 -13.29 42.41
N GLY A 482 21.01 -12.61 43.54
CA GLY A 482 21.94 -11.50 43.65
C GLY A 482 23.34 -12.03 43.91
N LYS A 483 24.23 -11.13 44.31
CA LYS A 483 25.61 -11.48 44.57
C LYS A 483 26.20 -10.33 45.37
N GLU A 484 27.15 -10.68 46.23
CA GLU A 484 27.82 -9.72 47.09
C GLU A 484 28.35 -8.57 46.25
N GLY A 485 27.94 -7.36 46.60
CA GLY A 485 28.38 -6.19 45.86
C GLY A 485 27.97 -6.20 44.40
N LEU A 486 26.67 -6.37 44.18
CA LEU A 486 26.08 -6.38 42.85
C LEU A 486 24.71 -5.79 43.07
N GLU A 487 24.50 -4.62 42.50
CA GLU A 487 23.27 -3.87 42.66
C GLU A 487 22.24 -4.16 41.61
N ASN A 488 21.01 -3.80 41.94
CA ASN A 488 19.88 -3.88 41.04
C ASN A 488 19.47 -5.21 40.43
N VAL A 489 19.61 -6.26 41.23
CA VAL A 489 19.15 -7.58 40.84
C VAL A 489 17.73 -7.72 41.38
N GLY A 490 16.76 -8.06 40.52
CA GLY A 490 15.40 -8.21 41.00
C GLY A 490 14.40 -7.33 40.30
N THR A 491 13.37 -6.89 41.01
CA THR A 491 12.30 -6.05 40.44
C THR A 491 12.00 -4.79 41.27
N SER A 492 12.91 -4.40 42.16
CA SER A 492 12.69 -3.22 42.99
C SER A 492 12.76 -1.96 42.11
N HIS A 493 13.28 -2.14 40.89
CA HIS A 493 13.38 -1.06 39.89
C HIS A 493 12.03 -0.37 39.67
N TYR A 494 10.94 -1.14 39.78
CA TYR A 494 9.58 -0.67 39.53
C TYR A 494 8.78 -0.13 40.73
N ASN A 495 9.44 0.07 41.85
CA ASN A 495 8.75 0.54 43.05
C ASN A 495 7.70 1.66 42.97
N ASN A 496 7.89 2.65 42.12
CA ASN A 496 6.80 3.65 42.08
C ASN A 496 5.76 3.45 40.97
N CYS A 497 5.77 2.26 40.34
CA CYS A 497 4.82 1.99 39.27
C CYS A 497 3.43 1.64 39.79
N THR A 498 2.40 1.84 38.96
CA THR A 498 1.04 1.47 39.33
C THR A 498 1.03 -0.06 39.20
N THR A 499 -0.02 -0.72 39.68
CA THR A 499 -0.06 -2.18 39.65
C THR A 499 -1.14 -2.77 38.75
N SER A 500 -1.86 -1.93 38.02
CA SER A 500 -2.84 -2.42 37.11
C SER A 500 -3.17 -1.30 36.15
N LEU A 501 -3.63 -1.66 34.97
CA LEU A 501 -4.00 -0.66 34.00
C LEU A 501 -5.18 0.15 34.54
N GLU A 502 -6.02 -0.48 35.37
CA GLU A 502 -7.17 0.25 35.93
C GLU A 502 -6.70 1.33 36.89
N GLU A 503 -5.67 1.03 37.67
CA GLU A 503 -5.16 2.04 38.58
C GLU A 503 -4.47 3.16 37.77
N TYR A 504 -3.69 2.77 36.75
CA TYR A 504 -3.02 3.78 35.91
C TYR A 504 -4.09 4.73 35.33
N ILE A 505 -5.10 4.16 34.71
CA ILE A 505 -6.16 4.97 34.11
C ILE A 505 -6.86 5.89 35.13
N GLU A 506 -7.09 5.38 36.34
CA GLU A 506 -7.74 6.18 37.35
C GLU A 506 -6.88 7.35 37.81
N LYS A 507 -5.60 7.15 37.97
CA LYS A 507 -4.73 8.24 38.41
C LYS A 507 -4.54 9.31 37.33
N VAL A 508 -4.37 8.88 36.09
CA VAL A 508 -4.21 9.85 35.00
C VAL A 508 -5.46 10.70 34.88
N ASN A 509 -6.61 10.06 35.02
CA ASN A 509 -7.82 10.79 34.83
C ASN A 509 -8.38 11.53 36.07
N GLU A 510 -7.54 11.73 37.09
CA GLU A 510 -7.96 12.46 38.28
C GLU A 510 -8.24 13.90 37.90
N VAL A 511 -7.39 14.49 37.06
CA VAL A 511 -7.63 15.86 36.60
C VAL A 511 -7.59 15.90 35.06
N PRO A 512 -8.46 16.71 34.45
CA PRO A 512 -8.60 16.87 32.98
C PRO A 512 -7.27 17.21 32.29
N GLY A 513 -7.16 16.86 31.02
CA GLY A 513 -5.95 17.13 30.28
C GLY A 513 -5.66 16.04 29.27
N ASP A 514 -4.47 16.09 28.67
CA ASP A 514 -4.06 15.11 27.68
C ASP A 514 -2.68 14.57 28.02
N LEU A 515 -1.77 14.66 27.05
CA LEU A 515 -0.42 14.12 27.22
C LEU A 515 0.26 14.36 28.56
N GLY A 516 0.28 15.61 29.02
CA GLY A 516 0.93 15.89 30.30
C GLY A 516 0.33 15.12 31.48
N GLU A 517 -0.97 14.86 31.46
CA GLU A 517 -1.58 14.12 32.56
C GLU A 517 -1.11 12.69 32.50
N PHE A 518 -0.95 12.17 31.29
CA PHE A 518 -0.51 10.77 31.18
C PHE A 518 0.94 10.66 31.58
N GLU A 519 1.76 11.62 31.15
CA GLU A 519 3.18 11.54 31.48
C GLU A 519 3.42 11.62 32.99
N ARG A 520 2.49 12.18 33.74
CA ARG A 520 2.71 12.30 35.18
C ARG A 520 2.52 11.01 35.98
N VAL A 521 1.95 9.99 35.37
CA VAL A 521 1.70 8.75 36.09
C VAL A 521 2.58 7.61 35.56
N GLU A 522 3.17 6.84 36.47
CA GLU A 522 4.03 5.70 36.09
C GLU A 522 3.18 4.54 35.49
N GLN A 523 3.65 3.95 34.39
CA GLN A 523 2.91 2.81 33.80
C GLN A 523 2.82 1.64 34.80
N PRO A 524 1.85 0.74 34.62
CA PRO A 524 1.73 -0.38 35.54
C PRO A 524 2.73 -1.50 35.33
N VAL A 525 2.94 -2.33 36.35
CA VAL A 525 3.78 -3.51 36.25
C VAL A 525 2.95 -4.65 36.84
N TYR A 526 3.19 -5.88 36.39
CA TYR A 526 2.42 -7.04 36.83
C TYR A 526 3.45 -8.04 37.31
N ILE A 527 3.72 -8.03 38.61
CA ILE A 527 4.78 -8.84 39.22
C ILE A 527 4.28 -9.72 40.37
N ASN A 528 4.53 -11.03 40.28
CA ASN A 528 4.11 -11.95 41.34
C ASN A 528 4.79 -13.31 41.24
N LYS A 529 4.83 -14.03 42.35
CA LYS A 529 5.42 -15.36 42.40
C LYS A 529 6.89 -15.44 42.00
N ASN A 530 7.69 -14.46 42.41
CA ASN A 530 9.12 -14.53 42.11
C ASN A 530 9.88 -14.83 43.41
N ALA A 531 11.09 -15.36 43.30
CA ALA A 531 11.91 -15.66 44.48
C ALA A 531 13.15 -14.77 44.36
N TYR A 532 13.68 -14.32 45.51
CA TYR A 532 14.82 -13.43 45.48
C TYR A 532 15.82 -13.93 46.50
N PHE A 533 16.99 -14.35 46.02
CA PHE A 533 18.02 -14.90 46.88
C PHE A 533 19.33 -14.16 46.79
N ASN A 534 20.11 -14.30 47.86
CA ASN A 534 21.46 -13.76 47.92
C ASN A 534 21.60 -12.28 47.61
N GLY A 535 20.61 -11.48 48.00
CA GLY A 535 20.71 -10.05 47.77
C GLY A 535 19.77 -9.42 46.75
N ALA A 536 19.10 -10.26 45.95
CA ALA A 536 18.15 -9.74 44.97
C ALA A 536 17.02 -9.07 45.75
N GLU A 537 16.41 -8.05 45.14
CA GLU A 537 15.36 -7.29 45.79
C GLU A 537 14.09 -7.21 44.97
N PRO A 538 12.95 -7.41 45.63
CA PRO A 538 11.65 -7.37 44.98
C PRO A 538 10.98 -6.00 44.95
N PHE A 539 10.04 -5.91 44.01
CA PHE A 539 9.11 -4.80 43.82
C PHE A 539 8.40 -4.80 45.20
N GLU A 540 8.37 -3.66 45.88
CA GLU A 540 7.77 -3.61 47.20
C GLU A 540 6.27 -3.96 47.20
N LYS A 541 5.56 -3.78 46.08
CA LYS A 541 4.14 -4.10 46.07
C LYS A 541 3.78 -5.51 45.56
N GLU A 542 4.78 -6.36 45.40
CA GLU A 542 4.54 -7.73 44.94
C GLU A 542 3.77 -8.44 46.06
N LYS A 543 2.67 -9.13 45.72
CA LYS A 543 1.88 -9.80 46.76
C LYS A 543 2.47 -11.09 47.31
N ASP A 544 2.79 -12.04 46.44
CA ASP A 544 3.30 -13.34 46.85
C ASP A 544 4.67 -13.61 46.28
N ASN A 545 5.69 -13.56 47.14
CA ASN A 545 7.04 -13.86 46.72
C ASN A 545 7.80 -14.53 47.85
N LEU A 546 9.03 -14.93 47.55
CA LEU A 546 9.91 -15.59 48.51
C LEU A 546 11.19 -14.77 48.49
N VAL A 547 11.56 -14.21 49.64
CA VAL A 547 12.76 -13.40 49.74
C VAL A 547 13.64 -13.98 50.83
N LYS A 548 14.85 -14.39 50.48
CA LYS A 548 15.80 -14.95 51.43
C LYS A 548 17.14 -14.38 51.08
N LYS A 549 17.38 -13.17 51.54
CA LYS A 549 18.62 -12.43 51.34
C LYS A 549 19.85 -13.21 51.79
N ASP A 550 19.71 -13.92 52.89
CA ASP A 550 20.83 -14.66 53.44
C ASP A 550 21.11 -16.01 52.85
N PHE A 551 20.30 -16.43 51.89
CA PHE A 551 20.51 -17.72 51.26
C PHE A 551 21.29 -17.58 49.95
N ASP A 552 22.36 -18.35 49.83
CA ASP A 552 23.22 -18.32 48.65
C ASP A 552 23.06 -19.63 47.85
N PRO A 553 22.41 -19.57 46.67
CA PRO A 553 22.17 -20.73 45.82
C PRO A 553 23.42 -21.37 45.27
N LYS A 554 24.54 -20.63 45.32
CA LYS A 554 25.81 -21.14 44.79
C LYS A 554 25.67 -21.65 43.35
N LEU A 555 24.98 -20.85 42.54
CA LEU A 555 24.76 -21.15 41.14
C LEU A 555 26.08 -21.30 40.42
N ALA A 556 26.20 -22.32 39.56
CA ALA A 556 27.39 -22.48 38.73
C ALA A 556 26.95 -23.13 37.45
N ILE A 557 27.51 -22.66 36.35
CA ILE A 557 27.23 -23.23 35.06
C ILE A 557 28.52 -23.95 34.72
N ILE A 558 28.47 -25.28 34.54
CA ILE A 558 29.66 -26.04 34.23
C ILE A 558 29.68 -26.48 32.78
N ASP A 559 30.57 -25.88 32.03
CA ASP A 559 30.70 -26.15 30.61
C ASP A 559 31.74 -27.23 30.41
N GLU A 560 31.31 -28.44 30.02
CA GLU A 560 32.22 -29.54 29.80
C GLU A 560 32.44 -29.78 28.30
N GLY A 561 32.16 -28.75 27.50
CA GLY A 561 32.37 -28.88 26.07
C GLY A 561 31.09 -29.21 25.34
N ASP A 562 30.85 -30.49 25.07
CA ASP A 562 29.62 -30.88 24.38
C ASP A 562 28.37 -30.78 25.26
N GLU A 563 28.53 -30.78 26.58
CA GLU A 563 27.39 -30.67 27.47
C GLU A 563 27.64 -29.56 28.49
N VAL A 564 26.55 -28.96 28.98
CA VAL A 564 26.66 -27.92 29.99
C VAL A 564 25.68 -28.31 31.08
N TYR A 565 26.08 -28.09 32.34
CA TYR A 565 25.29 -28.47 33.50
C TYR A 565 25.08 -27.27 34.40
N LEU A 566 23.94 -27.32 35.08
CA LEU A 566 23.56 -26.28 36.00
C LEU A 566 23.61 -26.85 37.43
N SER A 567 24.37 -26.20 38.31
CA SER A 567 24.46 -26.62 39.69
C SER A 567 23.77 -25.51 40.50
N LEU A 568 22.85 -25.87 41.40
CA LEU A 568 22.10 -24.84 42.14
C LEU A 568 21.55 -25.37 43.47
N GLN A 569 21.67 -24.61 44.57
CA GLN A 569 21.09 -25.03 45.85
C GLN A 569 19.79 -24.22 46.08
N LEU A 570 18.75 -24.81 46.63
CA LEU A 570 17.52 -24.06 46.87
C LEU A 570 17.06 -24.33 48.29
N PRO A 571 16.52 -23.32 48.97
CA PRO A 571 16.06 -23.53 50.35
C PRO A 571 14.76 -24.35 50.46
N ASP A 572 14.47 -24.82 51.66
CA ASP A 572 13.25 -25.59 51.87
C ASP A 572 12.04 -24.80 51.47
N GLU A 573 12.07 -23.49 51.76
CA GLU A 573 10.94 -22.64 51.43
C GLU A 573 10.61 -22.61 49.94
N PHE A 574 11.58 -22.97 49.09
CA PHE A 574 11.34 -23.00 47.64
C PHE A 574 10.10 -23.86 47.35
N GLU A 575 9.91 -24.90 48.16
CA GLU A 575 8.76 -25.77 47.99
C GLU A 575 7.42 -25.04 48.26
N ASN A 576 7.42 -24.02 49.10
CA ASN A 576 6.15 -23.34 49.37
C ASN A 576 5.70 -22.26 48.35
N ILE A 577 6.51 -21.95 47.35
CA ILE A 577 6.08 -20.96 46.37
C ILE A 577 5.75 -21.76 45.10
N VAL A 578 4.55 -21.53 44.59
CA VAL A 578 4.04 -22.27 43.45
C VAL A 578 3.73 -21.38 42.26
N GLY A 579 4.14 -21.78 41.07
CA GLY A 579 3.88 -20.95 39.91
C GLY A 579 2.66 -21.32 39.10
N ASP A 580 2.07 -20.32 38.45
CA ASP A 580 0.91 -20.54 37.58
C ASP A 580 1.38 -20.74 36.15
N ILE A 581 0.56 -21.39 35.35
CA ILE A 581 0.88 -21.57 33.96
C ILE A 581 0.40 -20.25 33.33
N HIS A 582 1.30 -19.47 32.76
CA HIS A 582 0.86 -18.24 32.15
C HIS A 582 0.45 -18.45 30.71
N SER A 583 -0.29 -17.49 30.17
CA SER A 583 -0.84 -17.62 28.83
C SER A 583 -1.42 -16.29 28.37
N THR A 584 -1.99 -16.27 27.16
CA THR A 584 -2.61 -15.06 26.64
C THR A 584 -3.69 -14.58 27.64
N LYS A 585 -4.44 -15.51 28.23
CA LYS A 585 -5.46 -15.12 29.21
C LYS A 585 -4.89 -14.47 30.48
N THR A 586 -3.75 -14.93 30.97
CA THR A 586 -3.24 -14.39 32.23
C THR A 586 -2.37 -13.14 32.11
N LEU A 587 -1.86 -12.85 30.92
CA LEU A 587 -0.97 -11.70 30.71
C LEU A 587 -1.73 -10.46 30.20
N GLU A 588 -1.68 -9.39 30.97
CA GLU A 588 -2.38 -8.16 30.59
C GLU A 588 -1.80 -7.58 29.30
N ARG A 589 -2.68 -7.12 28.42
CA ARG A 589 -2.25 -6.48 27.16
C ARG A 589 -1.29 -5.31 27.45
N VAL A 590 -0.39 -4.99 26.51
CA VAL A 590 0.49 -3.86 26.72
C VAL A 590 -0.33 -2.56 26.43
N ARG A 591 -0.04 -1.48 27.12
CA ARG A 591 -0.84 -0.26 26.96
C ARG A 591 -0.73 0.46 25.61
N ILE A 592 0.43 1.01 25.28
CA ILE A 592 0.53 1.73 24.02
C ILE A 592 0.21 0.90 22.77
N VAL A 593 0.83 -0.26 22.61
CA VAL A 593 0.56 -1.06 21.41
C VAL A 593 -0.84 -1.68 21.44
N ASP A 594 -1.39 -1.83 22.65
CA ASP A 594 -2.75 -2.34 22.85
C ASP A 594 -2.88 -3.73 22.19
N ALA A 595 -1.94 -4.61 22.48
CA ALA A 595 -1.96 -5.93 21.91
C ALA A 595 -1.69 -6.99 22.99
N GLU A 596 -2.07 -8.23 22.68
CA GLU A 596 -1.94 -9.36 23.59
C GLU A 596 -0.69 -10.17 23.28
N TYR A 597 -0.29 -11.04 24.22
CA TYR A 597 0.84 -11.93 24.02
C TYR A 597 0.19 -13.18 23.40
N GLU A 598 0.37 -13.38 22.09
CA GLU A 598 -0.22 -14.49 21.35
C GLU A 598 0.89 -15.27 20.60
N SER A 599 0.49 -16.39 19.96
CA SER A 599 1.39 -17.16 19.11
C SER A 599 1.45 -16.41 17.78
N PRO A 600 2.44 -16.69 16.92
CA PRO A 600 2.50 -15.95 15.64
C PRO A 600 1.26 -16.15 14.75
N ASP A 601 0.52 -17.24 14.95
CA ASP A 601 -0.68 -17.46 14.13
C ASP A 601 -1.90 -16.73 14.71
N GLY A 602 -1.67 -15.89 15.71
CA GLY A 602 -2.78 -15.17 16.31
C GLY A 602 -3.58 -15.93 17.33
N LYS A 603 -3.26 -17.20 17.53
CA LYS A 603 -4.00 -18.01 18.50
C LYS A 603 -3.43 -17.88 19.92
N GLU A 604 -4.15 -18.43 20.90
CA GLU A 604 -3.73 -18.35 22.30
C GLU A 604 -2.37 -19.02 22.57
N LEU A 605 -1.57 -18.39 23.42
CA LEU A 605 -0.26 -18.94 23.73
C LEU A 605 -0.36 -19.47 25.15
N VAL A 606 0.12 -20.69 25.38
CA VAL A 606 0.11 -21.30 26.72
C VAL A 606 1.54 -21.72 27.05
N LEU A 607 2.06 -21.19 28.15
CA LEU A 607 3.44 -21.45 28.55
C LEU A 607 3.49 -22.60 29.52
N ASP A 608 3.10 -23.79 29.04
CA ASP A 608 3.08 -24.95 29.90
C ASP A 608 4.18 -25.97 29.70
N THR A 609 5.29 -25.61 29.03
CA THR A 609 6.43 -26.53 28.89
C THR A 609 7.68 -25.79 29.35
N ASP A 610 8.51 -26.46 30.13
CA ASP A 610 9.71 -25.84 30.68
C ASP A 610 10.93 -25.86 29.78
N TYR A 611 12.05 -25.44 30.34
CA TYR A 611 13.32 -25.35 29.62
C TYR A 611 13.72 -26.67 28.99
N LEU A 612 13.33 -27.75 29.65
CA LEU A 612 13.64 -29.10 29.19
C LEU A 612 12.51 -29.71 28.34
N ASP A 613 11.56 -28.86 27.98
CA ASP A 613 10.41 -29.27 27.20
C ASP A 613 9.51 -30.23 27.94
N ALA A 614 9.56 -30.23 29.26
CA ALA A 614 8.66 -31.09 30.04
C ALA A 614 7.32 -30.35 30.20
N LYS A 615 6.22 -31.05 29.97
CA LYS A 615 4.89 -30.46 30.13
C LYS A 615 4.71 -30.32 31.63
N LYS A 616 4.22 -29.17 32.09
CA LYS A 616 4.03 -28.99 33.52
C LYS A 616 2.60 -28.79 33.96
N PRO A 617 2.28 -29.24 35.18
CA PRO A 617 0.95 -29.11 35.77
C PRO A 617 0.66 -27.69 36.24
N GLU A 618 -0.62 -27.45 36.54
CA GLU A 618 -1.07 -26.14 37.00
C GLU A 618 -0.24 -25.59 38.17
N ASN A 619 0.21 -26.44 39.08
CA ASN A 619 1.04 -25.95 40.18
C ASN A 619 2.39 -26.63 40.02
N SER A 620 3.43 -25.83 39.83
CA SER A 620 4.74 -26.40 39.59
C SER A 620 5.77 -25.47 40.21
N SER A 621 7.02 -25.92 40.29
CA SER A 621 8.10 -25.07 40.82
C SER A 621 8.20 -23.82 39.93
N ILE A 622 8.70 -22.74 40.49
CA ILE A 622 8.91 -21.54 39.67
C ILE A 622 10.29 -21.70 39.06
N GLY A 623 10.71 -20.75 38.22
CA GLY A 623 12.01 -20.91 37.58
C GLY A 623 11.82 -21.59 36.23
N PRO A 624 12.87 -21.79 35.46
CA PRO A 624 12.82 -22.41 34.13
C PRO A 624 12.71 -23.92 33.96
N ILE A 625 13.06 -24.66 35.01
CA ILE A 625 13.10 -26.12 35.03
C ILE A 625 12.22 -26.78 36.10
N ALA A 626 11.19 -27.50 35.69
CA ALA A 626 10.31 -28.12 36.67
C ALA A 626 11.05 -29.06 37.63
N LEU A 627 12.20 -29.60 37.19
CA LEU A 627 13.02 -30.52 37.99
C LEU A 627 13.64 -29.86 39.25
N LEU A 628 13.80 -28.55 39.23
CA LEU A 628 14.38 -27.87 40.36
C LEU A 628 13.53 -27.98 41.59
N LYS A 629 14.17 -28.35 42.70
CA LYS A 629 13.47 -28.47 43.98
C LYS A 629 14.42 -28.10 45.14
N LYS A 630 13.87 -28.00 46.34
CA LYS A 630 14.70 -27.67 47.52
C LYS A 630 15.88 -28.66 47.56
N GLY A 631 17.01 -28.21 48.11
CA GLY A 631 18.17 -29.06 48.21
C GLY A 631 19.18 -28.84 47.09
N ASN A 632 19.99 -29.85 46.82
CA ASN A 632 21.00 -29.76 45.77
C ASN A 632 20.38 -30.10 44.41
N ASN A 633 20.79 -29.39 43.36
CA ASN A 633 20.27 -29.68 42.02
C ASN A 633 21.45 -29.65 41.05
N TYR A 634 21.56 -30.65 40.19
CA TYR A 634 22.62 -30.69 39.18
C TYR A 634 21.88 -31.20 37.96
N ILE A 635 21.70 -30.32 36.98
CA ILE A 635 20.88 -30.59 35.79
C ILE A 635 21.65 -30.39 34.50
N LYS A 636 21.44 -31.26 33.50
CA LYS A 636 22.10 -31.05 32.21
C LYS A 636 21.25 -29.99 31.48
N VAL A 637 21.86 -28.87 31.08
CA VAL A 637 21.09 -27.83 30.38
C VAL A 637 21.49 -27.69 28.90
N TRP A 638 22.42 -28.53 28.46
CA TRP A 638 22.77 -28.58 27.04
C TRP A 638 23.42 -29.93 26.80
N MET B 1 29.85 21.62 -5.16
CA MET B 1 31.22 21.40 -5.75
C MET B 1 31.18 21.15 -7.26
N GLU B 2 32.06 21.81 -7.99
CA GLU B 2 32.16 21.61 -9.42
C GLU B 2 33.39 20.75 -9.71
N TYR B 3 33.20 19.47 -10.05
CA TYR B 3 34.33 18.60 -10.35
C TYR B 3 34.69 18.68 -11.84
N HIS B 4 35.98 18.49 -12.14
CA HIS B 4 36.44 18.51 -13.52
C HIS B 4 37.15 17.22 -13.87
N VAL B 5 36.88 16.74 -15.08
CA VAL B 5 37.50 15.51 -15.59
C VAL B 5 38.16 15.92 -16.94
N ALA B 6 39.44 15.58 -17.13
CA ALA B 6 40.16 15.95 -18.36
C ALA B 6 41.23 14.91 -18.65
N LYS B 7 41.60 14.75 -19.91
CA LYS B 7 42.60 13.75 -20.27
C LYS B 7 44.00 14.03 -19.68
N THR B 8 44.20 15.23 -19.16
CA THR B 8 45.46 15.61 -18.53
C THR B 8 45.36 15.38 -17.04
N GLY B 9 44.21 14.86 -16.59
CA GLY B 9 43.97 14.68 -15.18
C GLY B 9 44.52 13.43 -14.52
N SER B 10 44.14 13.22 -13.27
CA SER B 10 44.60 12.06 -12.51
C SER B 10 43.53 11.68 -11.49
N ASP B 11 43.24 10.40 -11.32
CA ASP B 11 42.23 10.07 -10.34
C ASP B 11 42.70 10.18 -8.90
N GLU B 12 43.93 10.66 -8.70
CA GLU B 12 44.48 10.88 -7.36
C GLU B 12 44.44 12.37 -7.17
N GLY B 13 44.03 13.08 -8.21
CA GLY B 13 43.95 14.53 -8.14
C GLY B 13 42.80 14.96 -7.25
N LYS B 14 42.62 16.27 -7.09
CA LYS B 14 41.53 16.75 -6.25
C LYS B 14 40.23 16.82 -7.03
N GLY B 15 40.34 16.89 -8.36
CA GLY B 15 39.15 16.93 -9.18
C GLY B 15 38.65 18.32 -9.45
N THR B 16 39.52 19.30 -9.24
CA THR B 16 39.21 20.71 -9.49
C THR B 16 39.60 21.05 -10.92
N LEU B 17 39.25 22.25 -11.34
CA LEU B 17 39.57 22.70 -12.67
C LEU B 17 41.09 22.62 -12.93
N LYS B 18 41.86 23.09 -11.94
CA LYS B 18 43.33 23.09 -12.02
C LYS B 18 43.95 21.69 -11.77
N ASP B 19 43.27 20.84 -11.00
CA ASP B 19 43.78 19.50 -10.72
C ASP B 19 42.66 18.47 -10.96
N PRO B 20 42.24 18.33 -12.22
CA PRO B 20 41.18 17.41 -12.62
C PRO B 20 41.39 15.91 -12.49
N PHE B 21 40.27 15.17 -12.41
CA PHE B 21 40.32 13.73 -12.36
C PHE B 21 40.59 13.29 -13.80
N LEU B 22 40.89 12.01 -13.99
CA LEU B 22 41.15 11.48 -15.32
C LEU B 22 39.96 10.72 -15.92
N THR B 23 39.18 10.04 -15.08
CA THR B 23 38.06 9.28 -15.63
C THR B 23 36.73 9.81 -15.12
N ILE B 24 35.67 9.65 -15.92
CA ILE B 24 34.38 10.16 -15.48
C ILE B 24 33.84 9.34 -14.29
N ASN B 25 34.13 8.03 -14.26
CA ASN B 25 33.65 7.22 -13.17
C ASN B 25 34.27 7.62 -11.83
N LYS B 26 35.48 8.17 -11.85
CA LYS B 26 36.08 8.61 -10.59
C LYS B 26 35.20 9.76 -10.03
N ALA B 27 34.83 10.70 -10.89
CA ALA B 27 33.98 11.81 -10.46
C ALA B 27 32.63 11.24 -9.98
N ALA B 28 32.11 10.26 -10.71
CA ALA B 28 30.84 9.62 -10.36
C ALA B 28 30.90 8.90 -8.99
N SER B 29 32.08 8.50 -8.55
CA SER B 29 32.19 7.82 -7.26
C SER B 29 32.25 8.82 -6.09
N VAL B 30 32.45 10.11 -6.35
CA VAL B 30 32.51 11.05 -5.23
C VAL B 30 31.48 12.19 -5.27
N ALA B 31 30.87 12.45 -6.44
CA ALA B 31 29.92 13.55 -6.52
C ALA B 31 28.70 13.32 -5.68
N MET B 32 28.20 14.39 -5.06
CA MET B 32 26.99 14.29 -4.26
C MET B 32 25.93 15.33 -4.62
N ALA B 33 24.76 15.23 -3.99
CA ALA B 33 23.65 16.09 -4.35
C ALA B 33 24.04 17.54 -4.48
N GLY B 34 23.73 18.13 -5.65
CA GLY B 34 24.07 19.51 -5.88
C GLY B 34 25.38 19.71 -6.62
N ASP B 35 26.22 18.68 -6.75
CA ASP B 35 27.49 18.86 -7.47
C ASP B 35 27.32 18.85 -9.00
N THR B 36 28.33 19.32 -9.71
CA THR B 36 28.36 19.30 -11.18
C THR B 36 29.71 18.62 -11.56
N ILE B 37 29.69 17.77 -12.59
CA ILE B 37 30.88 17.11 -13.11
C ILE B 37 31.05 17.67 -14.53
N ILE B 38 32.14 18.38 -14.78
CA ILE B 38 32.36 18.97 -16.10
C ILE B 38 33.44 18.16 -16.78
N VAL B 39 33.10 17.49 -17.89
CA VAL B 39 34.08 16.68 -18.59
C VAL B 39 34.67 17.41 -19.81
N HIS B 40 36.01 17.45 -19.85
CA HIS B 40 36.71 18.10 -20.96
C HIS B 40 36.97 17.19 -22.14
N GLU B 41 37.28 17.81 -23.27
CA GLU B 41 37.54 17.16 -24.55
C GLU B 41 38.25 15.83 -24.50
N GLY B 42 37.71 14.85 -25.24
CA GLY B 42 38.34 13.54 -25.29
C GLY B 42 37.39 12.38 -25.43
N VAL B 43 37.97 11.19 -25.64
CA VAL B 43 37.18 9.98 -25.75
C VAL B 43 37.38 9.16 -24.50
N TYR B 44 36.30 8.90 -23.77
CA TYR B 44 36.36 8.16 -22.53
C TYR B 44 35.78 6.75 -22.69
N ARG B 45 36.65 5.75 -22.68
CA ARG B 45 36.19 4.38 -22.87
C ARG B 45 35.94 3.75 -21.52
N GLU B 46 34.71 3.94 -21.02
CA GLU B 46 34.35 3.44 -19.71
C GLU B 46 32.84 3.44 -19.56
N TRP B 47 32.36 2.67 -18.57
CA TRP B 47 30.95 2.62 -18.22
C TRP B 47 30.85 3.46 -16.94
N VAL B 48 30.21 4.64 -17.02
CA VAL B 48 30.04 5.54 -15.88
C VAL B 48 28.89 5.06 -14.99
N LYS B 49 29.17 4.91 -13.71
CA LYS B 49 28.21 4.43 -12.74
C LYS B 49 27.95 5.43 -11.61
N PRO B 50 26.96 6.33 -11.78
CA PRO B 50 26.63 7.35 -10.75
C PRO B 50 26.45 6.63 -9.40
N LYS B 51 27.19 7.06 -8.40
CA LYS B 51 27.13 6.38 -7.11
C LYS B 51 26.12 6.95 -6.12
N TYR B 52 26.10 8.28 -6.00
CA TYR B 52 25.20 8.95 -5.08
C TYR B 52 24.07 9.60 -5.84
N LYS B 53 22.91 9.72 -5.19
CA LYS B 53 21.74 10.29 -5.84
C LYS B 53 21.57 11.80 -5.68
N GLY B 54 20.88 12.42 -6.64
CA GLY B 54 20.52 13.83 -6.49
C GLY B 54 19.35 13.74 -5.48
N LEU B 55 19.01 14.82 -4.80
CA LEU B 55 17.95 14.76 -3.80
C LEU B 55 16.70 15.56 -4.17
N SER B 56 16.76 16.33 -5.23
CA SER B 56 15.58 17.09 -5.67
C SER B 56 15.95 17.67 -7.02
N ASP B 57 14.97 18.29 -7.64
CA ASP B 57 15.20 18.92 -8.90
C ASP B 57 16.23 20.02 -8.69
N LYS B 58 16.17 20.67 -7.55
CA LYS B 58 17.14 21.74 -7.29
C LYS B 58 18.51 21.13 -6.99
N ARG B 59 18.54 20.06 -6.18
CA ARG B 59 19.83 19.47 -5.81
C ARG B 59 20.17 18.22 -6.60
N ARG B 60 20.21 18.34 -7.92
CA ARG B 60 20.57 17.20 -8.74
C ARG B 60 22.07 17.11 -8.86
N ILE B 61 22.52 16.08 -9.59
CA ILE B 61 23.93 15.91 -9.82
C ILE B 61 23.98 15.97 -11.34
N THR B 62 24.73 16.95 -11.83
CA THR B 62 24.85 17.21 -13.24
C THR B 62 26.17 16.80 -13.88
N TYR B 63 26.08 15.99 -14.93
CA TYR B 63 27.25 15.55 -15.67
C TYR B 63 27.14 16.20 -17.02
N LYS B 64 28.14 16.96 -17.43
CA LYS B 64 28.06 17.60 -18.72
C LYS B 64 29.41 17.81 -19.38
N ALA B 65 29.37 17.94 -20.69
CA ALA B 65 30.55 18.22 -21.48
C ALA B 65 30.91 19.69 -21.27
N ALA B 66 32.21 19.98 -21.16
CA ALA B 66 32.64 21.37 -21.04
C ALA B 66 32.15 22.11 -22.27
N GLU B 67 31.76 23.35 -22.05
CA GLU B 67 31.23 24.17 -23.13
C GLU B 67 32.11 24.23 -24.36
N GLY B 68 31.50 23.90 -25.50
CA GLY B 68 32.23 23.91 -26.74
C GLY B 68 33.21 22.76 -26.91
N GLU B 69 33.29 21.81 -25.98
CA GLU B 69 34.25 20.71 -26.16
C GLU B 69 33.57 19.39 -26.58
N LYS B 70 34.25 18.63 -27.43
CA LYS B 70 33.73 17.37 -27.94
C LYS B 70 34.07 16.25 -26.96
N VAL B 71 33.05 15.67 -26.31
CA VAL B 71 33.27 14.61 -25.34
C VAL B 71 32.52 13.33 -25.71
N VAL B 72 33.27 12.26 -25.84
CA VAL B 72 32.70 10.99 -26.22
C VAL B 72 32.85 9.91 -25.16
N ILE B 73 31.76 9.18 -24.89
CA ILE B 73 31.85 8.04 -23.97
C ILE B 73 31.55 6.84 -24.84
N LYS B 74 32.42 5.84 -24.81
CA LYS B 74 32.23 4.65 -25.62
C LYS B 74 32.33 3.37 -24.82
N GLY B 75 31.57 2.36 -25.25
CA GLY B 75 31.61 1.06 -24.59
C GLY B 75 32.61 0.14 -25.28
N SER B 76 33.18 0.61 -26.39
CA SER B 76 34.14 -0.17 -27.21
C SER B 76 35.61 0.08 -26.91
N GLU B 77 36.47 -0.67 -27.59
CA GLU B 77 37.93 -0.49 -27.49
C GLU B 77 38.46 -0.61 -28.92
N ARG B 78 39.49 0.15 -29.24
CA ARG B 78 40.10 0.06 -30.59
C ARG B 78 40.99 -1.18 -30.60
N ILE B 79 40.90 -2.02 -31.62
CA ILE B 79 41.76 -3.21 -31.66
C ILE B 79 42.77 -3.01 -32.80
N GLN B 80 44.04 -3.19 -32.49
CA GLN B 80 45.11 -3.04 -33.51
C GLN B 80 46.05 -4.21 -33.49
N SER B 81 45.56 -5.38 -33.10
CA SER B 81 46.37 -6.59 -33.02
C SER B 81 45.82 -7.65 -33.95
N TRP B 82 45.24 -7.22 -35.07
CA TRP B 82 44.64 -8.18 -36.02
C TRP B 82 45.71 -8.86 -36.89
N GLN B 83 45.51 -10.14 -37.22
CA GLN B 83 46.43 -10.84 -38.11
C GLN B 83 45.57 -11.42 -39.24
N ARG B 84 46.01 -11.21 -40.48
CA ARG B 84 45.24 -11.71 -41.60
C ARG B 84 45.18 -13.22 -41.59
N VAL B 85 44.02 -13.80 -41.90
CA VAL B 85 43.89 -15.26 -41.92
C VAL B 85 44.06 -15.70 -43.37
N GLU B 86 43.12 -15.32 -44.22
CA GLU B 86 43.15 -15.67 -45.65
C GLU B 86 42.24 -14.67 -46.34
N GLY B 87 42.65 -14.19 -47.49
CA GLY B 87 41.82 -13.23 -48.20
C GLY B 87 41.64 -11.94 -47.44
N ASN B 88 40.39 -11.53 -47.23
CA ASN B 88 40.15 -10.28 -46.51
C ASN B 88 39.71 -10.50 -45.07
N VAL B 89 39.88 -11.74 -44.59
CA VAL B 89 39.50 -12.10 -43.25
C VAL B 89 40.68 -12.00 -42.30
N TRP B 90 40.48 -11.24 -41.22
CA TRP B 90 41.47 -11.03 -40.17
C TRP B 90 40.95 -11.53 -38.83
N ARG B 91 41.90 -11.81 -37.94
CA ARG B 91 41.58 -12.38 -36.64
C ARG B 91 42.29 -11.64 -35.49
N CYS B 92 41.62 -11.52 -34.36
CA CYS B 92 42.31 -10.95 -33.19
C CYS B 92 41.86 -11.85 -32.05
N GLN B 93 42.66 -11.90 -30.99
CA GLN B 93 42.34 -12.77 -29.86
C GLN B 93 42.64 -12.00 -28.57
N LEU B 94 41.74 -12.14 -27.61
CA LEU B 94 41.86 -11.45 -26.36
C LEU B 94 41.60 -12.41 -25.24
N PRO B 95 42.16 -12.10 -24.07
CA PRO B 95 41.96 -12.94 -22.91
C PRO B 95 40.52 -12.67 -22.41
N ASN B 96 39.85 -13.70 -21.91
CA ASN B 96 38.49 -13.53 -21.41
C ASN B 96 38.47 -12.49 -20.30
N SER B 97 39.58 -12.38 -19.57
CA SER B 97 39.66 -11.41 -18.49
C SER B 97 39.45 -9.98 -19.02
N PHE B 98 39.68 -9.78 -20.30
CA PHE B 98 39.50 -8.47 -20.90
C PHE B 98 38.04 -7.95 -20.81
N PHE B 99 37.09 -8.87 -20.78
CA PHE B 99 35.68 -8.52 -20.74
C PHE B 99 35.13 -8.62 -19.33
N GLY B 100 35.82 -9.31 -18.44
CA GLY B 100 35.34 -9.46 -17.08
C GLY B 100 34.08 -10.33 -17.03
N GLU B 101 33.13 -9.97 -16.18
CA GLU B 101 31.90 -10.76 -16.06
C GLU B 101 30.96 -10.69 -17.28
N PHE B 102 31.07 -9.64 -18.08
CA PHE B 102 30.18 -9.53 -19.22
C PHE B 102 30.95 -9.64 -20.55
N ASN B 103 30.75 -10.73 -21.27
CA ASN B 103 31.47 -10.91 -22.54
C ASN B 103 30.45 -10.84 -23.69
N PRO B 104 30.50 -9.77 -24.49
CA PRO B 104 29.55 -9.63 -25.61
C PRO B 104 29.59 -10.73 -26.64
N TYR B 105 30.71 -11.43 -26.70
CA TYR B 105 30.86 -12.47 -27.70
C TYR B 105 30.29 -13.79 -27.20
N LYS B 106 30.00 -13.84 -25.90
CA LYS B 106 29.39 -15.02 -25.29
C LYS B 106 27.88 -14.77 -25.09
N GLU B 107 27.53 -13.57 -24.64
CA GLU B 107 26.15 -13.17 -24.39
C GLU B 107 25.33 -13.16 -25.70
N GLU B 108 24.17 -13.77 -25.65
CA GLU B 108 23.28 -13.84 -26.80
C GLU B 108 22.14 -12.79 -26.74
N VAL B 109 21.60 -12.45 -27.92
CA VAL B 109 20.39 -11.63 -28.00
C VAL B 109 19.46 -12.76 -27.55
N PHE B 110 18.78 -12.59 -26.41
CA PHE B 110 17.96 -13.65 -25.86
C PHE B 110 16.73 -13.17 -25.09
N GLY B 111 15.66 -13.98 -25.06
CA GLY B 111 14.56 -13.59 -24.20
C GLY B 111 13.14 -13.55 -24.70
N ASP B 112 12.24 -13.16 -23.80
CA ASP B 112 10.83 -13.13 -24.16
C ASP B 112 10.56 -12.29 -25.41
N TRP B 113 9.72 -12.84 -26.26
CA TRP B 113 9.25 -12.28 -27.51
C TRP B 113 10.31 -12.08 -28.58
N LEU B 114 11.48 -12.72 -28.42
CA LEU B 114 12.53 -12.67 -29.45
C LEU B 114 12.07 -13.75 -30.45
N LEU B 115 11.85 -13.42 -31.71
CA LEU B 115 11.32 -14.40 -32.65
C LEU B 115 12.36 -15.11 -33.49
N THR B 116 13.54 -14.53 -33.58
CA THR B 116 14.62 -15.14 -34.36
C THR B 116 15.39 -16.05 -33.39
N VAL B 117 15.00 -17.31 -33.37
CA VAL B 117 15.61 -18.28 -32.47
C VAL B 117 16.55 -19.28 -33.15
N ASN B 118 16.41 -19.50 -34.46
CA ASN B 118 17.29 -20.44 -35.19
C ASN B 118 18.72 -19.89 -35.26
N GLU B 119 18.82 -18.65 -35.74
CA GLU B 119 20.09 -17.94 -35.87
C GLU B 119 20.49 -17.22 -34.60
N LYS B 120 21.35 -17.83 -33.78
CA LYS B 120 21.79 -17.19 -32.55
C LYS B 120 22.63 -15.96 -32.85
N LYS B 121 22.25 -14.81 -32.31
CA LYS B 121 23.05 -13.62 -32.51
C LYS B 121 23.61 -13.26 -31.14
N HIS B 122 24.72 -12.52 -31.12
CA HIS B 122 25.36 -12.11 -29.87
C HIS B 122 25.41 -10.60 -29.72
N LEU B 123 25.86 -10.12 -28.57
CA LEU B 123 25.86 -8.69 -28.28
C LEU B 123 27.11 -7.94 -28.73
N GLY B 124 28.08 -8.66 -29.28
CA GLY B 124 29.30 -8.00 -29.74
C GLY B 124 29.03 -7.28 -31.05
N ASP B 125 30.05 -6.58 -31.54
CA ASP B 125 29.95 -5.85 -32.80
C ASP B 125 31.40 -5.44 -33.19
N VAL B 126 31.62 -5.22 -34.47
CA VAL B 126 32.92 -4.77 -35.02
C VAL B 126 32.62 -3.53 -35.87
N TYR B 127 33.46 -2.52 -35.76
CA TYR B 127 33.24 -1.32 -36.52
C TYR B 127 34.50 -0.96 -37.31
N LEU B 128 34.31 -0.50 -38.54
CA LEU B 128 35.43 -0.05 -39.36
C LEU B 128 35.15 1.45 -39.59
N ASN B 129 36.00 2.28 -38.98
CA ASN B 129 35.86 3.74 -39.05
C ASN B 129 34.44 4.15 -38.69
N GLY B 130 33.86 3.53 -37.64
CA GLY B 130 32.51 3.89 -37.21
C GLY B 130 31.35 3.08 -37.78
N MET B 131 31.60 2.31 -38.82
CA MET B 131 30.53 1.51 -39.45
C MET B 131 30.47 0.09 -38.89
N SER B 132 29.34 -0.27 -38.29
CA SER B 132 29.18 -1.60 -37.71
C SER B 132 29.06 -2.68 -38.80
N PHE B 133 29.33 -3.91 -38.42
CA PHE B 133 29.31 -5.07 -39.31
C PHE B 133 28.09 -5.93 -39.01
N TYR B 134 27.89 -6.95 -39.84
CA TYR B 134 26.83 -7.94 -39.70
C TYR B 134 27.47 -9.21 -39.14
N GLU B 135 26.84 -9.80 -38.14
CA GLU B 135 27.39 -11.04 -37.59
C GLU B 135 27.02 -12.21 -38.50
N VAL B 136 27.91 -13.19 -38.65
CA VAL B 136 27.58 -14.39 -39.41
C VAL B 136 27.70 -15.55 -38.45
N THR B 137 26.95 -16.61 -38.75
CA THR B 137 26.80 -17.82 -37.95
C THR B 137 27.94 -18.82 -37.97
N ASN B 138 28.58 -18.98 -39.12
CA ASN B 138 29.68 -19.94 -39.22
C ASN B 138 30.93 -19.32 -39.79
N TYR B 139 32.04 -19.87 -39.32
CA TYR B 139 33.37 -19.46 -39.74
C TYR B 139 33.43 -19.29 -41.26
N GLU B 140 32.90 -20.27 -41.97
CA GLU B 140 32.91 -20.27 -43.42
C GLU B 140 32.19 -19.09 -44.06
N ASP B 141 31.17 -18.54 -43.40
CA ASP B 141 30.43 -17.41 -43.98
C ASP B 141 31.25 -16.12 -44.07
N LEU B 142 32.44 -16.12 -43.48
CA LEU B 142 33.30 -14.94 -43.45
C LEU B 142 34.03 -14.58 -44.73
N PHE B 143 34.37 -15.56 -45.51
CA PHE B 143 35.21 -15.30 -46.66
C PHE B 143 34.60 -14.71 -47.89
N ASN B 144 33.39 -15.13 -48.23
CA ASN B 144 32.79 -14.54 -49.41
C ASN B 144 31.36 -14.05 -49.17
N PRO B 145 31.18 -13.08 -48.24
CA PRO B 145 29.84 -12.55 -47.94
C PRO B 145 29.20 -11.91 -49.18
N GLN B 146 27.91 -12.16 -49.38
CA GLN B 146 27.23 -11.59 -50.56
C GLN B 146 26.60 -10.22 -50.29
N LEU B 147 26.77 -9.30 -51.22
CA LEU B 147 26.19 -7.97 -51.05
C LEU B 147 24.69 -8.16 -51.13
N ARG B 148 23.94 -7.57 -50.20
CA ARG B 148 22.47 -7.67 -50.23
C ARG B 148 21.92 -6.26 -50.42
N THR B 149 20.89 -6.10 -51.25
CA THR B 149 20.34 -4.77 -51.51
C THR B 149 18.88 -4.63 -51.13
N GLU B 150 18.29 -5.72 -50.67
CA GLU B 150 16.91 -5.65 -50.23
C GLU B 150 16.72 -6.63 -49.08
N VAL B 151 15.71 -6.37 -48.27
CA VAL B 151 15.47 -7.21 -47.10
C VAL B 151 13.99 -7.22 -46.80
N LEU B 152 13.56 -8.25 -46.09
CA LEU B 152 12.16 -8.38 -45.74
C LEU B 152 11.83 -7.68 -44.43
N ASP B 153 10.84 -6.79 -44.47
CA ASP B 153 10.39 -6.16 -43.25
C ASP B 153 9.45 -7.20 -42.63
N HIS B 154 9.82 -7.75 -41.48
CA HIS B 154 9.02 -8.80 -40.87
C HIS B 154 7.54 -8.47 -40.66
N TRP B 155 7.24 -7.36 -40.02
CA TRP B 155 5.83 -7.08 -39.79
C TRP B 155 5.00 -6.89 -41.04
N THR B 156 5.41 -6.01 -41.93
CA THR B 156 4.61 -5.76 -43.14
C THR B 156 4.76 -6.84 -44.20
N GLN B 157 5.81 -7.65 -44.05
CA GLN B 157 6.10 -8.71 -45.00
C GLN B 157 6.27 -8.15 -46.40
N LYS B 158 6.89 -6.98 -46.47
CA LYS B 158 7.18 -6.36 -47.75
C LYS B 158 8.71 -6.42 -47.86
N ILE B 159 9.20 -6.52 -49.08
CA ILE B 159 10.65 -6.56 -49.29
C ILE B 159 11.03 -5.13 -49.55
N VAL B 160 12.01 -4.61 -48.84
CA VAL B 160 12.35 -3.22 -49.03
C VAL B 160 13.84 -3.06 -49.25
N PRO B 161 14.25 -1.93 -49.82
CA PRO B 161 15.67 -1.69 -50.07
C PRO B 161 16.46 -1.64 -48.77
N ILE B 162 17.72 -2.02 -48.84
CA ILE B 162 18.59 -1.95 -47.67
C ILE B 162 19.26 -0.61 -47.84
N LYS B 163 19.14 0.24 -46.82
CA LYS B 163 19.72 1.58 -46.88
C LYS B 163 21.20 1.56 -47.29
N ASN B 164 22.03 0.94 -46.47
CA ASN B 164 23.46 0.87 -46.70
C ASN B 164 23.78 -0.53 -47.19
N ALA B 165 23.60 -0.75 -48.49
CA ALA B 165 23.83 -2.07 -49.08
C ALA B 165 25.28 -2.51 -48.98
N GLU B 166 26.20 -1.56 -49.10
CA GLU B 166 27.61 -1.86 -49.05
C GLU B 166 28.01 -2.45 -47.71
N GLN B 167 27.32 -2.03 -46.66
CA GLN B 167 27.60 -2.50 -45.32
C GLN B 167 27.33 -3.99 -45.18
N THR B 168 26.45 -4.55 -46.03
CA THR B 168 26.15 -5.97 -45.93
C THR B 168 27.32 -6.94 -46.22
N LYS B 169 28.38 -6.43 -46.84
CA LYS B 169 29.58 -7.24 -47.11
C LYS B 169 30.58 -7.28 -45.97
N TYR B 170 30.38 -6.48 -44.91
CA TYR B 170 31.31 -6.48 -43.79
C TYR B 170 30.72 -7.35 -42.70
N VAL B 171 31.37 -8.49 -42.46
CA VAL B 171 30.86 -9.47 -41.51
C VAL B 171 31.86 -9.89 -40.46
N TRP B 172 31.36 -10.39 -39.33
CA TRP B 172 32.21 -10.83 -38.24
C TRP B 172 31.66 -12.09 -37.64
N TYR B 173 32.56 -12.82 -36.99
CA TYR B 173 32.22 -14.09 -36.37
C TYR B 173 33.15 -14.27 -35.16
N ALA B 174 32.66 -14.86 -34.07
CA ALA B 174 33.54 -15.03 -32.91
C ALA B 174 33.36 -16.31 -32.14
N GLU B 175 34.41 -16.71 -31.42
CA GLU B 175 34.37 -17.90 -30.60
C GLU B 175 34.93 -17.57 -29.23
N VAL B 176 34.32 -18.16 -28.21
CA VAL B 176 34.79 -17.90 -26.86
C VAL B 176 35.00 -19.26 -26.20
N ASP B 177 36.19 -19.49 -25.63
CA ASP B 177 36.38 -20.73 -24.91
C ASP B 177 36.73 -20.41 -23.46
N ARG B 178 37.32 -21.39 -22.78
CA ARG B 178 37.70 -21.29 -21.37
C ARG B 178 38.60 -20.11 -21.05
N GLU B 179 39.50 -19.84 -21.98
CA GLU B 179 40.52 -18.80 -21.84
C GLU B 179 40.42 -17.52 -22.62
N LYS B 180 40.17 -17.72 -23.91
CA LYS B 180 40.19 -16.66 -24.91
C LYS B 180 38.95 -16.41 -25.71
N THR B 181 38.87 -15.17 -26.22
CA THR B 181 37.79 -14.71 -27.09
C THR B 181 38.50 -14.44 -28.42
N THR B 182 38.04 -15.08 -29.49
CA THR B 182 38.68 -14.87 -30.78
C THR B 182 37.66 -14.30 -31.75
N ILE B 183 38.01 -13.19 -32.36
CA ILE B 183 37.12 -12.50 -33.29
C ILE B 183 37.73 -12.43 -34.68
N TYR B 184 36.91 -12.79 -35.67
CA TYR B 184 37.25 -12.82 -37.09
C TYR B 184 36.34 -11.82 -37.81
N ALA B 185 36.83 -11.15 -38.83
CA ALA B 185 35.97 -10.22 -39.57
C ALA B 185 36.62 -9.98 -40.94
N ASN B 186 35.74 -9.69 -41.91
CA ASN B 186 36.16 -9.46 -43.30
C ASN B 186 36.19 -7.95 -43.52
N PHE B 187 37.38 -7.41 -43.71
CA PHE B 187 37.51 -5.98 -43.87
C PHE B 187 37.51 -5.55 -45.32
N GLN B 188 37.17 -6.49 -46.18
CA GLN B 188 37.04 -6.27 -47.61
C GLN B 188 38.20 -5.52 -48.23
N GLY B 189 39.42 -5.80 -47.78
CA GLY B 189 40.57 -5.16 -48.38
C GLY B 189 41.25 -4.12 -47.55
N ALA B 190 40.61 -3.58 -46.52
CA ALA B 190 41.26 -2.57 -45.69
C ALA B 190 42.18 -3.28 -44.68
N ASP B 191 43.12 -2.54 -44.12
CA ASP B 191 44.02 -3.08 -43.11
C ASP B 191 43.40 -2.61 -41.79
N PRO B 192 42.82 -3.54 -40.98
CA PRO B 192 42.19 -3.14 -39.71
C PRO B 192 43.13 -2.53 -38.69
N ASN B 193 44.42 -2.82 -38.79
CA ASN B 193 45.32 -2.22 -37.81
C ASN B 193 45.62 -0.80 -38.19
N GLU B 194 45.55 -0.49 -39.49
CA GLU B 194 45.81 0.84 -40.00
C GLU B 194 44.55 1.69 -39.89
N GLU B 195 43.41 1.14 -40.28
CA GLU B 195 42.16 1.88 -40.16
C GLU B 195 41.78 1.97 -38.69
N PHE B 196 40.67 2.62 -38.39
CA PHE B 196 40.22 2.75 -37.02
C PHE B 196 39.15 1.68 -36.77
N VAL B 197 39.59 0.55 -36.18
CA VAL B 197 38.69 -0.56 -35.90
C VAL B 197 38.43 -0.76 -34.42
N GLU B 198 37.14 -0.85 -34.09
CA GLU B 198 36.68 -1.03 -32.72
C GLU B 198 35.76 -2.23 -32.56
N ILE B 199 35.68 -2.77 -31.34
CA ILE B 199 34.76 -3.89 -31.08
C ILE B 199 33.98 -3.55 -29.80
N ASN B 200 32.76 -4.07 -29.67
CA ASN B 200 31.98 -3.84 -28.45
C ASN B 200 32.70 -4.52 -27.30
N VAL B 201 32.67 -3.91 -26.13
CA VAL B 201 33.31 -4.52 -24.97
C VAL B 201 32.38 -4.45 -23.74
N ARG B 202 31.90 -3.25 -23.42
CA ARG B 202 31.04 -3.03 -22.26
C ARG B 202 29.53 -2.99 -22.58
N ARG B 203 28.72 -3.38 -21.60
CA ARG B 203 27.28 -3.41 -21.80
C ARG B 203 26.64 -2.03 -21.93
N SER B 204 27.07 -1.11 -21.07
CA SER B 204 26.49 0.22 -21.04
C SER B 204 27.54 1.32 -20.97
N CYS B 205 27.11 2.56 -21.15
CA CYS B 205 28.00 3.69 -21.08
C CYS B 205 27.73 4.58 -19.86
N PHE B 206 26.46 4.78 -19.51
CA PHE B 206 26.08 5.69 -18.41
C PHE B 206 24.82 5.09 -17.79
N TYR B 207 25.03 4.29 -16.73
CA TYR B 207 23.94 3.53 -16.13
C TYR B 207 24.34 3.14 -14.72
N PRO B 208 23.52 3.51 -13.70
CA PRO B 208 23.86 3.14 -12.31
C PRO B 208 23.75 1.64 -12.11
N VAL B 209 24.54 1.11 -11.19
CA VAL B 209 24.46 -0.32 -10.92
C VAL B 209 23.59 -0.53 -9.69
N GLU B 210 22.98 0.54 -9.19
CA GLU B 210 22.10 0.42 -8.06
C GLU B 210 20.82 1.15 -8.50
N THR B 211 19.66 0.76 -7.98
CA THR B 211 18.43 1.49 -8.35
C THR B 211 18.28 2.71 -7.42
N GLY B 212 17.32 3.58 -7.71
CA GLY B 212 17.11 4.73 -6.86
C GLY B 212 18.11 5.89 -6.92
N ILE B 213 18.99 5.88 -7.90
CA ILE B 213 19.94 6.97 -8.04
C ILE B 213 19.23 8.07 -8.82
N ASP B 214 18.37 8.81 -8.11
CA ASP B 214 17.54 9.87 -8.71
C ASP B 214 18.25 11.17 -9.10
N TYR B 215 17.47 12.01 -9.75
CA TYR B 215 17.84 13.35 -10.10
C TYR B 215 19.24 13.56 -10.68
N ILE B 216 19.51 12.85 -11.77
CA ILE B 216 20.80 13.01 -12.42
C ILE B 216 20.54 13.70 -13.78
N THR B 217 21.38 14.67 -14.13
CA THR B 217 21.27 15.30 -15.45
C THR B 217 22.50 14.90 -16.26
N VAL B 218 22.30 14.44 -17.50
CA VAL B 218 23.40 14.04 -18.38
C VAL B 218 23.25 14.90 -19.65
N LYS B 219 24.24 15.76 -19.87
CA LYS B 219 24.14 16.68 -20.98
C LYS B 219 25.37 16.90 -21.87
N GLY B 220 25.12 16.90 -23.18
CA GLY B 220 26.13 17.25 -24.17
C GLY B 220 27.16 16.24 -24.60
N PHE B 221 26.92 14.97 -24.36
CA PHE B 221 27.91 13.97 -24.73
C PHE B 221 27.55 13.23 -25.99
N GLU B 222 28.55 12.70 -26.67
CA GLU B 222 28.25 11.80 -27.77
C GLU B 222 28.45 10.45 -27.03
N MET B 223 27.58 9.47 -27.21
CA MET B 223 27.78 8.18 -26.54
C MET B 223 27.53 7.07 -27.55
N ALA B 224 28.39 6.06 -27.55
CA ALA B 224 28.25 5.02 -28.55
C ALA B 224 28.88 3.69 -28.22
N HIS B 225 28.47 2.68 -29.01
CA HIS B 225 28.97 1.29 -28.94
C HIS B 225 28.71 0.57 -27.61
N ALA B 226 27.46 0.18 -27.37
CA ALA B 226 27.08 -0.50 -26.14
C ALA B 226 26.51 -1.84 -26.52
N ALA B 227 26.95 -2.88 -25.80
CA ALA B 227 26.48 -4.25 -26.03
C ALA B 227 25.26 -4.50 -25.14
N THR B 228 24.20 -3.76 -25.38
CA THR B 228 22.98 -3.89 -24.60
C THR B 228 22.19 -5.12 -25.01
N PRO B 229 21.57 -5.78 -24.03
CA PRO B 229 20.76 -6.99 -24.24
C PRO B 229 19.31 -6.72 -24.68
N TRP B 230 18.66 -7.75 -25.19
CA TRP B 230 17.27 -7.73 -25.65
C TRP B 230 16.48 -7.32 -24.39
N ALA B 231 15.62 -6.30 -24.55
CA ALA B 231 14.92 -5.75 -23.39
C ALA B 231 13.40 -5.78 -23.43
N PRO B 232 12.82 -6.95 -23.16
CA PRO B 232 11.36 -7.06 -23.17
C PRO B 232 10.82 -6.52 -21.85
N PRO B 233 9.48 -6.29 -21.79
CA PRO B 233 8.88 -5.75 -20.54
C PRO B 233 8.91 -6.69 -19.34
N THR B 234 9.20 -7.96 -19.59
CA THR B 234 9.21 -9.01 -18.58
C THR B 234 10.63 -9.33 -18.07
N ALA B 235 11.61 -8.52 -18.45
CA ALA B 235 12.96 -8.77 -17.97
C ALA B 235 13.56 -7.47 -17.49
N ASP B 236 14.79 -7.57 -17.06
CA ASP B 236 15.54 -6.39 -16.68
C ASP B 236 15.69 -5.65 -18.03
N GLN B 237 15.69 -4.33 -18.02
CA GLN B 237 15.81 -3.58 -19.27
C GLN B 237 16.99 -2.60 -19.30
N PRO B 238 18.22 -3.12 -19.25
CA PRO B 238 19.31 -2.14 -19.27
C PRO B 238 19.46 -1.51 -20.65
N GLY B 239 20.14 -0.37 -20.69
CA GLY B 239 20.35 0.28 -21.96
C GLY B 239 21.76 0.86 -21.99
N LEU B 240 22.05 1.60 -23.08
CA LEU B 240 23.35 2.25 -23.21
C LEU B 240 23.43 3.33 -22.09
N ILE B 241 22.31 4.03 -21.86
CA ILE B 241 22.19 5.04 -20.81
C ILE B 241 20.76 4.92 -20.24
N GLY B 242 20.60 5.17 -18.94
CA GLY B 242 19.28 5.07 -18.34
C GLY B 242 19.32 5.29 -16.84
N PRO B 243 18.17 5.64 -16.20
CA PRO B 243 18.10 5.88 -14.76
C PRO B 243 18.09 4.65 -13.88
N ASN B 244 17.88 3.49 -14.51
CA ASN B 244 17.81 2.22 -13.76
C ASN B 244 16.86 2.33 -12.56
N TRP B 245 15.56 2.49 -12.84
CA TRP B 245 14.53 2.46 -11.79
C TRP B 245 14.70 3.55 -10.75
N SER B 246 14.57 4.80 -11.17
CA SER B 246 14.71 5.93 -10.25
C SER B 246 13.80 7.05 -10.78
N LYS B 247 14.01 8.25 -10.26
CA LYS B 247 13.17 9.38 -10.65
C LYS B 247 13.93 10.70 -10.97
N GLY B 248 13.36 11.46 -11.89
CA GLY B 248 13.86 12.77 -12.22
C GLY B 248 15.13 13.00 -13.01
N TRP B 249 15.47 12.09 -13.91
CA TRP B 249 16.66 12.30 -14.71
C TRP B 249 16.37 13.28 -15.84
N ILE B 250 17.41 13.94 -16.34
CA ILE B 250 17.27 14.80 -17.48
C ILE B 250 18.40 14.37 -18.44
N ILE B 251 18.01 13.73 -19.54
CA ILE B 251 19.00 13.29 -20.54
C ILE B 251 18.81 14.23 -21.74
N GLU B 252 19.77 15.12 -21.96
CA GLU B 252 19.58 16.13 -23.01
C GLU B 252 20.84 16.48 -23.83
N ASP B 253 20.63 16.96 -25.05
CA ASP B 253 21.69 17.41 -25.97
C ASP B 253 22.80 16.38 -26.21
N ASN B 254 22.43 15.11 -26.23
CA ASN B 254 23.42 14.07 -26.48
C ASN B 254 23.24 13.48 -27.86
N ILE B 255 24.31 12.88 -28.37
CA ILE B 255 24.26 12.19 -29.63
C ILE B 255 24.54 10.74 -29.22
N ILE B 256 23.56 9.87 -29.42
CA ILE B 256 23.64 8.48 -29.01
C ILE B 256 23.47 7.51 -30.18
N HIS B 257 24.40 6.58 -30.32
CA HIS B 257 24.24 5.64 -31.40
C HIS B 257 24.93 4.31 -31.18
N ASP B 258 24.62 3.37 -32.06
CA ASP B 258 25.16 2.01 -32.00
C ASP B 258 25.00 1.28 -30.68
N ALA B 259 23.77 1.24 -30.18
CA ALA B 259 23.45 0.44 -28.99
C ALA B 259 23.03 -0.88 -29.66
N LYS B 260 23.55 -2.02 -29.20
CA LYS B 260 23.16 -3.28 -29.82
C LYS B 260 21.64 -3.43 -29.90
N CYS B 261 20.98 -3.25 -28.76
CA CYS B 261 19.53 -3.34 -28.71
C CYS B 261 18.97 -1.95 -28.42
N SER B 262 18.69 -1.61 -27.15
CA SER B 262 18.13 -0.29 -26.89
C SER B 262 19.16 0.71 -26.41
N ALA B 263 19.00 1.97 -26.81
CA ALA B 263 19.90 3.07 -26.42
C ALA B 263 19.55 3.65 -25.07
N ILE B 264 18.46 4.40 -24.99
CA ILE B 264 18.08 4.96 -23.71
C ILE B 264 16.98 4.10 -23.12
N SER B 265 17.19 3.66 -21.89
CA SER B 265 16.18 2.87 -21.23
C SER B 265 15.59 3.58 -20.01
N ILE B 266 14.25 3.70 -19.96
CA ILE B 266 13.61 4.22 -18.79
C ILE B 266 12.69 3.05 -18.40
N GLY B 267 13.25 1.84 -18.45
CA GLY B 267 12.52 0.61 -18.16
C GLY B 267 12.56 0.07 -16.74
N LYS B 268 12.32 -1.22 -16.59
CA LYS B 268 12.30 -1.79 -15.25
C LYS B 268 13.56 -2.60 -14.90
N GLU B 269 13.66 -3.08 -13.66
CA GLU B 269 14.83 -3.86 -13.26
C GLU B 269 14.47 -5.33 -13.06
N ALA B 270 15.46 -6.16 -12.82
CA ALA B 270 15.25 -7.60 -12.72
C ALA B 270 14.34 -8.23 -11.66
N THR B 271 14.30 -7.66 -10.46
CA THR B 271 13.55 -8.25 -9.35
C THR B 271 12.07 -8.38 -9.52
N THR B 272 11.48 -7.55 -10.38
CA THR B 272 10.05 -7.64 -10.62
C THR B 272 9.71 -8.67 -11.69
N GLY B 273 10.73 -9.28 -12.31
CA GLY B 273 10.48 -10.30 -13.34
C GLY B 273 11.62 -10.40 -14.32
N ASN B 274 12.09 -11.61 -14.62
CA ASN B 274 13.24 -11.70 -15.52
C ASN B 274 13.21 -12.89 -16.51
N ASN B 275 12.47 -12.70 -17.61
CA ASN B 275 12.33 -13.70 -18.69
C ASN B 275 11.80 -15.05 -18.15
N TYR B 276 10.89 -15.01 -17.17
CA TYR B 276 10.38 -16.26 -16.62
C TYR B 276 9.74 -17.11 -17.74
N ARG B 277 9.03 -16.51 -18.68
CA ARG B 277 8.46 -17.33 -19.74
C ARG B 277 9.59 -18.11 -20.45
N SER B 278 10.64 -17.43 -20.82
CA SER B 278 11.73 -18.08 -21.54
C SER B 278 12.52 -19.06 -20.71
N ILE B 279 12.60 -18.78 -19.42
CA ILE B 279 13.38 -19.65 -18.56
C ILE B 279 12.60 -20.77 -17.90
N ARG B 280 11.39 -20.48 -17.40
CA ARG B 280 10.61 -21.52 -16.73
C ARG B 280 9.71 -22.21 -17.73
N LYS B 281 9.24 -21.47 -18.72
CA LYS B 281 8.41 -22.09 -19.73
C LYS B 281 7.05 -22.63 -19.35
N ASP B 282 6.53 -22.27 -18.17
CA ASP B 282 5.24 -22.77 -17.69
C ASP B 282 4.03 -21.86 -17.94
N LYS B 283 4.30 -20.61 -18.23
CA LYS B 283 3.27 -19.60 -18.47
C LYS B 283 3.78 -18.64 -19.54
N PRO B 284 2.88 -18.03 -20.32
CA PRO B 284 3.36 -17.09 -21.36
C PRO B 284 3.83 -15.72 -20.82
N GLY B 285 4.59 -14.99 -21.66
CA GLY B 285 5.07 -13.67 -21.29
C GLY B 285 3.89 -12.77 -20.93
N TYR B 286 2.76 -12.99 -21.60
CA TYR B 286 1.57 -12.21 -21.30
C TYR B 286 1.21 -12.29 -19.79
N GLN B 287 1.24 -13.51 -19.27
CA GLN B 287 0.86 -13.77 -17.89
C GLN B 287 1.90 -13.21 -16.91
N TYR B 288 3.16 -13.40 -17.25
CA TYR B 288 4.25 -12.90 -16.43
C TYR B 288 4.32 -11.37 -16.47
N GLN B 289 3.90 -10.78 -17.59
CA GLN B 289 3.93 -9.33 -17.70
C GLN B 289 2.88 -8.69 -16.76
N LEU B 290 1.64 -9.19 -16.79
CA LEU B 290 0.62 -8.57 -15.94
C LEU B 290 1.03 -8.75 -14.45
N GLU B 291 1.72 -9.85 -14.15
CA GLU B 291 2.20 -10.09 -12.78
C GLU B 291 3.29 -9.09 -12.41
N ALA B 292 4.21 -8.80 -13.35
CA ALA B 292 5.30 -7.84 -13.11
C ALA B 292 4.75 -6.48 -12.67
N VAL B 293 3.61 -6.09 -13.23
CA VAL B 293 3.01 -4.82 -12.85
C VAL B 293 2.71 -4.82 -11.35
N PHE B 294 2.09 -5.88 -10.83
CA PHE B 294 1.79 -5.94 -9.41
C PHE B 294 3.05 -6.08 -8.54
N ASN B 295 4.06 -6.79 -9.05
CA ASN B 295 5.31 -6.96 -8.33
C ASN B 295 5.94 -5.55 -8.19
N ALA B 296 5.97 -4.77 -9.28
CA ALA B 296 6.54 -3.41 -9.21
C ALA B 296 5.76 -2.54 -8.20
N LYS B 297 4.45 -2.67 -8.21
CA LYS B 297 3.61 -1.89 -7.32
C LYS B 297 4.02 -2.18 -5.87
N ARG B 298 4.26 -3.44 -5.53
CA ARG B 298 4.72 -3.75 -4.17
C ARG B 298 6.15 -3.27 -3.98
N ASN B 299 6.89 -3.06 -5.05
CA ASN B 299 8.28 -2.62 -4.94
C ASN B 299 8.33 -1.06 -5.04
N GLY B 300 7.21 -0.42 -4.73
CA GLY B 300 7.13 1.03 -4.77
C GLY B 300 6.95 1.79 -6.09
N TRP B 301 6.55 1.12 -7.17
CA TRP B 301 6.35 1.81 -8.47
C TRP B 301 5.21 2.82 -8.26
N SER B 302 5.56 4.09 -8.27
CA SER B 302 4.58 5.15 -8.03
C SER B 302 5.23 6.46 -8.41
N LYS B 303 4.41 7.49 -8.59
CA LYS B 303 4.94 8.79 -8.98
C LYS B 303 5.94 9.34 -7.96
N GLU B 304 5.78 8.99 -6.69
CA GLU B 304 6.71 9.49 -5.65
C GLU B 304 8.11 8.93 -5.80
N LYS B 305 8.23 7.78 -6.46
CA LYS B 305 9.55 7.15 -6.54
C LYS B 305 10.15 6.81 -7.92
N ILE B 306 9.31 6.75 -8.95
CA ILE B 306 9.78 6.29 -10.24
C ILE B 306 9.27 7.15 -11.38
N GLY B 307 10.13 7.46 -12.34
CA GLY B 307 9.67 8.23 -13.50
C GLY B 307 9.94 9.71 -13.48
N SER B 308 9.06 10.45 -14.13
CA SER B 308 9.21 11.89 -14.24
C SER B 308 10.58 12.25 -14.84
N HIS B 309 11.02 11.47 -15.81
CA HIS B 309 12.32 11.74 -16.46
C HIS B 309 12.05 12.66 -17.66
N ILE B 310 13.08 13.31 -18.18
CA ILE B 310 12.93 14.19 -19.33
C ILE B 310 14.02 13.79 -20.30
N ILE B 311 13.63 13.52 -21.55
CA ILE B 311 14.58 13.10 -22.59
C ILE B 311 14.34 14.11 -23.70
N ARG B 312 15.26 15.05 -23.84
CA ARG B 312 15.06 16.08 -24.83
C ARG B 312 16.29 16.50 -25.64
N ASN B 313 16.06 16.98 -26.85
CA ASN B 313 17.12 17.48 -27.72
C ASN B 313 18.26 16.51 -27.99
N ASN B 314 17.97 15.21 -28.07
CA ASN B 314 19.02 14.24 -28.37
C ASN B 314 18.84 13.76 -29.82
N THR B 315 19.89 13.15 -30.36
CA THR B 315 19.85 12.55 -31.68
C THR B 315 20.27 11.11 -31.36
N ILE B 316 19.45 10.15 -31.77
CA ILE B 316 19.68 8.77 -31.43
C ILE B 316 19.46 7.91 -32.65
N TYR B 317 20.48 7.16 -33.06
CA TYR B 317 20.29 6.37 -34.27
C TYR B 317 21.14 5.12 -34.31
N ASP B 318 20.91 4.26 -35.30
CA ASP B 318 21.68 3.03 -35.45
C ASP B 318 21.67 2.11 -34.22
N CYS B 319 20.48 1.76 -33.74
CA CYS B 319 20.30 0.86 -32.62
C CYS B 319 19.49 -0.31 -33.12
N GLY B 320 19.70 -1.48 -32.53
CA GLY B 320 19.04 -2.66 -33.04
C GLY B 320 17.67 -2.95 -32.50
N GLN B 321 17.32 -2.41 -31.34
CA GLN B 321 15.98 -2.65 -30.79
C GLN B 321 15.20 -1.35 -30.69
N ASN B 322 15.73 -0.34 -30.01
CA ASN B 322 15.04 0.95 -29.88
C ASN B 322 15.98 2.11 -29.62
N ALA B 323 15.49 3.32 -29.91
CA ALA B 323 16.23 4.51 -29.53
C ALA B 323 15.88 4.72 -28.03
N ILE B 324 14.60 4.55 -27.68
CA ILE B 324 14.12 4.69 -26.31
C ILE B 324 13.20 3.49 -25.98
N VAL B 325 13.40 2.87 -24.82
CA VAL B 325 12.61 1.69 -24.46
C VAL B 325 12.23 1.80 -22.99
N GLY B 326 11.21 1.04 -22.55
CA GLY B 326 10.90 1.07 -21.14
C GLY B 326 9.52 0.63 -20.70
N HIS B 327 9.47 -0.30 -19.75
CA HIS B 327 8.22 -0.77 -19.19
C HIS B 327 8.23 -0.26 -17.73
N LEU B 328 7.14 0.39 -17.31
CA LEU B 328 6.97 0.94 -15.96
C LEU B 328 7.90 2.10 -15.52
N GLY B 329 9.19 2.01 -15.85
CA GLY B 329 10.15 3.00 -15.41
C GLY B 329 10.01 4.40 -15.98
N GLY B 330 9.16 4.52 -17.01
CA GLY B 330 9.00 5.82 -17.66
C GLY B 330 7.74 6.61 -17.35
N VAL B 331 6.97 6.17 -16.37
CA VAL B 331 5.76 6.88 -16.03
C VAL B 331 6.01 8.35 -15.75
N PHE B 332 5.06 9.16 -16.23
CA PHE B 332 5.07 10.60 -16.08
C PHE B 332 6.25 11.32 -16.74
N SER B 333 6.97 10.66 -17.62
CA SER B 333 8.11 11.31 -18.29
C SER B 333 7.69 12.17 -19.48
N GLU B 334 8.65 12.96 -20.01
CA GLU B 334 8.43 13.82 -21.19
C GLU B 334 9.57 13.52 -22.18
N ILE B 335 9.24 13.35 -23.45
CA ILE B 335 10.22 13.01 -24.47
C ILE B 335 10.00 13.99 -25.60
N TYR B 336 10.92 14.92 -25.80
CA TYR B 336 10.66 15.87 -26.86
C TYR B 336 11.89 16.47 -27.54
N ASN B 337 11.68 16.98 -28.75
CA ASN B 337 12.74 17.58 -29.56
C ASN B 337 13.87 16.60 -29.83
N ASN B 338 13.56 15.31 -29.94
CA ASN B 338 14.62 14.34 -30.23
C ASN B 338 14.56 13.99 -31.69
N HIS B 339 15.71 13.60 -32.25
CA HIS B 339 15.81 13.21 -33.64
C HIS B 339 16.19 11.74 -33.57
N ILE B 340 15.25 10.88 -33.98
CA ILE B 340 15.45 9.44 -33.94
C ILE B 340 15.36 8.83 -35.31
N TYR B 341 16.39 8.06 -35.70
CA TYR B 341 16.35 7.44 -37.01
C TYR B 341 17.24 6.21 -37.11
N ASN B 342 17.07 5.43 -38.19
CA ASN B 342 17.84 4.22 -38.45
C ASN B 342 17.77 3.26 -37.29
N ILE B 343 16.56 2.95 -36.87
CA ILE B 343 16.39 2.03 -35.77
C ILE B 343 15.96 0.69 -36.29
N ALA B 344 16.79 -0.32 -36.03
CA ALA B 344 16.55 -1.73 -36.38
C ALA B 344 16.50 -2.03 -37.89
N LEU B 345 17.24 -1.27 -38.68
CA LEU B 345 17.25 -1.48 -40.10
C LEU B 345 18.13 -2.63 -40.55
N LYS B 346 19.16 -3.00 -39.77
CA LYS B 346 20.01 -4.15 -40.19
C LYS B 346 19.25 -5.47 -40.09
N ARG B 347 18.24 -5.50 -39.23
CA ARG B 347 17.42 -6.68 -39.02
C ARG B 347 18.26 -7.95 -38.79
N GLU B 348 19.27 -7.88 -37.91
CA GLU B 348 20.08 -9.06 -37.63
C GLU B 348 19.26 -9.99 -36.73
N PHE B 349 18.27 -9.44 -36.01
CA PHE B 349 17.42 -10.24 -35.15
C PHE B 349 16.09 -9.52 -35.13
N TYR B 350 15.04 -10.25 -34.80
CA TYR B 350 13.72 -9.66 -34.80
C TYR B 350 12.88 -10.20 -33.66
N GLY B 351 11.91 -9.39 -33.25
CA GLY B 351 10.99 -9.80 -32.19
C GLY B 351 10.02 -8.66 -31.87
N HIS B 352 9.06 -8.93 -31.00
CA HIS B 352 8.05 -7.93 -30.67
C HIS B 352 8.45 -6.83 -29.65
N GLU B 353 9.64 -6.26 -29.79
CA GLU B 353 10.03 -5.22 -28.86
C GLU B 353 10.74 -4.10 -29.61
N ILE B 354 10.69 -4.16 -30.93
CA ILE B 354 11.39 -3.20 -31.77
C ILE B 354 10.59 -1.98 -32.21
N ALA B 355 11.17 -0.79 -32.04
CA ALA B 355 10.57 0.48 -32.45
C ALA B 355 11.49 1.65 -32.06
N GLY B 356 11.35 2.75 -32.79
CA GLY B 356 12.14 3.93 -32.49
C GLY B 356 12.01 4.21 -31.00
N ILE B 357 10.75 4.29 -30.56
CA ILE B 357 10.42 4.48 -29.18
C ILE B 357 9.41 3.40 -28.81
N LYS B 358 9.71 2.58 -27.81
CA LYS B 358 8.69 1.63 -27.37
C LYS B 358 8.50 1.78 -25.84
N LEU B 359 7.27 2.04 -25.41
CA LEU B 359 6.99 2.17 -23.98
C LEU B 359 5.77 1.38 -23.53
N HIS B 360 5.92 0.67 -22.42
CA HIS B 360 4.81 -0.07 -21.82
C HIS B 360 4.47 0.70 -20.55
N ALA B 361 3.17 0.91 -20.30
CA ALA B 361 2.73 1.67 -19.12
C ALA B 361 3.28 3.07 -19.17
N ALA B 362 3.12 3.74 -20.33
CA ALA B 362 3.57 5.12 -20.49
C ALA B 362 2.51 6.06 -19.87
N ILE B 363 2.23 5.86 -18.58
CA ILE B 363 1.20 6.67 -17.89
C ILE B 363 1.51 8.17 -17.90
N ASP B 364 0.59 8.96 -18.45
CA ASP B 364 0.76 10.42 -18.54
C ASP B 364 2.06 10.86 -19.23
N VAL B 365 2.68 9.98 -20.01
CA VAL B 365 3.90 10.38 -20.71
C VAL B 365 3.58 11.37 -21.88
N GLN B 366 4.39 12.42 -22.01
CA GLN B 366 4.20 13.41 -23.09
C GLN B 366 5.27 13.18 -24.16
N ILE B 367 4.88 12.85 -25.39
CA ILE B 367 5.85 12.58 -26.47
C ILE B 367 5.56 13.60 -27.54
N HIS B 368 6.38 14.64 -27.64
CA HIS B 368 6.06 15.69 -28.59
C HIS B 368 7.26 16.34 -29.29
N HIS B 369 7.00 16.90 -30.48
CA HIS B 369 8.05 17.57 -31.23
C HIS B 369 9.26 16.70 -31.54
N ASN B 370 9.02 15.43 -31.85
CA ASN B 370 10.11 14.52 -32.20
C ASN B 370 10.05 14.27 -33.71
N ARG B 371 11.23 14.04 -34.30
CA ARG B 371 11.39 13.76 -35.72
C ARG B 371 11.83 12.29 -35.74
N ILE B 372 10.99 11.42 -36.27
CA ILE B 372 11.27 9.99 -36.23
C ILE B 372 11.11 9.42 -37.61
N HIS B 373 12.20 8.92 -38.17
CA HIS B 373 12.12 8.42 -39.54
C HIS B 373 13.11 7.28 -39.79
N ASP B 374 12.89 6.55 -40.88
CA ASP B 374 13.75 5.43 -41.22
C ASP B 374 13.80 4.39 -40.10
N CYS B 375 12.64 4.02 -39.58
CA CYS B 375 12.54 2.99 -38.53
C CYS B 375 11.62 1.89 -39.07
N SER B 376 11.72 0.66 -38.58
CA SER B 376 10.79 -0.36 -39.06
C SER B 376 9.42 0.00 -38.45
N LEU B 377 9.44 0.68 -37.28
CA LEU B 377 8.22 1.14 -36.59
C LEU B 377 8.66 2.36 -35.78
N GLY B 378 7.98 3.49 -35.96
CA GLY B 378 8.33 4.72 -35.26
C GLY B 378 8.11 4.74 -33.76
N LEU B 379 6.88 4.46 -33.36
CA LEU B 379 6.48 4.50 -31.95
C LEU B 379 5.53 3.36 -31.61
N TRP B 380 5.79 2.71 -30.47
CA TRP B 380 4.97 1.60 -30.02
C TRP B 380 4.61 1.81 -28.54
N LEU B 381 3.32 2.03 -28.25
CA LEU B 381 2.83 2.20 -26.87
C LEU B 381 2.09 0.90 -26.68
N ASP B 382 2.57 0.12 -25.71
CA ASP B 382 2.10 -1.25 -25.48
C ASP B 382 1.72 -1.48 -24.02
N TRP B 383 0.41 -1.55 -23.76
CA TRP B 383 -0.17 -1.71 -22.42
C TRP B 383 -0.17 -0.37 -21.70
N GLU B 384 -1.27 -0.10 -21.02
CA GLU B 384 -1.38 1.04 -20.14
C GLU B 384 -0.97 2.43 -20.67
N ALA B 385 -1.34 2.71 -21.91
CA ALA B 385 -1.09 4.01 -22.49
C ALA B 385 -2.27 4.81 -21.92
N GLN B 386 -2.18 5.24 -20.66
CA GLN B 386 -3.28 5.99 -20.01
C GLN B 386 -2.79 7.40 -19.74
N GLY B 387 -3.45 8.38 -20.36
CA GLY B 387 -3.02 9.75 -20.18
C GLY B 387 -1.88 10.09 -21.12
N THR B 388 -1.40 9.12 -21.88
CA THR B 388 -0.29 9.36 -22.82
C THR B 388 -0.71 10.36 -23.91
N ARG B 389 0.17 11.29 -24.28
CA ARG B 389 -0.15 12.25 -25.31
C ARG B 389 0.98 12.27 -26.32
N VAL B 390 0.65 11.93 -27.56
CA VAL B 390 1.60 11.92 -28.66
C VAL B 390 1.20 13.16 -29.49
N SER B 391 2.00 14.20 -29.41
CA SER B 391 1.66 15.46 -30.05
C SER B 391 2.76 16.18 -30.86
N LYS B 392 2.34 16.78 -31.98
CA LYS B 392 3.23 17.55 -32.82
C LYS B 392 4.52 16.85 -33.24
N ASN B 393 4.44 15.55 -33.52
CA ASN B 393 5.64 14.79 -33.97
C ASN B 393 5.66 14.66 -35.51
N LEU B 394 6.83 14.43 -36.03
CA LEU B 394 7.03 14.28 -37.48
C LEU B 394 7.50 12.85 -37.80
N PHE B 395 6.60 12.04 -38.37
CA PHE B 395 6.89 10.67 -38.76
C PHE B 395 6.89 10.53 -40.30
N TYR B 396 8.01 10.05 -40.84
CA TYR B 396 8.14 9.80 -42.30
C TYR B 396 9.17 8.69 -42.61
N ASN B 397 9.03 8.09 -43.80
CA ASN B 397 9.92 7.03 -44.22
C ASN B 397 10.10 5.92 -43.20
N ASN B 398 9.02 5.51 -42.56
CA ASN B 398 9.09 4.38 -41.61
C ASN B 398 8.25 3.28 -42.24
N ASN B 399 8.51 2.02 -41.94
CA ASN B 399 7.65 1.01 -42.51
C ASN B 399 6.26 1.16 -41.87
N ARG B 400 6.20 1.62 -40.62
CA ARG B 400 4.94 1.86 -39.89
C ARG B 400 5.24 3.04 -38.97
N ASP B 401 4.28 3.96 -38.80
CA ASP B 401 4.53 5.08 -37.91
C ASP B 401 4.24 4.83 -36.43
N VAL B 402 2.96 4.59 -36.10
CA VAL B 402 2.51 4.40 -34.71
C VAL B 402 1.74 3.12 -34.43
N PHE B 403 1.92 2.54 -33.24
CA PHE B 403 1.25 1.32 -32.83
C PHE B 403 0.84 1.53 -31.38
N VAL B 404 -0.47 1.48 -31.11
CA VAL B 404 -0.97 1.63 -29.72
C VAL B 404 -1.68 0.31 -29.47
N GLU B 405 -1.09 -0.47 -28.58
CA GLU B 405 -1.56 -1.80 -28.30
C GLU B 405 -2.09 -2.07 -26.90
N VAL B 406 -3.15 -2.88 -26.85
CA VAL B 406 -3.87 -3.27 -25.61
C VAL B 406 -3.96 -2.22 -24.50
N SER B 407 -4.37 -1.03 -24.92
CA SER B 407 -4.57 0.08 -24.01
C SER B 407 -6.03 0.47 -24.03
N HIS B 408 -6.43 1.16 -22.98
CA HIS B 408 -7.81 1.57 -22.82
C HIS B 408 -7.93 3.08 -22.75
N GLY B 409 -6.82 3.79 -22.84
CA GLY B 409 -6.88 5.26 -22.80
C GLY B 409 -7.24 5.79 -21.43
N PRO B 410 -7.59 7.07 -21.33
CA PRO B 410 -7.66 8.02 -22.45
C PRO B 410 -6.27 8.38 -22.96
N TYR B 411 -6.01 8.19 -24.25
CA TYR B 411 -4.71 8.54 -24.82
C TYR B 411 -4.98 9.46 -26.01
N LEU B 412 -4.08 10.40 -26.23
CA LEU B 412 -4.25 11.42 -27.24
C LEU B 412 -3.14 11.41 -28.28
N VAL B 413 -3.53 11.52 -29.55
CA VAL B 413 -2.60 11.59 -30.68
C VAL B 413 -3.08 12.84 -31.45
N ASP B 414 -2.38 13.97 -31.29
CA ASP B 414 -2.83 15.21 -31.92
C ASP B 414 -1.75 16.02 -32.62
N HIS B 415 -2.17 16.74 -33.66
CA HIS B 415 -1.26 17.61 -34.41
C HIS B 415 0.00 16.94 -34.93
N ASN B 416 -0.07 15.64 -35.25
CA ASN B 416 1.09 14.96 -35.78
C ASN B 416 1.04 14.85 -37.31
N ILE B 417 2.20 14.59 -37.91
CA ILE B 417 2.27 14.32 -39.34
C ILE B 417 2.65 12.81 -39.38
N LEU B 418 1.72 11.95 -39.78
CA LEU B 418 2.01 10.53 -39.86
C LEU B 418 1.99 10.26 -41.35
N SER B 419 3.15 10.43 -41.98
CA SER B 419 3.21 10.32 -43.41
C SER B 419 3.52 8.99 -44.07
N SER B 420 3.85 7.95 -43.31
CA SER B 420 4.17 6.66 -43.93
C SER B 420 2.91 5.94 -44.45
N GLU B 421 3.11 4.95 -45.33
CA GLU B 421 2.00 4.19 -45.95
C GLU B 421 1.18 3.32 -45.03
N TYR B 422 1.81 2.90 -43.94
CA TYR B 422 1.17 2.09 -42.92
C TYR B 422 1.35 3.05 -41.73
N ALA B 423 0.31 3.84 -41.45
CA ALA B 423 0.41 4.86 -40.42
C ALA B 423 0.14 4.44 -39.00
N ILE B 424 -0.92 3.66 -38.82
CA ILE B 424 -1.39 3.29 -37.49
C ILE B 424 -1.82 1.85 -37.29
N ASP B 425 -1.29 1.21 -36.25
CA ASP B 425 -1.72 -0.11 -35.83
C ASP B 425 -2.48 0.27 -34.54
N ASN B 426 -3.79 0.03 -34.52
CA ASN B 426 -4.62 0.40 -33.38
C ASN B 426 -5.28 -0.88 -32.84
N MET B 427 -4.75 -1.35 -31.72
CA MET B 427 -5.27 -2.57 -31.10
C MET B 427 -5.63 -2.16 -29.68
N SER B 428 -6.27 -1.01 -29.64
CA SER B 428 -6.68 -0.39 -28.39
C SER B 428 -8.08 0.19 -28.50
N GLN B 429 -8.51 0.84 -27.41
CA GLN B 429 -9.78 1.58 -27.34
C GLN B 429 -9.45 2.82 -26.48
N GLY B 430 -10.34 3.81 -26.44
CA GLY B 430 -10.09 4.99 -25.64
C GLY B 430 -9.16 6.04 -26.23
N GLY B 431 -8.96 6.03 -27.54
CA GLY B 431 -8.08 7.02 -28.13
C GLY B 431 -8.79 8.24 -28.71
N ALA B 432 -8.06 9.35 -28.83
CA ALA B 432 -8.57 10.59 -29.43
C ALA B 432 -7.47 11.00 -30.45
N TYR B 433 -7.82 11.01 -31.75
CA TYR B 433 -6.92 11.38 -32.85
C TYR B 433 -7.45 12.74 -33.33
N ILE B 434 -6.72 13.80 -32.99
CA ILE B 434 -7.16 15.16 -33.25
C ILE B 434 -6.19 15.99 -34.10
N ASN B 435 -6.68 16.57 -35.19
CA ASN B 435 -5.87 17.47 -36.04
C ASN B 435 -4.53 16.89 -36.60
N ASN B 436 -4.55 15.61 -36.97
CA ASN B 436 -3.35 14.96 -37.54
C ASN B 436 -3.42 14.97 -39.08
N LEU B 437 -2.27 14.76 -39.72
CA LEU B 437 -2.20 14.57 -41.16
C LEU B 437 -1.87 13.06 -41.17
N ILE B 438 -2.76 12.24 -41.72
CA ILE B 438 -2.55 10.79 -41.69
C ILE B 438 -2.56 10.28 -43.12
N ALA B 439 -1.38 9.89 -43.62
CA ALA B 439 -1.26 9.48 -45.02
C ALA B 439 -1.06 8.01 -45.28
N GLY B 440 -1.56 7.15 -44.41
CA GLY B 440 -1.33 5.74 -44.62
C GLY B 440 -2.45 4.97 -43.98
N LYS B 441 -2.48 3.68 -44.18
CA LYS B 441 -3.57 2.94 -43.60
C LYS B 441 -3.53 2.77 -42.09
N MET B 442 -4.68 2.36 -41.58
CA MET B 442 -4.81 2.03 -40.17
C MET B 442 -5.35 0.61 -40.14
N ASN B 443 -4.70 -0.20 -39.30
CA ASN B 443 -5.11 -1.57 -39.06
C ASN B 443 -5.69 -1.51 -37.63
N GLN B 444 -7.00 -1.64 -37.50
CA GLN B 444 -7.64 -1.62 -36.20
C GLN B 444 -8.22 -3.01 -35.84
N ARG B 445 -7.86 -3.51 -34.66
CA ARG B 445 -8.33 -4.84 -34.26
C ARG B 445 -8.62 -4.99 -32.78
N LYS B 446 -9.63 -5.79 -32.46
CA LYS B 446 -10.00 -6.10 -31.08
C LYS B 446 -8.96 -7.04 -30.49
N VAL B 447 -8.90 -7.13 -29.18
CA VAL B 447 -8.01 -8.08 -28.53
C VAL B 447 -8.83 -8.66 -27.41
N LEU B 448 -9.45 -9.81 -27.70
CA LEU B 448 -10.32 -10.47 -26.77
C LEU B 448 -9.73 -11.61 -25.97
N ASN B 449 -8.45 -11.94 -26.14
CA ASN B 449 -7.89 -13.04 -25.34
C ASN B 449 -6.77 -12.55 -24.44
N ARG B 450 -6.65 -11.23 -24.29
CA ARG B 450 -5.64 -10.64 -23.39
C ARG B 450 -6.31 -9.50 -22.64
N SER B 451 -6.21 -9.53 -21.33
CA SER B 451 -6.82 -8.47 -20.54
C SER B 451 -5.63 -7.71 -19.94
N THR B 452 -5.73 -6.38 -19.87
CA THR B 452 -4.63 -5.55 -19.34
C THR B 452 -5.11 -4.46 -18.40
N GLN B 453 -4.24 -4.08 -17.48
CA GLN B 453 -4.56 -3.07 -16.48
C GLN B 453 -4.92 -1.67 -16.97
N TYR B 454 -5.75 -0.99 -16.16
CA TYR B 454 -6.01 0.44 -16.33
C TYR B 454 -5.86 0.98 -14.91
N HIS B 455 -5.75 2.30 -14.79
CA HIS B 455 -5.46 2.92 -13.52
C HIS B 455 -6.35 4.04 -13.03
N LEU B 456 -6.12 4.48 -11.79
CA LEU B 456 -6.82 5.67 -11.36
C LEU B 456 -6.08 6.78 -12.15
N PRO B 457 -6.75 7.90 -12.43
CA PRO B 457 -6.09 8.99 -13.18
C PRO B 457 -4.79 9.51 -12.56
N HIS B 458 -3.79 9.79 -13.40
CA HIS B 458 -2.54 10.38 -12.92
C HIS B 458 -1.87 9.61 -11.81
N SER B 459 -1.95 8.29 -11.88
CA SER B 459 -1.41 7.48 -10.82
C SER B 459 -1.04 6.08 -11.33
N THR B 460 -0.21 5.36 -10.56
CA THR B 460 0.10 4.00 -10.95
C THR B 460 -0.89 3.02 -10.23
N GLU B 461 -1.73 3.55 -9.36
CA GLU B 461 -2.73 2.68 -8.68
C GLU B 461 -3.54 1.92 -9.72
N VAL B 462 -3.75 0.64 -9.49
CA VAL B 462 -4.49 -0.17 -10.44
C VAL B 462 -5.98 -0.05 -10.16
N ALA B 463 -6.74 0.28 -11.19
CA ALA B 463 -8.18 0.42 -11.03
C ALA B 463 -8.94 -0.83 -11.51
N GLY B 464 -8.36 -1.52 -12.49
CA GLY B 464 -9.00 -2.70 -13.03
C GLY B 464 -8.20 -3.26 -14.18
N PHE B 465 -8.81 -4.10 -15.01
CA PHE B 465 -8.14 -4.59 -16.18
C PHE B 465 -9.26 -4.92 -17.16
N ALA B 466 -8.93 -4.94 -18.44
CA ALA B 466 -9.93 -5.15 -19.44
C ALA B 466 -9.41 -5.63 -20.79
N PHE B 467 -10.30 -6.30 -21.52
CA PHE B 467 -10.02 -6.72 -22.91
C PHE B 467 -10.20 -5.48 -23.78
N VAL B 468 -9.73 -5.55 -25.02
CA VAL B 468 -9.96 -4.42 -25.93
C VAL B 468 -11.14 -4.86 -26.81
N TYR B 469 -12.29 -4.25 -26.59
CA TYR B 469 -13.47 -4.57 -27.38
C TYR B 469 -13.50 -3.81 -28.72
N GLY B 470 -12.62 -2.80 -28.89
CA GLY B 470 -12.58 -2.05 -30.15
C GLY B 470 -13.51 -0.84 -30.16
N GLY B 471 -13.11 0.19 -30.88
CA GLY B 471 -13.93 1.38 -30.89
C GLY B 471 -13.65 2.24 -29.66
N ASP B 472 -14.62 3.07 -29.31
CA ASP B 472 -14.48 4.03 -28.23
C ASP B 472 -13.28 4.89 -28.55
N ASP B 473 -13.23 5.36 -29.79
CA ASP B 473 -12.16 6.26 -30.27
C ASP B 473 -12.79 7.55 -30.78
N ARG B 474 -12.03 8.64 -30.77
CA ARG B 474 -12.49 9.94 -31.30
C ARG B 474 -11.58 10.36 -32.47
N PHE B 475 -12.18 10.87 -33.54
CA PHE B 475 -11.39 11.35 -34.67
C PHE B 475 -11.98 12.67 -35.12
N TYR B 476 -11.23 13.76 -34.90
CA TYR B 476 -11.70 15.07 -35.30
C TYR B 476 -10.62 15.88 -36.02
N ASN B 477 -11.03 16.58 -37.09
CA ASN B 477 -10.13 17.48 -37.81
C ASN B 477 -8.88 16.85 -38.43
N ASN B 478 -8.94 15.57 -38.78
CA ASN B 478 -7.80 14.93 -39.41
C ASN B 478 -7.91 15.01 -40.91
N ILE B 479 -6.76 15.05 -41.58
CA ILE B 479 -6.71 15.03 -43.02
C ILE B 479 -6.18 13.63 -43.30
N PHE B 480 -6.98 12.81 -43.98
CA PHE B 480 -6.57 11.47 -44.33
C PHE B 480 -6.26 11.47 -45.83
N ILE B 481 -5.14 10.85 -46.22
CA ILE B 481 -4.77 10.77 -47.61
C ILE B 481 -4.51 9.32 -48.01
N GLY B 482 -5.26 8.82 -48.98
CA GLY B 482 -5.10 7.45 -49.44
C GLY B 482 -4.03 7.36 -50.52
N LYS B 483 -3.97 6.22 -51.19
CA LYS B 483 -2.97 6.00 -52.20
C LYS B 483 -3.48 4.83 -53.03
N GLU B 484 -3.17 4.84 -54.32
CA GLU B 484 -3.64 3.77 -55.20
C GLU B 484 -3.28 2.38 -54.73
N GLY B 485 -4.30 1.55 -54.58
CA GLY B 485 -4.10 0.17 -54.14
C GLY B 485 -3.92 -0.01 -52.64
N LEU B 486 -3.87 1.09 -51.87
CA LEU B 486 -3.70 1.02 -50.42
C LEU B 486 -5.07 1.02 -49.79
N GLU B 487 -5.33 0.02 -48.98
CA GLU B 487 -6.66 -0.06 -48.36
C GLU B 487 -6.63 0.38 -46.91
N ASN B 488 -7.82 0.55 -46.37
CA ASN B 488 -8.02 0.91 -44.98
C ASN B 488 -7.46 2.23 -44.48
N VAL B 489 -7.48 3.27 -45.33
CA VAL B 489 -7.05 4.60 -44.89
C VAL B 489 -8.37 5.33 -44.55
N GLY B 490 -8.42 5.96 -43.38
CA GLY B 490 -9.65 6.65 -43.03
C GLY B 490 -10.27 6.18 -41.73
N THR B 491 -11.60 6.23 -41.67
CA THR B 491 -12.33 5.84 -40.50
C THR B 491 -13.47 4.85 -40.79
N SER B 492 -13.55 4.29 -42.00
CA SER B 492 -14.64 3.36 -42.29
C SER B 492 -14.53 2.12 -41.43
N HIS B 493 -13.36 1.90 -40.83
CA HIS B 493 -13.13 0.77 -39.96
C HIS B 493 -14.23 0.65 -38.89
N TYR B 494 -14.74 1.78 -38.43
CA TYR B 494 -15.76 1.80 -37.38
C TYR B 494 -17.19 1.75 -37.84
N ASN B 495 -17.43 1.36 -39.09
CA ASN B 495 -18.81 1.38 -39.58
C ASN B 495 -19.89 0.72 -38.73
N ASN B 496 -19.56 -0.33 -38.00
CA ASN B 496 -20.62 -0.91 -37.15
C ASN B 496 -20.75 -0.31 -35.75
N CYS B 497 -19.99 0.73 -35.45
CA CYS B 497 -20.07 1.30 -34.11
C CYS B 497 -21.28 2.18 -33.82
N THR B 498 -21.66 2.30 -32.55
CA THR B 498 -22.73 3.19 -32.17
C THR B 498 -22.05 4.59 -32.25
N THR B 499 -22.83 5.67 -32.15
CA THR B 499 -22.27 7.01 -32.28
C THR B 499 -22.29 7.91 -31.04
N SER B 500 -22.64 7.34 -29.88
CA SER B 500 -22.61 8.11 -28.65
C SER B 500 -22.71 7.13 -27.53
N LEU B 501 -22.23 7.51 -26.36
CA LEU B 501 -22.33 6.62 -25.23
C LEU B 501 -23.82 6.43 -24.92
N GLU B 502 -24.66 7.43 -25.17
CA GLU B 502 -26.11 7.26 -24.90
C GLU B 502 -26.68 6.16 -25.77
N GLU B 503 -26.31 6.15 -27.05
CA GLU B 503 -26.84 5.10 -27.93
C GLU B 503 -26.38 3.71 -27.49
N TYR B 504 -25.11 3.62 -27.10
CA TYR B 504 -24.56 2.36 -26.65
C TYR B 504 -25.33 1.79 -25.45
N ILE B 505 -25.53 2.63 -24.44
CA ILE B 505 -26.23 2.24 -23.22
C ILE B 505 -27.69 1.83 -23.50
N GLU B 506 -28.37 2.60 -24.34
CA GLU B 506 -29.74 2.30 -24.70
C GLU B 506 -29.80 0.94 -25.36
N LYS B 507 -28.91 0.71 -26.32
CA LYS B 507 -28.94 -0.57 -27.01
C LYS B 507 -28.55 -1.74 -26.11
N VAL B 508 -27.56 -1.56 -25.23
CA VAL B 508 -27.17 -2.66 -24.37
C VAL B 508 -28.30 -2.97 -23.39
N ASN B 509 -29.00 -1.94 -22.98
CA ASN B 509 -30.00 -2.19 -22.00
C ASN B 509 -31.39 -2.54 -22.54
N GLU B 510 -31.45 -2.88 -23.82
CA GLU B 510 -32.72 -3.27 -24.44
C GLU B 510 -33.22 -4.59 -23.82
N VAL B 511 -32.34 -5.55 -23.57
CA VAL B 511 -32.76 -6.79 -22.93
C VAL B 511 -31.90 -6.99 -21.70
N PRO B 512 -32.52 -7.40 -20.59
CA PRO B 512 -31.80 -7.62 -19.34
C PRO B 512 -30.67 -8.62 -19.52
N GLY B 513 -29.66 -8.49 -18.65
CA GLY B 513 -28.50 -9.37 -18.67
C GLY B 513 -27.29 -8.63 -18.13
N ASP B 514 -26.12 -9.25 -18.28
CA ASP B 514 -24.90 -8.60 -17.85
C ASP B 514 -23.87 -8.55 -19.00
N LEU B 515 -22.67 -9.10 -18.76
CA LEU B 515 -21.61 -9.05 -19.75
C LEU B 515 -22.02 -9.43 -21.18
N GLY B 516 -22.72 -10.55 -21.36
CA GLY B 516 -23.13 -10.93 -22.72
C GLY B 516 -23.92 -9.85 -23.46
N GLU B 517 -24.76 -9.13 -22.73
CA GLU B 517 -25.52 -8.05 -23.36
C GLU B 517 -24.56 -6.93 -23.79
N PHE B 518 -23.58 -6.59 -22.95
CA PHE B 518 -22.65 -5.53 -23.34
C PHE B 518 -21.81 -5.98 -24.55
N GLU B 519 -21.42 -7.25 -24.55
CA GLU B 519 -20.59 -7.72 -25.63
C GLU B 519 -21.26 -7.69 -27.00
N ARG B 520 -22.58 -7.83 -27.09
CA ARG B 520 -23.20 -7.82 -28.42
C ARG B 520 -23.38 -6.42 -29.04
N VAL B 521 -23.07 -5.35 -28.31
CA VAL B 521 -23.19 -3.98 -28.85
C VAL B 521 -21.79 -3.39 -29.12
N GLU B 522 -21.61 -2.78 -30.29
CA GLU B 522 -20.29 -2.20 -30.59
C GLU B 522 -20.14 -0.85 -29.84
N GLN B 523 -18.97 -0.60 -29.26
CA GLN B 523 -18.70 0.65 -28.53
C GLN B 523 -18.86 1.88 -29.43
N PRO B 524 -19.13 3.04 -28.82
CA PRO B 524 -19.31 4.26 -29.60
C PRO B 524 -18.05 4.85 -30.17
N VAL B 525 -18.16 5.59 -31.28
CA VAL B 525 -17.04 6.36 -31.84
C VAL B 525 -17.54 7.79 -32.02
N TYR B 526 -16.62 8.74 -31.87
CA TYR B 526 -16.94 10.16 -31.95
C TYR B 526 -16.13 10.71 -33.12
N ILE B 527 -16.74 10.78 -34.29
CA ILE B 527 -16.02 11.18 -35.52
C ILE B 527 -16.68 12.31 -36.30
N ASN B 528 -15.94 13.39 -36.53
CA ASN B 528 -16.48 14.49 -37.27
C ASN B 528 -15.41 15.48 -37.73
N LYS B 529 -15.78 16.22 -38.76
CA LYS B 529 -14.90 17.24 -39.34
C LYS B 529 -13.55 16.73 -39.89
N ASN B 530 -13.54 15.53 -40.49
CA ASN B 530 -12.32 15.03 -41.10
C ASN B 530 -12.39 15.18 -42.64
N ALA B 531 -11.24 15.22 -43.30
CA ALA B 531 -11.20 15.27 -44.78
C ALA B 531 -10.60 13.93 -45.22
N TYR B 532 -11.05 13.43 -46.37
CA TYR B 532 -10.62 12.16 -46.94
C TYR B 532 -10.28 12.33 -48.42
N PHE B 533 -8.99 12.22 -48.76
CA PHE B 533 -8.56 12.43 -50.14
C PHE B 533 -7.91 11.21 -50.74
N ASN B 534 -7.91 11.18 -52.06
CA ASN B 534 -7.19 10.17 -52.81
C ASN B 534 -7.48 8.74 -52.40
N GLY B 535 -8.73 8.44 -52.07
CA GLY B 535 -9.05 7.07 -51.72
C GLY B 535 -9.30 6.73 -50.26
N ALA B 536 -8.97 7.65 -49.34
CA ALA B 536 -9.25 7.42 -47.93
C ALA B 536 -10.81 7.37 -47.83
N GLU B 537 -11.32 6.57 -46.92
CA GLU B 537 -12.76 6.38 -46.74
C GLU B 537 -13.23 6.74 -45.35
N PRO B 538 -14.39 7.41 -45.25
CA PRO B 538 -14.96 7.84 -43.97
C PRO B 538 -15.89 6.87 -43.28
N PHE B 539 -16.04 7.07 -41.98
CA PHE B 539 -17.01 6.35 -41.15
C PHE B 539 -18.36 6.75 -41.84
N GLU B 540 -19.17 5.78 -42.18
CA GLU B 540 -20.44 6.06 -42.85
C GLU B 540 -21.33 7.04 -42.11
N LYS B 541 -21.36 7.00 -40.78
CA LYS B 541 -22.26 7.93 -40.08
C LYS B 541 -21.66 9.27 -39.67
N GLU B 542 -20.51 9.65 -40.24
CA GLU B 542 -19.89 10.92 -39.85
C GLU B 542 -20.76 12.01 -40.42
N LYS B 543 -21.11 13.00 -39.62
CA LYS B 543 -21.98 14.03 -40.15
C LYS B 543 -21.34 15.13 -40.99
N ASP B 544 -20.21 15.68 -40.60
CA ASP B 544 -19.64 16.77 -41.37
C ASP B 544 -18.24 16.43 -41.84
N ASN B 545 -18.09 16.06 -43.11
CA ASN B 545 -16.75 15.75 -43.62
C ASN B 545 -16.55 16.19 -45.06
N LEU B 546 -15.33 16.07 -45.57
CA LEU B 546 -15.04 16.43 -46.95
C LEU B 546 -14.41 15.19 -47.55
N VAL B 547 -15.04 14.63 -48.59
CA VAL B 547 -14.51 13.44 -49.22
C VAL B 547 -14.25 13.73 -50.69
N LYS B 548 -12.99 13.61 -51.14
CA LYS B 548 -12.67 13.87 -52.53
C LYS B 548 -11.75 12.77 -52.95
N LYS B 549 -12.38 11.68 -53.39
CA LYS B 549 -11.63 10.49 -53.78
C LYS B 549 -10.70 10.72 -54.94
N ASP B 550 -11.04 11.65 -55.82
CA ASP B 550 -10.18 11.89 -56.97
C ASP B 550 -9.18 13.00 -56.78
N PHE B 551 -9.13 13.59 -55.60
CA PHE B 551 -8.15 14.63 -55.37
C PHE B 551 -6.87 14.01 -54.80
N ASP B 552 -5.75 14.31 -55.47
CA ASP B 552 -4.44 13.82 -55.09
C ASP B 552 -3.56 14.93 -54.50
N PRO B 553 -3.35 14.92 -53.18
CA PRO B 553 -2.56 15.93 -52.49
C PRO B 553 -1.08 15.90 -52.82
N LYS B 554 -0.60 14.82 -53.44
CA LYS B 554 0.82 14.68 -53.79
C LYS B 554 1.70 15.11 -52.63
N LEU B 555 1.42 14.53 -51.47
CA LEU B 555 2.18 14.80 -50.27
C LEU B 555 3.63 14.31 -50.46
N ALA B 556 4.57 15.07 -49.94
CA ALA B 556 5.96 14.64 -50.01
C ALA B 556 6.63 15.33 -48.82
N ILE B 557 7.51 14.61 -48.15
CA ILE B 557 8.26 15.13 -47.02
C ILE B 557 9.65 15.24 -47.63
N ILE B 558 10.19 16.45 -47.72
CA ILE B 558 11.51 16.67 -48.29
C ILE B 558 12.52 16.87 -47.16
N ASP B 559 13.39 15.89 -46.98
CA ASP B 559 14.40 15.91 -45.92
C ASP B 559 15.68 16.48 -46.50
N GLU B 560 16.08 17.67 -46.06
CA GLU B 560 17.31 18.27 -46.53
C GLU B 560 18.42 18.22 -45.46
N GLY B 561 18.38 17.24 -44.58
CA GLY B 561 19.39 17.15 -43.53
C GLY B 561 18.90 17.81 -42.25
N ASP B 562 19.33 19.04 -41.99
CA ASP B 562 18.89 19.69 -40.76
C ASP B 562 17.50 20.28 -40.84
N GLU B 563 16.99 20.48 -42.05
CA GLU B 563 15.68 21.06 -42.25
C GLU B 563 14.84 20.05 -42.98
N VAL B 564 13.53 20.07 -42.72
CA VAL B 564 12.62 19.16 -43.40
C VAL B 564 11.41 20.00 -43.83
N TYR B 565 10.90 19.72 -45.02
CA TYR B 565 9.74 20.46 -45.55
C TYR B 565 8.60 19.54 -45.93
N LEU B 566 7.41 20.09 -45.81
CA LEU B 566 6.17 19.40 -46.16
C LEU B 566 5.63 20.05 -47.45
N SER B 567 5.32 19.21 -48.45
CA SER B 567 4.77 19.73 -49.70
C SER B 567 3.42 19.08 -49.85
N LEU B 568 2.38 19.88 -49.97
CA LEU B 568 1.04 19.34 -50.02
C LEU B 568 0.08 20.19 -50.84
N GLN B 569 -0.73 19.57 -51.70
CA GLN B 569 -1.73 20.31 -52.48
C GLN B 569 -3.06 20.06 -51.79
N LEU B 570 -3.88 21.10 -51.62
CA LEU B 570 -5.21 20.92 -51.02
C LEU B 570 -6.28 21.48 -51.97
N PRO B 571 -7.48 20.90 -51.94
CA PRO B 571 -8.57 21.34 -52.82
C PRO B 571 -9.17 22.67 -52.40
N ASP B 572 -9.92 23.30 -53.29
CA ASP B 572 -10.56 24.58 -52.95
C ASP B 572 -11.47 24.45 -51.75
N GLU B 573 -12.16 23.32 -51.63
CA GLU B 573 -13.08 23.10 -50.53
C GLU B 573 -12.41 22.97 -49.17
N PHE B 574 -11.08 22.75 -49.16
CA PHE B 574 -10.38 22.58 -47.89
C PHE B 574 -10.81 23.56 -46.82
N GLU B 575 -10.95 24.82 -47.18
CA GLU B 575 -11.30 25.79 -46.16
C GLU B 575 -12.77 25.83 -45.75
N ASN B 576 -13.62 24.99 -46.36
CA ASN B 576 -15.02 24.99 -45.96
C ASN B 576 -15.24 24.24 -44.64
N ILE B 577 -14.39 23.27 -44.28
CA ILE B 577 -14.59 22.55 -43.02
C ILE B 577 -13.94 23.38 -41.96
N VAL B 578 -14.68 23.73 -40.93
CA VAL B 578 -14.14 24.56 -39.86
C VAL B 578 -14.02 23.70 -38.63
N GLY B 579 -12.79 23.52 -38.15
CA GLY B 579 -12.58 22.68 -36.97
C GLY B 579 -12.79 23.37 -35.65
N ASP B 580 -13.18 22.60 -34.64
CA ASP B 580 -13.35 23.14 -33.31
C ASP B 580 -12.07 22.89 -32.52
N ILE B 581 -11.81 23.71 -31.51
CA ILE B 581 -10.66 23.49 -30.65
C ILE B 581 -11.13 22.44 -29.63
N HIS B 582 -10.48 21.29 -29.59
CA HIS B 582 -10.90 20.30 -28.64
C HIS B 582 -10.26 20.45 -27.28
N SER B 583 -10.91 19.85 -26.28
CA SER B 583 -10.47 19.97 -24.89
C SER B 583 -11.20 18.92 -24.06
N THR B 584 -10.96 19.00 -22.75
CA THR B 584 -11.59 18.08 -21.82
C THR B 584 -13.10 18.17 -21.98
N LYS B 585 -13.59 19.39 -22.19
CA LYS B 585 -15.03 19.61 -22.33
C LYS B 585 -15.62 18.99 -23.59
N THR B 586 -14.86 18.98 -24.70
CA THR B 586 -15.40 18.46 -25.94
C THR B 586 -15.16 16.98 -26.21
N LEU B 587 -14.21 16.36 -25.53
CA LEU B 587 -13.90 14.96 -25.76
C LEU B 587 -14.73 14.10 -24.80
N GLU B 588 -15.53 13.18 -25.33
CA GLU B 588 -16.35 12.34 -24.44
C GLU B 588 -15.43 11.40 -23.61
N ARG B 589 -15.78 11.16 -22.35
CA ARG B 589 -14.96 10.26 -21.52
C ARG B 589 -14.82 8.87 -22.12
N VAL B 590 -13.75 8.13 -21.78
CA VAL B 590 -13.64 6.76 -22.33
C VAL B 590 -14.55 5.91 -21.43
N ARG B 591 -15.15 4.85 -21.99
CA ARG B 591 -16.10 4.05 -21.24
C ARG B 591 -15.57 3.17 -20.11
N ILE B 592 -14.73 2.19 -20.41
CA ILE B 592 -14.22 1.30 -19.38
C ILE B 592 -13.43 1.97 -18.28
N VAL B 593 -12.42 2.76 -18.64
CA VAL B 593 -11.65 3.44 -17.64
C VAL B 593 -12.46 4.60 -16.97
N ASP B 594 -13.50 5.07 -17.63
CA ASP B 594 -14.36 6.14 -17.07
C ASP B 594 -13.56 7.38 -16.64
N ALA B 595 -12.69 7.85 -17.53
CA ALA B 595 -11.84 8.99 -17.24
C ALA B 595 -11.89 9.97 -18.41
N GLU B 596 -11.55 11.23 -18.11
CA GLU B 596 -11.54 12.32 -19.09
C GLU B 596 -10.14 12.52 -19.68
N TYR B 597 -10.04 13.31 -20.74
CA TYR B 597 -8.75 13.64 -21.34
C TYR B 597 -8.41 14.94 -20.61
N GLU B 598 -7.47 14.85 -19.66
CA GLU B 598 -7.05 15.97 -18.78
C GLU B 598 -5.55 16.18 -18.93
N SER B 599 -5.04 17.24 -18.31
CA SER B 599 -3.60 17.50 -18.28
C SER B 599 -3.04 16.63 -17.16
N PRO B 600 -1.72 16.39 -17.17
CA PRO B 600 -1.14 15.57 -16.12
C PRO B 600 -1.40 16.13 -14.71
N ASP B 601 -1.58 17.43 -14.59
CA ASP B 601 -1.84 17.99 -13.27
C ASP B 601 -3.29 17.84 -12.87
N GLY B 602 -4.08 17.10 -13.65
CA GLY B 602 -5.48 16.93 -13.30
C GLY B 602 -6.43 18.03 -13.75
N LYS B 603 -5.90 19.06 -14.39
CA LYS B 603 -6.70 20.17 -14.85
C LYS B 603 -7.14 20.02 -16.29
N GLU B 604 -8.02 20.92 -16.71
CA GLU B 604 -8.56 20.92 -18.05
C GLU B 604 -7.47 20.98 -19.08
N LEU B 605 -7.62 20.18 -20.14
CA LEU B 605 -6.67 20.17 -21.24
C LEU B 605 -7.34 20.88 -22.44
N VAL B 606 -6.64 21.82 -23.07
CA VAL B 606 -7.16 22.54 -24.24
C VAL B 606 -6.13 22.43 -25.37
N LEU B 607 -6.51 21.86 -26.51
CA LEU B 607 -5.55 21.66 -27.59
C LEU B 607 -5.60 22.88 -28.48
N ASP B 608 -5.07 23.99 -27.98
CA ASP B 608 -5.14 25.20 -28.76
C ASP B 608 -3.87 25.72 -29.44
N THR B 609 -2.86 24.87 -29.60
CA THR B 609 -1.68 25.28 -30.35
C THR B 609 -1.43 24.20 -31.38
N ASP B 610 -0.98 24.60 -32.56
CA ASP B 610 -0.76 23.61 -33.60
C ASP B 610 0.67 23.03 -33.68
N TYR B 611 0.90 22.21 -34.70
CA TYR B 611 2.19 21.56 -34.90
C TYR B 611 3.34 22.57 -34.87
N LEU B 612 3.12 23.78 -35.39
CA LEU B 612 4.16 24.79 -35.39
C LEU B 612 4.08 25.63 -34.11
N ASP B 613 3.29 25.19 -33.15
CA ASP B 613 3.13 25.93 -31.89
C ASP B 613 2.42 27.28 -32.05
N ALA B 614 1.68 27.46 -33.15
CA ALA B 614 0.94 28.71 -33.34
C ALA B 614 -0.38 28.57 -32.55
N LYS B 615 -0.82 29.65 -31.92
CA LYS B 615 -2.06 29.64 -31.15
C LYS B 615 -3.13 29.43 -32.17
N LYS B 616 -4.06 28.52 -31.90
CA LYS B 616 -5.10 28.24 -32.88
C LYS B 616 -6.37 29.04 -32.68
N PRO B 617 -6.94 29.54 -33.79
CA PRO B 617 -8.17 30.32 -33.68
C PRO B 617 -9.35 29.39 -33.40
N GLU B 618 -10.41 29.97 -32.88
CA GLU B 618 -11.61 29.23 -32.60
C GLU B 618 -12.20 28.62 -33.90
N ASN B 619 -12.05 29.33 -35.02
CA ASN B 619 -12.58 28.90 -36.32
C ASN B 619 -11.40 28.56 -37.22
N SER B 620 -10.78 27.44 -36.97
CA SER B 620 -9.60 27.03 -37.72
C SER B 620 -9.84 26.04 -38.85
N SER B 621 -8.90 25.97 -39.79
CA SER B 621 -8.97 24.95 -40.83
C SER B 621 -8.40 23.68 -40.12
N ILE B 622 -8.59 22.52 -40.72
CA ILE B 622 -8.18 21.30 -40.08
C ILE B 622 -6.77 20.78 -40.35
N GLY B 623 -6.47 19.59 -39.85
CA GLY B 623 -5.10 19.11 -40.04
C GLY B 623 -4.21 19.69 -38.94
N PRO B 624 -2.91 19.37 -38.97
CA PRO B 624 -1.93 19.82 -37.95
C PRO B 624 -1.37 21.24 -37.94
N ILE B 625 -1.47 21.93 -39.07
CA ILE B 625 -0.94 23.28 -39.20
C ILE B 625 -2.09 24.19 -39.68
N ALA B 626 -2.42 25.19 -38.87
CA ALA B 626 -3.51 26.11 -39.19
C ALA B 626 -3.28 26.88 -40.50
N LEU B 627 -2.02 27.16 -40.82
CA LEU B 627 -1.70 27.88 -42.05
C LEU B 627 -1.84 27.12 -43.36
N LEU B 628 -2.25 25.85 -43.31
CA LEU B 628 -2.46 25.09 -44.53
C LEU B 628 -3.58 25.83 -45.26
N LYS B 629 -3.50 25.89 -46.59
CA LYS B 629 -4.52 26.59 -47.39
C LYS B 629 -4.80 25.78 -48.65
N LYS B 630 -5.85 26.17 -49.35
CA LYS B 630 -6.18 25.52 -50.60
C LYS B 630 -4.98 25.82 -51.53
N GLY B 631 -4.71 24.93 -52.48
CA GLY B 631 -3.60 25.16 -53.38
C GLY B 631 -2.33 24.52 -52.90
N ASN B 632 -1.21 25.12 -53.29
CA ASN B 632 0.11 24.62 -52.95
C ASN B 632 0.54 25.00 -51.53
N ASN B 633 1.16 24.06 -50.81
CA ASN B 633 1.65 24.36 -49.48
C ASN B 633 3.09 23.84 -49.43
N TYR B 634 4.01 24.66 -48.95
CA TYR B 634 5.42 24.24 -48.84
C TYR B 634 5.79 24.85 -47.51
N ILE B 635 5.89 24.02 -46.48
CA ILE B 635 6.11 24.52 -45.14
C ILE B 635 7.28 23.85 -44.42
N LYS B 636 8.10 24.65 -43.72
CA LYS B 636 9.23 24.07 -43.00
C LYS B 636 8.63 23.36 -41.75
N VAL B 637 8.85 22.06 -41.60
CA VAL B 637 8.30 21.34 -40.45
C VAL B 637 9.36 20.85 -39.47
N TRP B 638 10.61 21.22 -39.74
CA TRP B 638 11.72 20.90 -38.85
C TRP B 638 12.92 21.82 -39.15
N MET C 1 -17.08 -5.83 32.51
CA MET C 1 -18.48 -5.66 33.00
C MET C 1 -19.42 -6.69 32.37
N GLU C 2 -20.28 -7.27 33.19
CA GLU C 2 -21.23 -8.24 32.69
C GLU C 2 -22.61 -7.58 32.74
N TYR C 3 -23.13 -7.16 31.60
CA TYR C 3 -24.44 -6.54 31.48
C TYR C 3 -25.55 -7.59 31.32
N HIS C 4 -26.73 -7.25 31.83
CA HIS C 4 -27.89 -8.12 31.74
C HIS C 4 -29.06 -7.38 31.09
N VAL C 5 -29.75 -8.07 30.20
CA VAL C 5 -30.93 -7.52 29.53
C VAL C 5 -32.07 -8.50 29.88
N ALA C 6 -33.23 -8.00 30.30
CA ALA C 6 -34.37 -8.86 30.66
C ALA C 6 -35.65 -8.09 30.49
N LYS C 7 -36.73 -8.81 30.21
CA LYS C 7 -38.04 -8.20 29.98
C LYS C 7 -38.60 -7.46 31.20
N THR C 8 -37.96 -7.63 32.36
CA THR C 8 -38.43 -6.92 33.57
C THR C 8 -37.53 -5.71 33.79
N GLY C 9 -36.53 -5.56 32.94
CA GLY C 9 -35.57 -4.47 33.08
C GLY C 9 -36.04 -3.10 32.70
N SER C 10 -35.08 -2.18 32.69
CA SER C 10 -35.33 -0.77 32.35
C SER C 10 -34.10 -0.18 31.67
N ASP C 11 -34.25 0.56 30.59
CA ASP C 11 -33.06 1.12 29.98
C ASP C 11 -32.50 2.31 30.75
N GLU C 12 -33.16 2.69 31.85
CA GLU C 12 -32.61 3.78 32.69
C GLU C 12 -31.93 3.11 33.87
N GLY C 13 -31.89 1.78 33.85
CA GLY C 13 -31.26 1.03 34.92
C GLY C 13 -29.75 0.93 34.77
N LYS C 14 -29.12 0.24 35.71
CA LYS C 14 -27.66 0.06 35.70
C LYS C 14 -27.20 -1.02 34.71
N GLY C 15 -28.09 -1.95 34.40
CA GLY C 15 -27.73 -3.01 33.48
C GLY C 15 -27.07 -4.18 34.19
N THR C 16 -27.25 -4.23 35.50
CA THR C 16 -26.72 -5.32 36.29
C THR C 16 -27.75 -6.45 36.34
N LEU C 17 -27.34 -7.57 36.87
CA LEU C 17 -28.22 -8.72 37.01
C LEU C 17 -29.48 -8.37 37.81
N LYS C 18 -29.32 -7.60 38.90
CA LYS C 18 -30.47 -7.18 39.72
C LYS C 18 -31.19 -5.96 39.15
N ASP C 19 -30.52 -5.20 38.28
CA ASP C 19 -31.14 -4.01 37.72
C ASP C 19 -30.87 -3.99 36.21
N PRO C 20 -31.35 -5.02 35.48
CA PRO C 20 -31.13 -5.13 34.04
C PRO C 20 -31.77 -4.08 33.10
N PHE C 21 -31.17 -3.98 31.91
CA PHE C 21 -31.66 -3.10 30.88
C PHE C 21 -32.87 -3.83 30.29
N LEU C 22 -33.68 -3.14 29.49
CA LEU C 22 -34.86 -3.73 28.86
C LEU C 22 -34.60 -4.18 27.41
N THR C 23 -33.78 -3.42 26.65
CA THR C 23 -33.53 -3.77 25.27
C THR C 23 -32.07 -4.15 25.04
N ILE C 24 -31.84 -5.02 24.08
CA ILE C 24 -30.49 -5.45 23.78
C ILE C 24 -29.72 -4.29 23.19
N ASN C 25 -30.37 -3.44 22.37
CA ASN C 25 -29.64 -2.31 21.79
C ASN C 25 -29.17 -1.32 22.90
N LYS C 26 -29.85 -1.26 24.05
CA LYS C 26 -29.35 -0.40 25.12
C LYS C 26 -27.97 -0.92 25.56
N ALA C 27 -27.87 -2.24 25.77
CA ALA C 27 -26.59 -2.80 26.20
C ALA C 27 -25.54 -2.60 25.08
N ALA C 28 -25.96 -2.74 23.83
CA ALA C 28 -25.06 -2.58 22.68
C ALA C 28 -24.51 -1.15 22.62
N SER C 29 -25.28 -0.18 23.10
CA SER C 29 -24.82 1.20 23.08
C SER C 29 -23.80 1.55 24.19
N VAL C 30 -23.63 0.70 25.20
CA VAL C 30 -22.67 1.00 26.25
C VAL C 30 -21.56 -0.04 26.50
N ALA C 31 -21.73 -1.27 26.01
CA ALA C 31 -20.73 -2.29 26.25
C ALA C 31 -19.40 -1.92 25.56
N MET C 32 -18.30 -2.30 26.18
CA MET C 32 -17.00 -2.02 25.57
C MET C 32 -16.13 -3.26 25.63
N ALA C 33 -14.97 -3.18 24.99
CA ALA C 33 -14.07 -4.32 24.88
C ALA C 33 -13.93 -5.11 26.16
N GLY C 34 -14.20 -6.41 26.07
CA GLY C 34 -14.08 -7.27 27.24
C GLY C 34 -15.37 -7.50 27.99
N ASP C 35 -16.42 -6.73 27.67
CA ASP C 35 -17.71 -6.92 28.38
C ASP C 35 -18.50 -8.09 27.80
N THR C 36 -19.53 -8.50 28.54
CA THR C 36 -20.44 -9.55 28.10
C THR C 36 -21.86 -9.02 28.29
N ILE C 37 -22.76 -9.39 27.38
CA ILE C 37 -24.15 -8.98 27.48
C ILE C 37 -24.93 -10.29 27.56
N ILE C 38 -25.62 -10.48 28.69
CA ILE C 38 -26.39 -11.69 28.89
C ILE C 38 -27.86 -11.32 28.75
N VAL C 39 -28.52 -11.92 27.76
CA VAL C 39 -29.93 -11.63 27.53
C VAL C 39 -30.85 -12.72 28.07
N HIS C 40 -31.84 -12.29 28.82
CA HIS C 40 -32.78 -13.23 29.43
C HIS C 40 -34.00 -13.51 28.55
N GLU C 41 -34.68 -14.63 28.82
CA GLU C 41 -35.83 -15.10 28.05
C GLU C 41 -36.77 -14.02 27.61
N GLY C 42 -37.20 -14.14 26.35
CA GLY C 42 -38.11 -13.15 25.78
C GLY C 42 -37.91 -12.98 24.27
N VAL C 43 -38.82 -12.24 23.66
CA VAL C 43 -38.75 -11.97 22.22
C VAL C 43 -38.43 -10.48 22.14
N TYR C 44 -37.28 -10.15 21.54
CA TYR C 44 -36.80 -8.78 21.40
C TYR C 44 -36.94 -8.33 19.94
N ARG C 45 -37.93 -7.48 19.69
CA ARG C 45 -38.21 -6.98 18.35
C ARG C 45 -37.45 -5.69 18.16
N GLU C 46 -36.20 -5.82 17.74
CA GLU C 46 -35.34 -4.68 17.57
C GLU C 46 -34.12 -5.09 16.72
N TRP C 47 -33.45 -4.11 16.15
CA TRP C 47 -32.26 -4.34 15.36
C TRP C 47 -31.14 -3.90 16.30
N VAL C 48 -30.32 -4.86 16.72
CA VAL C 48 -29.22 -4.59 17.62
C VAL C 48 -28.04 -4.04 16.81
N LYS C 49 -27.49 -2.91 17.25
CA LYS C 49 -26.38 -2.24 16.56
C LYS C 49 -25.17 -2.05 17.46
N PRO C 50 -24.28 -3.06 17.52
CA PRO C 50 -23.07 -2.98 18.35
C PRO C 50 -22.40 -1.63 18.11
N LYS C 51 -22.18 -0.89 19.18
CA LYS C 51 -21.57 0.42 19.04
C LYS C 51 -20.05 0.50 19.13
N TYR C 52 -19.45 -0.20 20.08
CA TYR C 52 -18.03 -0.18 20.23
C TYR C 52 -17.48 -1.53 19.83
N LYS C 53 -16.20 -1.56 19.46
CA LYS C 53 -15.56 -2.77 19.00
C LYS C 53 -14.80 -3.56 20.09
N GLY C 54 -14.66 -4.87 19.86
CA GLY C 54 -13.83 -5.67 20.73
C GLY C 54 -12.40 -5.31 20.28
N LEU C 55 -11.38 -5.57 21.08
CA LEU C 55 -10.03 -5.14 20.66
C LEU C 55 -9.08 -6.28 20.38
N SER C 56 -9.52 -7.49 20.66
CA SER C 56 -8.74 -8.67 20.37
C SER C 56 -9.62 -9.89 20.65
N ASP C 57 -9.10 -11.05 20.31
CA ASP C 57 -9.84 -12.25 20.56
C ASP C 57 -10.04 -12.37 22.08
N LYS C 58 -9.04 -12.00 22.86
CA LYS C 58 -9.19 -12.07 24.29
C LYS C 58 -10.21 -11.03 24.79
N ARG C 59 -10.09 -9.81 24.25
CA ARG C 59 -10.96 -8.71 24.66
C ARG C 59 -12.13 -8.44 23.74
N ARG C 60 -12.91 -9.47 23.45
CA ARG C 60 -14.06 -9.32 22.58
C ARG C 60 -15.26 -8.83 23.37
N ILE C 61 -16.36 -8.61 22.66
CA ILE C 61 -17.60 -8.18 23.31
C ILE C 61 -18.55 -9.32 22.96
N THR C 62 -19.00 -9.99 24.01
CA THR C 62 -19.85 -11.14 23.88
C THR C 62 -21.32 -10.91 24.19
N TYR C 63 -22.18 -11.20 23.21
CA TYR C 63 -23.61 -11.09 23.40
C TYR C 63 -24.08 -12.53 23.43
N LYS C 64 -24.85 -12.89 24.45
CA LYS C 64 -25.35 -14.26 24.52
C LYS C 64 -26.65 -14.44 25.29
N ALA C 65 -27.32 -15.56 25.01
CA ALA C 65 -28.57 -15.90 25.70
C ALA C 65 -28.19 -16.46 27.07
N ALA C 66 -28.92 -16.05 28.10
CA ALA C 66 -28.72 -16.59 29.46
C ALA C 66 -28.85 -18.11 29.37
N GLU C 67 -27.99 -18.82 30.09
CA GLU C 67 -27.96 -20.27 30.13
C GLU C 67 -29.37 -20.87 30.30
N GLY C 68 -29.76 -21.73 29.37
CA GLY C 68 -31.07 -22.36 29.45
C GLY C 68 -32.28 -21.48 29.15
N GLU C 69 -32.08 -20.25 28.68
CA GLU C 69 -33.24 -19.43 28.36
C GLU C 69 -33.43 -19.26 26.85
N LYS C 70 -34.67 -19.15 26.43
CA LYS C 70 -35.03 -19.01 25.03
C LYS C 70 -35.08 -17.53 24.72
N VAL C 71 -34.14 -17.08 23.90
CA VAL C 71 -34.08 -15.66 23.53
C VAL C 71 -34.21 -15.52 22.00
N VAL C 72 -35.16 -14.70 21.60
CA VAL C 72 -35.48 -14.47 20.21
C VAL C 72 -35.35 -12.99 19.85
N ILE C 73 -34.65 -12.73 18.74
CA ILE C 73 -34.52 -11.39 18.20
C ILE C 73 -35.27 -11.44 16.87
N LYS C 74 -36.23 -10.54 16.67
CA LYS C 74 -36.99 -10.53 15.42
C LYS C 74 -37.07 -9.16 14.79
N GLY C 75 -37.13 -9.14 13.46
CA GLY C 75 -37.21 -7.87 12.74
C GLY C 75 -38.64 -7.55 12.41
N SER C 76 -39.54 -8.43 12.83
CA SER C 76 -40.97 -8.24 12.57
C SER C 76 -41.78 -7.65 13.73
N GLU C 77 -43.06 -7.41 13.47
CA GLU C 77 -43.98 -6.93 14.49
C GLU C 77 -45.26 -7.75 14.30
N ARG C 78 -45.95 -8.06 15.39
CA ARG C 78 -47.21 -8.79 15.27
C ARG C 78 -48.29 -7.74 14.94
N ILE C 79 -49.15 -8.04 13.98
CA ILE C 79 -50.21 -7.09 13.61
C ILE C 79 -51.57 -7.65 14.04
N GLN C 80 -52.34 -6.84 14.76
CA GLN C 80 -53.66 -7.29 15.22
C GLN C 80 -54.72 -6.25 14.93
N SER C 81 -54.50 -5.49 13.87
CA SER C 81 -55.44 -4.46 13.45
C SER C 81 -56.01 -4.79 12.06
N TRP C 82 -56.06 -6.06 11.71
CA TRP C 82 -56.58 -6.45 10.39
C TRP C 82 -58.09 -6.30 10.29
N GLN C 83 -58.57 -5.94 9.10
CA GLN C 83 -60.03 -5.85 8.86
C GLN C 83 -60.35 -6.66 7.62
N ARG C 84 -61.39 -7.47 7.69
CA ARG C 84 -61.73 -8.30 6.54
C ARG C 84 -62.15 -7.42 5.38
N VAL C 85 -61.68 -7.72 4.17
CA VAL C 85 -62.05 -6.96 2.97
C VAL C 85 -63.17 -7.75 2.27
N GLU C 86 -62.88 -9.00 1.94
CA GLU C 86 -63.86 -9.84 1.29
C GLU C 86 -63.25 -11.23 1.14
N GLY C 87 -64.08 -12.24 1.26
CA GLY C 87 -63.55 -13.59 1.17
C GLY C 87 -62.62 -13.80 2.34
N ASN C 88 -61.45 -14.38 2.05
CA ASN C 88 -60.43 -14.65 3.06
C ASN C 88 -59.35 -13.58 3.04
N VAL C 89 -59.63 -12.49 2.34
CA VAL C 89 -58.69 -11.41 2.22
C VAL C 89 -58.93 -10.36 3.29
N TRP C 90 -57.88 -10.03 4.03
CA TRP C 90 -57.92 -9.03 5.07
C TRP C 90 -56.89 -7.95 4.78
N ARG C 91 -56.96 -6.82 5.50
CA ARG C 91 -56.03 -5.73 5.27
C ARG C 91 -55.72 -4.96 6.53
N CYS C 92 -54.50 -4.45 6.60
CA CYS C 92 -54.11 -3.63 7.73
C CYS C 92 -53.45 -2.40 7.10
N GLN C 93 -53.36 -1.32 7.86
CA GLN C 93 -52.77 -0.10 7.34
C GLN C 93 -51.93 0.51 8.44
N LEU C 94 -50.73 0.95 8.06
CA LEU C 94 -49.79 1.52 9.02
C LEU C 94 -49.28 2.83 8.51
N PRO C 95 -48.86 3.72 9.41
CA PRO C 95 -48.31 5.00 8.98
C PRO C 95 -46.88 4.72 8.46
N ASN C 96 -46.45 5.47 7.45
CA ASN C 96 -45.14 5.26 6.92
C ASN C 96 -44.09 5.42 8.00
N SER C 97 -44.40 6.29 8.97
CA SER C 97 -43.48 6.57 10.07
C SER C 97 -43.11 5.30 10.81
N PHE C 98 -44.02 4.33 10.85
CA PHE C 98 -43.80 3.03 11.50
C PHE C 98 -42.52 2.32 10.99
N PHE C 99 -42.15 2.57 9.75
CA PHE C 99 -40.98 1.91 9.18
C PHE C 99 -39.70 2.74 9.19
N GLY C 100 -39.82 4.03 9.44
CA GLY C 100 -38.64 4.88 9.47
C GLY C 100 -38.16 5.07 8.05
N GLU C 101 -36.85 5.14 7.84
CA GLU C 101 -36.37 5.35 6.48
C GLU C 101 -36.34 4.07 5.60
N PHE C 102 -36.45 2.90 6.22
CA PHE C 102 -36.45 1.65 5.47
C PHE C 102 -37.83 0.98 5.52
N ASN C 103 -38.56 1.02 4.41
CA ASN C 103 -39.89 0.44 4.35
C ASN C 103 -39.86 -0.79 3.43
N PRO C 104 -40.00 -1.99 4.01
CA PRO C 104 -39.97 -3.22 3.19
C PRO C 104 -41.00 -3.31 2.07
N TYR C 105 -42.12 -2.59 2.20
CA TYR C 105 -43.20 -2.67 1.22
C TYR C 105 -42.97 -1.71 0.07
N LYS C 106 -41.98 -0.85 0.25
CA LYS C 106 -41.59 0.09 -0.80
C LYS C 106 -40.30 -0.43 -1.43
N GLU C 107 -39.35 -0.86 -0.59
CA GLU C 107 -38.04 -1.39 -1.07
C GLU C 107 -38.20 -2.69 -1.92
N GLU C 108 -37.58 -2.68 -3.08
CA GLU C 108 -37.65 -3.82 -3.98
C GLU C 108 -36.46 -4.78 -3.88
N VAL C 109 -36.67 -6.00 -4.39
CA VAL C 109 -35.62 -6.97 -4.52
C VAL C 109 -35.07 -6.35 -5.84
N PHE C 110 -33.82 -5.88 -5.79
CA PHE C 110 -33.25 -5.15 -6.91
C PHE C 110 -31.73 -5.26 -7.03
N GLY C 111 -31.20 -5.14 -8.24
CA GLY C 111 -29.75 -5.11 -8.34
C GLY C 111 -29.03 -5.99 -9.33
N ASP C 112 -27.70 -5.88 -9.30
CA ASP C 112 -26.87 -6.62 -10.23
C ASP C 112 -27.14 -8.13 -10.14
N TRP C 113 -27.26 -8.72 -11.33
CA TRP C 113 -27.52 -10.13 -11.54
C TRP C 113 -28.88 -10.66 -11.08
N LEU C 114 -29.82 -9.77 -10.76
CA LEU C 114 -31.18 -10.20 -10.41
C LEU C 114 -31.82 -10.47 -11.79
N LEU C 115 -32.35 -11.65 -12.03
CA LEU C 115 -32.88 -11.94 -13.36
C LEU C 115 -34.36 -11.78 -13.50
N THR C 116 -35.09 -11.94 -12.40
CA THR C 116 -36.53 -11.83 -12.47
C THR C 116 -36.87 -10.34 -12.35
N VAL C 117 -36.76 -9.66 -13.48
CA VAL C 117 -36.99 -8.21 -13.53
C VAL C 117 -38.36 -7.75 -14.02
N ASN C 118 -39.17 -8.63 -14.60
CA ASN C 118 -40.50 -8.22 -15.08
C ASN C 118 -41.52 -8.21 -13.95
N GLU C 119 -41.32 -9.10 -12.98
CA GLU C 119 -42.21 -9.24 -11.82
C GLU C 119 -41.56 -8.66 -10.56
N LYS C 120 -41.89 -7.41 -10.23
CA LYS C 120 -41.32 -6.75 -9.03
C LYS C 120 -41.66 -7.38 -7.68
N LYS C 121 -40.65 -7.76 -6.91
CA LYS C 121 -40.92 -8.29 -5.57
C LYS C 121 -40.39 -7.26 -4.60
N HIS C 122 -40.88 -7.27 -3.37
CA HIS C 122 -40.45 -6.32 -2.36
C HIS C 122 -39.85 -7.05 -1.19
N LEU C 123 -39.25 -6.33 -0.24
CA LEU C 123 -38.58 -6.97 0.88
C LEU C 123 -39.49 -7.34 2.06
N GLY C 124 -40.77 -6.98 1.95
CA GLY C 124 -41.70 -7.32 3.00
C GLY C 124 -42.03 -8.80 3.01
N ASP C 125 -42.88 -9.19 3.98
CA ASP C 125 -43.37 -10.55 4.13
C ASP C 125 -44.49 -10.55 5.18
N VAL C 126 -45.34 -11.57 5.11
CA VAL C 126 -46.46 -11.77 6.06
C VAL C 126 -46.30 -13.20 6.54
N TYR C 127 -46.50 -13.43 7.83
CA TYR C 127 -46.38 -14.76 8.38
C TYR C 127 -47.64 -15.11 9.22
N LEU C 128 -48.08 -16.37 9.13
CA LEU C 128 -49.22 -16.90 9.89
C LEU C 128 -48.64 -18.02 10.75
N ASN C 129 -48.59 -17.77 12.04
CA ASN C 129 -48.01 -18.72 12.98
C ASN C 129 -46.65 -19.18 12.47
N GLY C 130 -45.84 -18.22 12.03
CA GLY C 130 -44.51 -18.56 11.55
C GLY C 130 -44.31 -18.94 10.09
N MET C 131 -45.39 -19.10 9.34
CA MET C 131 -45.29 -19.51 7.94
C MET C 131 -45.38 -18.31 7.00
N SER C 132 -44.31 -18.07 6.25
CA SER C 132 -44.32 -16.91 5.36
C SER C 132 -45.23 -17.11 4.17
N PHE C 133 -45.64 -15.99 3.57
CA PHE C 133 -46.54 -15.98 2.43
C PHE C 133 -45.81 -15.75 1.09
N TYR C 134 -46.54 -15.85 -0.01
CA TYR C 134 -46.03 -15.60 -1.35
C TYR C 134 -46.59 -14.24 -1.75
N GLU C 135 -45.75 -13.36 -2.28
CA GLU C 135 -46.21 -12.03 -2.70
C GLU C 135 -46.87 -12.14 -4.06
N VAL C 136 -47.94 -11.36 -4.29
CA VAL C 136 -48.57 -11.35 -5.61
C VAL C 136 -48.49 -9.94 -6.14
N THR C 137 -48.52 -9.83 -7.46
CA THR C 137 -48.36 -8.58 -8.17
C THR C 137 -49.53 -7.62 -8.23
N ASN C 138 -50.73 -8.17 -8.29
CA ASN C 138 -51.91 -7.34 -8.41
C ASN C 138 -52.90 -7.58 -7.31
N TYR C 139 -53.64 -6.54 -7.00
CA TYR C 139 -54.66 -6.61 -5.96
C TYR C 139 -55.57 -7.82 -6.20
N GLU C 140 -55.94 -8.02 -7.46
CA GLU C 140 -56.82 -9.12 -7.87
C GLU C 140 -56.30 -10.52 -7.62
N ASP C 141 -54.99 -10.71 -7.63
CA ASP C 141 -54.44 -12.04 -7.44
C ASP C 141 -54.63 -12.55 -6.02
N LEU C 142 -55.07 -11.67 -5.12
CA LEU C 142 -55.26 -12.01 -3.72
C LEU C 142 -56.46 -12.90 -3.39
N PHE C 143 -57.54 -12.70 -4.13
CA PHE C 143 -58.76 -13.39 -3.78
C PHE C 143 -58.92 -14.87 -4.05
N ASN C 144 -58.40 -15.36 -5.16
CA ASN C 144 -58.51 -16.78 -5.40
C ASN C 144 -57.16 -17.34 -5.82
N PRO C 145 -56.16 -17.30 -4.92
CA PRO C 145 -54.83 -17.81 -5.24
C PRO C 145 -54.81 -19.33 -5.58
N GLN C 146 -54.02 -19.70 -6.59
CA GLN C 146 -53.90 -21.09 -7.01
C GLN C 146 -52.90 -21.90 -6.22
N LEU C 147 -53.30 -23.09 -5.78
CA LEU C 147 -52.38 -23.95 -5.05
C LEU C 147 -51.44 -24.50 -6.10
N ARG C 148 -50.14 -24.42 -5.86
CA ARG C 148 -49.18 -24.95 -6.83
C ARG C 148 -48.45 -26.10 -6.15
N THR C 149 -48.10 -27.14 -6.90
CA THR C 149 -47.42 -28.28 -6.33
C THR C 149 -46.09 -28.58 -7.00
N GLU C 150 -45.80 -27.88 -8.09
CA GLU C 150 -44.52 -28.08 -8.71
C GLU C 150 -44.02 -26.74 -9.20
N VAL C 151 -42.72 -26.63 -9.41
CA VAL C 151 -42.12 -25.37 -9.81
C VAL C 151 -40.87 -25.67 -10.60
N LEU C 152 -40.51 -24.73 -11.46
CA LEU C 152 -39.32 -24.86 -12.29
C LEU C 152 -38.02 -24.44 -11.57
N ASP C 153 -37.04 -25.32 -11.45
CA ASP C 153 -35.76 -24.94 -10.87
C ASP C 153 -35.07 -24.19 -12.03
N HIS C 154 -34.79 -22.90 -11.86
CA HIS C 154 -34.23 -22.11 -12.96
C HIS C 154 -32.95 -22.63 -13.61
N TRP C 155 -31.91 -22.90 -12.81
CA TRP C 155 -30.65 -23.38 -13.41
C TRP C 155 -30.75 -24.72 -14.11
N THR C 156 -31.35 -25.72 -13.46
CA THR C 156 -31.42 -27.04 -14.09
C THR C 156 -32.54 -27.15 -15.10
N GLN C 157 -33.47 -26.20 -15.10
CA GLN C 157 -34.59 -26.27 -16.04
C GLN C 157 -35.43 -27.56 -15.81
N LYS C 158 -35.42 -28.09 -14.60
CA LYS C 158 -36.22 -29.28 -14.30
C LYS C 158 -37.42 -28.83 -13.48
N ILE C 159 -38.59 -29.42 -13.72
CA ILE C 159 -39.77 -29.07 -12.91
C ILE C 159 -39.66 -29.96 -11.68
N VAL C 160 -39.71 -29.37 -10.50
CA VAL C 160 -39.58 -30.17 -9.30
C VAL C 160 -40.76 -29.88 -8.37
N PRO C 161 -41.00 -30.78 -7.41
CA PRO C 161 -42.07 -30.68 -6.42
C PRO C 161 -41.83 -29.47 -5.52
N ILE C 162 -42.91 -28.80 -5.14
CA ILE C 162 -42.81 -27.67 -4.22
C ILE C 162 -42.89 -28.38 -2.89
N LYS C 163 -41.92 -28.11 -2.03
CA LYS C 163 -41.88 -28.75 -0.70
C LYS C 163 -43.12 -28.51 0.20
N ASN C 164 -43.61 -27.28 0.24
CA ASN C 164 -44.78 -26.95 1.05
C ASN C 164 -45.82 -26.40 0.09
N ALA C 165 -46.60 -27.29 -0.52
CA ALA C 165 -47.60 -26.85 -1.50
C ALA C 165 -48.69 -25.96 -0.90
N GLU C 166 -49.10 -26.32 0.31
CA GLU C 166 -50.13 -25.60 1.01
C GLU C 166 -49.82 -24.10 1.12
N GLN C 167 -48.55 -23.82 1.39
CA GLN C 167 -48.07 -22.46 1.54
C GLN C 167 -48.36 -21.60 0.31
N THR C 168 -48.40 -22.22 -0.87
CA THR C 168 -48.63 -21.48 -2.10
C THR C 168 -49.94 -20.73 -2.19
N LYS C 169 -50.87 -21.04 -1.29
CA LYS C 169 -52.18 -20.39 -1.28
C LYS C 169 -52.22 -19.13 -0.41
N TYR C 170 -51.20 -18.96 0.43
CA TYR C 170 -51.14 -17.79 1.30
C TYR C 170 -50.36 -16.68 0.61
N VAL C 171 -51.08 -15.65 0.16
CA VAL C 171 -50.49 -14.57 -0.61
C VAL C 171 -50.71 -13.20 0.01
N TRP C 172 -49.83 -12.25 -0.30
CA TRP C 172 -49.94 -10.87 0.25
C TRP C 172 -49.61 -9.88 -0.84
N TYR C 173 -49.99 -8.63 -0.63
CA TYR C 173 -49.80 -7.59 -1.61
C TYR C 173 -49.90 -6.30 -0.83
N ALA C 174 -49.10 -5.29 -1.20
CA ALA C 174 -49.15 -4.05 -0.44
C ALA C 174 -48.98 -2.85 -1.34
N GLU C 175 -49.43 -1.69 -0.82
CA GLU C 175 -49.30 -0.42 -1.50
C GLU C 175 -48.76 0.61 -0.49
N VAL C 176 -47.91 1.50 -0.96
CA VAL C 176 -47.36 2.53 -0.09
C VAL C 176 -47.58 3.86 -0.80
N ASP C 177 -48.20 4.81 -0.13
CA ASP C 177 -48.32 6.10 -0.76
C ASP C 177 -47.51 7.08 0.06
N ARG C 178 -47.81 8.36 -0.05
CA ARG C 178 -47.04 9.36 0.67
C ARG C 178 -47.19 9.35 2.17
N GLU C 179 -48.28 8.76 2.64
CA GLU C 179 -48.62 8.77 4.06
C GLU C 179 -48.75 7.40 4.75
N LYS C 180 -49.34 6.45 4.03
CA LYS C 180 -49.64 5.13 4.56
C LYS C 180 -49.13 3.94 3.77
N THR C 181 -48.95 2.86 4.50
CA THR C 181 -48.54 1.59 3.93
C THR C 181 -49.73 0.69 4.22
N THR C 182 -50.29 0.07 3.17
CA THR C 182 -51.45 -0.79 3.32
C THR C 182 -51.08 -2.17 2.83
N ILE C 183 -51.33 -3.16 3.69
CA ILE C 183 -50.98 -4.54 3.40
C ILE C 183 -52.23 -5.42 3.36
N TYR C 184 -52.37 -6.22 2.31
CA TYR C 184 -53.51 -7.11 2.16
C TYR C 184 -52.96 -8.52 2.13
N ALA C 185 -53.73 -9.49 2.64
CA ALA C 185 -53.28 -10.89 2.61
C ALA C 185 -54.48 -11.84 2.65
N ASN C 186 -54.32 -13.00 2.02
CA ASN C 186 -55.37 -14.02 2.05
C ASN C 186 -55.00 -15.02 3.16
N PHE C 187 -55.83 -15.10 4.22
CA PHE C 187 -55.54 -15.98 5.33
C PHE C 187 -56.26 -17.31 5.27
N GLN C 188 -56.82 -17.58 4.10
CA GLN C 188 -57.49 -18.83 3.82
C GLN C 188 -58.44 -19.29 4.92
N GLY C 189 -59.16 -18.36 5.51
CA GLY C 189 -60.13 -18.77 6.51
C GLY C 189 -59.76 -18.48 7.95
N ALA C 190 -58.48 -18.33 8.23
CA ALA C 190 -58.05 -18.01 9.58
C ALA C 190 -58.38 -16.55 9.85
N ASP C 191 -58.39 -16.19 11.12
CA ASP C 191 -58.68 -14.81 11.56
C ASP C 191 -57.31 -14.30 11.97
N PRO C 192 -56.68 -13.43 11.13
CA PRO C 192 -55.36 -12.90 11.44
C PRO C 192 -55.16 -12.20 12.78
N ASN C 193 -56.22 -11.67 13.39
CA ASN C 193 -56.06 -11.00 14.68
C ASN C 193 -56.06 -12.03 15.83
N GLU C 194 -56.68 -13.16 15.57
CA GLU C 194 -56.82 -14.24 16.55
C GLU C 194 -55.54 -15.10 16.50
N GLU C 195 -55.07 -15.41 15.29
CA GLU C 195 -53.84 -16.18 15.13
C GLU C 195 -52.64 -15.23 15.36
N PHE C 196 -51.43 -15.78 15.31
CA PHE C 196 -50.22 -14.99 15.50
C PHE C 196 -49.72 -14.58 14.13
N VAL C 197 -50.10 -13.38 13.69
CA VAL C 197 -49.69 -12.89 12.39
C VAL C 197 -48.65 -11.77 12.52
N GLU C 198 -47.54 -11.93 11.80
CA GLU C 198 -46.44 -10.96 11.84
C GLU C 198 -46.12 -10.42 10.44
N ILE C 199 -45.52 -9.23 10.35
CA ILE C 199 -45.06 -8.69 9.07
C ILE C 199 -43.61 -8.24 9.20
N ASN C 200 -42.87 -8.30 8.10
CA ASN C 200 -41.47 -7.80 8.12
C ASN C 200 -41.54 -6.30 8.41
N VAL C 201 -40.56 -5.80 9.15
CA VAL C 201 -40.52 -4.37 9.43
C VAL C 201 -39.09 -3.83 9.27
N ARG C 202 -38.14 -4.43 9.98
CA ARG C 202 -36.74 -4.00 9.98
C ARG C 202 -35.83 -4.75 9.02
N ARG C 203 -34.78 -4.08 8.56
CA ARG C 203 -33.89 -4.72 7.62
C ARG C 203 -33.02 -5.84 8.24
N SER C 204 -32.48 -5.58 9.42
CA SER C 204 -31.61 -6.54 10.07
C SER C 204 -31.97 -6.77 11.53
N CYS C 205 -31.35 -7.80 12.12
CA CYS C 205 -31.55 -8.10 13.52
C CYS C 205 -30.29 -7.77 14.36
N PHE C 206 -29.11 -8.05 13.81
CA PHE C 206 -27.86 -7.85 14.57
C PHE C 206 -26.77 -7.51 13.55
N TYR C 207 -26.54 -6.20 13.39
CA TYR C 207 -25.65 -5.72 12.36
C TYR C 207 -25.20 -4.32 12.71
N PRO C 208 -23.87 -4.08 12.82
CA PRO C 208 -23.38 -2.73 13.17
C PRO C 208 -23.73 -1.70 12.10
N VAL C 209 -23.91 -0.44 12.49
CA VAL C 209 -24.19 0.54 11.46
C VAL C 209 -22.92 1.27 11.08
N GLU C 210 -21.78 0.83 11.60
CA GLU C 210 -20.50 1.42 11.22
C GLU C 210 -19.64 0.21 10.89
N THR C 211 -18.61 0.40 10.07
CA THR C 211 -17.70 -0.70 9.76
C THR C 211 -16.64 -0.76 10.86
N GLY C 212 -15.84 -1.83 10.89
CA GLY C 212 -14.78 -1.90 11.88
C GLY C 212 -15.15 -2.29 13.29
N ILE C 213 -16.38 -2.73 13.53
CA ILE C 213 -16.74 -3.12 14.89
C ILE C 213 -16.30 -4.56 15.05
N ASP C 214 -15.00 -4.72 15.30
CA ASP C 214 -14.41 -6.07 15.40
C ASP C 214 -14.74 -6.87 16.65
N TYR C 215 -14.31 -8.13 16.59
CA TYR C 215 -14.32 -9.05 17.71
C TYR C 215 -15.56 -9.09 18.58
N ILE C 216 -16.67 -9.43 17.94
CA ILE C 216 -17.97 -9.55 18.60
C ILE C 216 -18.35 -11.03 18.52
N THR C 217 -18.85 -11.60 19.61
CA THR C 217 -19.33 -12.97 19.58
C THR C 217 -20.83 -12.85 19.81
N VAL C 218 -21.63 -13.57 19.02
CA VAL C 218 -23.07 -13.57 19.15
C VAL C 218 -23.45 -15.05 19.35
N LYS C 219 -24.01 -15.37 20.51
CA LYS C 219 -24.25 -16.76 20.80
C LYS C 219 -25.58 -17.15 21.43
N GLY C 220 -26.17 -18.24 20.92
CA GLY C 220 -27.38 -18.81 21.49
C GLY C 220 -28.72 -18.18 21.28
N PHE C 221 -28.85 -17.37 20.24
CA PHE C 221 -30.13 -16.73 19.97
C PHE C 221 -30.90 -17.40 18.84
N GLU C 222 -32.21 -17.18 18.81
CA GLU C 222 -32.98 -17.57 17.64
C GLU C 222 -33.20 -16.15 17.01
N MET C 223 -32.95 -15.97 15.72
CA MET C 223 -33.14 -14.65 15.08
C MET C 223 -33.96 -14.87 13.81
N ALA C 224 -34.97 -14.04 13.58
CA ALA C 224 -35.81 -14.29 12.42
C ALA C 224 -36.54 -13.06 11.85
N HIS C 225 -37.06 -13.22 10.63
CA HIS C 225 -37.85 -12.18 9.94
C HIS C 225 -37.08 -10.86 9.68
N ALA C 226 -36.17 -10.87 8.72
CA ALA C 226 -35.42 -9.65 8.42
C ALA C 226 -35.69 -9.35 6.95
N ALA C 227 -35.96 -8.09 6.64
CA ALA C 227 -36.21 -7.68 5.26
C ALA C 227 -34.89 -7.30 4.60
N THR C 228 -34.02 -8.30 4.41
CA THR C 228 -32.70 -8.09 3.82
C THR C 228 -32.77 -7.94 2.29
N PRO C 229 -31.98 -7.05 1.73
CA PRO C 229 -31.99 -6.84 0.28
C PRO C 229 -31.14 -7.81 -0.51
N TRP C 230 -31.35 -7.78 -1.83
CA TRP C 230 -30.63 -8.60 -2.81
C TRP C 230 -29.17 -8.21 -2.62
N ALA C 231 -28.33 -9.19 -2.41
CA ALA C 231 -26.92 -8.92 -2.09
C ALA C 231 -25.81 -9.43 -3.04
N PRO C 232 -25.64 -8.80 -4.22
CA PRO C 232 -24.59 -9.21 -5.18
C PRO C 232 -23.21 -8.75 -4.71
N PRO C 233 -22.14 -9.29 -5.32
CA PRO C 233 -20.79 -8.88 -4.89
C PRO C 233 -20.45 -7.45 -5.23
N THR C 234 -21.27 -6.80 -6.08
CA THR C 234 -21.03 -5.44 -6.54
C THR C 234 -21.84 -4.37 -5.77
N ALA C 235 -22.45 -4.75 -4.66
CA ALA C 235 -23.23 -3.82 -3.88
C ALA C 235 -22.94 -4.00 -2.41
N ASP C 236 -23.54 -3.16 -1.60
CA ASP C 236 -23.46 -3.29 -0.16
C ASP C 236 -24.13 -4.65 0.06
N GLN C 237 -23.69 -5.41 1.05
CA GLN C 237 -24.26 -6.74 1.28
C GLN C 237 -24.76 -6.93 2.71
N PRO C 238 -25.81 -6.19 3.08
CA PRO C 238 -26.27 -6.39 4.44
C PRO C 238 -27.02 -7.71 4.58
N GLY C 239 -27.11 -8.24 5.80
CA GLY C 239 -27.88 -9.45 5.99
C GLY C 239 -28.63 -9.36 7.31
N LEU C 240 -29.27 -10.45 7.72
CA LEU C 240 -30.00 -10.50 9.01
C LEU C 240 -29.00 -10.24 10.16
N ILE C 241 -27.83 -10.87 10.04
CA ILE C 241 -26.74 -10.71 10.99
C ILE C 241 -25.39 -10.74 10.23
N GLY C 242 -24.44 -9.93 10.68
CA GLY C 242 -23.15 -9.88 10.02
C GLY C 242 -22.24 -8.85 10.65
N PRO C 243 -20.92 -8.98 10.43
CA PRO C 243 -19.87 -8.09 10.97
C PRO C 243 -19.73 -6.73 10.33
N ASN C 244 -20.36 -6.55 9.17
CA ASN C 244 -20.26 -5.28 8.44
C ASN C 244 -18.84 -4.77 8.24
N TRP C 245 -18.03 -5.54 7.50
CA TRP C 245 -16.67 -5.09 7.14
C TRP C 245 -15.80 -4.91 8.39
N SER C 246 -15.50 -6.01 9.06
CA SER C 246 -14.70 -5.94 10.28
C SER C 246 -13.99 -7.28 10.44
N LYS C 247 -13.41 -7.52 11.61
CA LYS C 247 -12.64 -8.75 11.80
C LYS C 247 -12.92 -9.47 13.12
N GLY C 248 -12.78 -10.80 13.09
CA GLY C 248 -12.89 -11.63 14.28
C GLY C 248 -14.23 -11.93 14.95
N TRP C 249 -15.34 -11.93 14.22
CA TRP C 249 -16.60 -12.28 14.86
C TRP C 249 -16.73 -13.79 15.02
N ILE C 250 -17.57 -14.18 15.96
CA ILE C 250 -17.87 -15.58 16.19
C ILE C 250 -19.40 -15.61 16.27
N ILE C 251 -20.03 -16.32 15.35
CA ILE C 251 -21.47 -16.42 15.35
C ILE C 251 -21.73 -17.90 15.56
N GLU C 252 -22.23 -18.27 16.74
CA GLU C 252 -22.37 -19.69 17.06
C GLU C 252 -23.63 -20.02 17.85
N ASP C 253 -24.05 -21.28 17.72
CA ASP C 253 -25.22 -21.80 18.44
C ASP C 253 -26.50 -21.01 18.25
N ASN C 254 -26.67 -20.40 17.08
CA ASN C 254 -27.90 -19.66 16.81
C ASN C 254 -28.80 -20.44 15.88
N ILE C 255 -30.07 -20.05 15.86
CA ILE C 255 -31.06 -20.63 14.99
C ILE C 255 -31.56 -19.42 14.22
N ILE C 256 -31.24 -19.36 12.93
CA ILE C 256 -31.56 -18.21 12.08
C ILE C 256 -32.45 -18.59 10.92
N HIS C 257 -33.52 -17.82 10.73
CA HIS C 257 -34.40 -18.16 9.64
C HIS C 257 -35.25 -16.98 9.17
N ASP C 258 -35.86 -17.15 8.00
CA ASP C 258 -36.70 -16.13 7.39
C ASP C 258 -36.03 -14.78 7.12
N ALA C 259 -34.86 -14.81 6.49
CA ALA C 259 -34.18 -13.58 6.02
C ALA C 259 -34.75 -13.47 4.61
N LYS C 260 -35.24 -12.31 4.21
CA LYS C 260 -35.77 -12.20 2.84
C LYS C 260 -34.77 -12.68 1.79
N CYS C 261 -33.55 -12.17 1.87
CA CYS C 261 -32.49 -12.58 0.96
C CYS C 261 -31.42 -13.37 1.69
N SER C 262 -30.36 -12.72 2.20
CA SER C 262 -29.31 -13.46 2.89
C SER C 262 -29.40 -13.39 4.41
N ALA C 263 -29.09 -14.48 5.11
CA ALA C 263 -29.17 -14.52 6.56
C ALA C 263 -27.88 -13.98 7.19
N ILE C 264 -26.80 -14.74 7.10
CA ILE C 264 -25.56 -14.28 7.66
C ILE C 264 -24.73 -13.69 6.53
N SER C 265 -24.30 -12.43 6.70
CA SER C 265 -23.44 -11.83 5.70
C SER C 265 -22.05 -11.54 6.24
N ILE C 266 -21.04 -11.99 5.49
CA ILE C 266 -19.67 -11.68 5.83
C ILE C 266 -19.20 -11.03 4.51
N GLY C 267 -20.06 -10.16 3.95
CA GLY C 267 -19.75 -9.49 2.69
C GLY C 267 -19.10 -8.11 2.76
N LYS C 268 -19.28 -7.30 1.71
CA LYS C 268 -18.67 -5.99 1.69
C LYS C 268 -19.68 -4.88 1.95
N GLU C 269 -19.19 -3.64 2.09
CA GLU C 269 -20.05 -2.47 2.33
C GLU C 269 -20.16 -1.64 1.06
N ALA C 270 -20.99 -0.61 1.09
CA ALA C 270 -21.31 0.24 -0.07
C ALA C 270 -20.22 1.03 -0.79
N THR C 271 -19.27 1.53 0.00
CA THR C 271 -18.19 2.38 -0.48
C THR C 271 -17.34 1.85 -1.65
N THR C 272 -17.13 0.54 -1.69
CA THR C 272 -16.31 -0.06 -2.73
C THR C 272 -17.07 -0.38 -4.02
N GLY C 273 -18.38 -0.08 -4.02
CA GLY C 273 -19.19 -0.31 -5.22
C GLY C 273 -20.63 -0.60 -4.86
N ASN C 274 -21.58 0.04 -5.52
CA ASN C 274 -22.95 -0.21 -5.15
C ASN C 274 -23.93 -0.29 -6.35
N ASN C 275 -24.01 -1.48 -6.95
CA ASN C 275 -24.88 -1.70 -8.08
C ASN C 275 -24.64 -0.72 -9.26
N TYR C 276 -23.37 -0.40 -9.52
CA TYR C 276 -23.09 0.56 -10.58
C TYR C 276 -23.60 0.07 -11.94
N ARG C 277 -23.49 -1.22 -12.23
CA ARG C 277 -24.03 -1.67 -13.50
C ARG C 277 -25.54 -1.35 -13.59
N SER C 278 -26.28 -1.66 -12.53
CA SER C 278 -27.71 -1.48 -12.60
C SER C 278 -28.13 -0.04 -12.59
N ILE C 279 -27.35 0.81 -11.93
CA ILE C 279 -27.67 2.22 -11.86
C ILE C 279 -27.09 3.09 -13.01
N ARG C 280 -25.82 2.88 -13.33
CA ARG C 280 -25.17 3.69 -14.37
C ARG C 280 -25.35 3.05 -15.74
N LYS C 281 -25.46 1.71 -15.75
CA LYS C 281 -25.68 0.94 -16.98
C LYS C 281 -24.61 1.08 -18.08
N ASP C 282 -23.41 1.56 -17.76
CA ASP C 282 -22.35 1.75 -18.76
C ASP C 282 -21.33 0.63 -18.90
N LYS C 283 -21.24 -0.20 -17.88
CA LYS C 283 -20.28 -1.30 -17.88
C LYS C 283 -20.98 -2.44 -17.15
N PRO C 284 -20.68 -3.70 -17.52
CA PRO C 284 -21.31 -4.85 -16.86
C PRO C 284 -20.83 -5.06 -15.42
N GLY C 285 -21.63 -5.79 -14.63
CA GLY C 285 -21.25 -6.09 -13.26
C GLY C 285 -19.90 -6.78 -13.24
N TYR C 286 -19.61 -7.53 -14.31
CA TYR C 286 -18.30 -8.20 -14.39
C TYR C 286 -17.16 -7.18 -14.17
N GLN C 287 -17.24 -6.07 -14.90
CA GLN C 287 -16.21 -5.02 -14.90
C GLN C 287 -16.19 -4.27 -13.58
N TYR C 288 -17.38 -4.03 -13.04
CA TYR C 288 -17.50 -3.36 -11.77
C TYR C 288 -17.02 -4.19 -10.59
N GLN C 289 -17.15 -5.51 -10.72
CA GLN C 289 -16.71 -6.41 -9.65
C GLN C 289 -15.20 -6.49 -9.53
N LEU C 290 -14.51 -6.64 -10.67
CA LEU C 290 -13.06 -6.70 -10.58
C LEU C 290 -12.52 -5.36 -10.06
N GLU C 291 -13.24 -4.25 -10.30
CA GLU C 291 -12.83 -2.91 -9.81
C GLU C 291 -13.01 -2.84 -8.28
N ALA C 292 -14.12 -3.40 -7.80
CA ALA C 292 -14.44 -3.37 -6.38
C ALA C 292 -13.32 -4.05 -5.62
N VAL C 293 -12.70 -5.07 -6.22
CA VAL C 293 -11.60 -5.74 -5.54
C VAL C 293 -10.47 -4.74 -5.29
N PHE C 294 -10.08 -3.96 -6.31
CA PHE C 294 -9.01 -2.98 -6.11
C PHE C 294 -9.43 -1.82 -5.20
N ASN C 295 -10.71 -1.43 -5.26
CA ASN C 295 -11.24 -0.34 -4.40
C ASN C 295 -11.11 -0.79 -2.93
N ALA C 296 -11.49 -2.05 -2.65
CA ALA C 296 -11.40 -2.59 -1.26
C ALA C 296 -9.94 -2.63 -0.78
N LYS C 297 -9.05 -3.01 -1.68
CA LYS C 297 -7.63 -3.10 -1.35
C LYS C 297 -7.14 -1.73 -0.90
N ARG C 298 -7.66 -0.68 -1.52
CA ARG C 298 -7.27 0.67 -1.14
C ARG C 298 -8.05 1.06 0.11
N ASN C 299 -9.13 0.37 0.39
CA ASN C 299 -9.93 0.67 1.58
C ASN C 299 -9.51 -0.24 2.75
N GLY C 300 -8.27 -0.74 2.73
CA GLY C 300 -7.81 -1.60 3.81
C GLY C 300 -8.05 -3.11 3.82
N TRP C 301 -8.73 -3.65 2.78
CA TRP C 301 -9.02 -5.09 2.74
C TRP C 301 -7.72 -5.90 2.82
N SER C 302 -7.56 -6.58 3.95
CA SER C 302 -6.35 -7.34 4.22
C SER C 302 -6.60 -8.20 5.45
N LYS C 303 -5.72 -9.18 5.67
CA LYS C 303 -5.90 -10.04 6.80
C LYS C 303 -5.83 -9.28 8.13
N GLU C 304 -5.05 -8.20 8.18
CA GLU C 304 -4.91 -7.44 9.41
C GLU C 304 -6.19 -6.72 9.80
N LYS C 305 -7.07 -6.49 8.83
CA LYS C 305 -8.28 -5.72 9.16
C LYS C 305 -9.67 -6.32 8.84
N ILE C 306 -9.70 -7.31 7.98
CA ILE C 306 -10.99 -7.85 7.55
C ILE C 306 -11.03 -9.37 7.53
N GLY C 307 -12.13 -9.93 8.03
CA GLY C 307 -12.28 -11.38 8.02
C GLY C 307 -11.95 -12.15 9.27
N SER C 308 -11.47 -13.38 9.09
CA SER C 308 -11.14 -14.28 10.19
C SER C 308 -12.35 -14.47 11.13
N HIS C 309 -13.53 -14.53 10.53
CA HIS C 309 -14.75 -14.75 11.29
C HIS C 309 -14.96 -16.28 11.45
N ILE C 310 -15.74 -16.66 12.44
CA ILE C 310 -16.06 -18.04 12.66
C ILE C 310 -17.58 -18.17 12.74
N ILE C 311 -18.15 -19.05 11.92
CA ILE C 311 -19.60 -19.29 11.90
C ILE C 311 -19.73 -20.78 12.18
N ARG C 312 -20.15 -21.11 13.40
CA ARG C 312 -20.22 -22.51 13.74
C ARG C 312 -21.43 -22.92 14.57
N ASN C 313 -21.84 -24.18 14.41
CA ASN C 313 -22.92 -24.72 15.20
C ASN C 313 -24.23 -23.97 15.07
N ASN C 314 -24.50 -23.39 13.91
CA ASN C 314 -25.78 -22.70 13.74
C ASN C 314 -26.73 -23.54 12.86
N THR C 315 -28.03 -23.24 12.92
CA THR C 315 -29.03 -23.88 12.07
C THR C 315 -29.64 -22.66 11.33
N ILE C 316 -29.61 -22.68 10.00
CA ILE C 316 -30.08 -21.55 9.19
C ILE C 316 -30.96 -22.08 8.07
N TYR C 317 -32.18 -21.60 7.97
CA TYR C 317 -33.07 -22.11 6.93
C TYR C 317 -34.14 -21.09 6.57
N ASP C 318 -34.88 -21.41 5.52
CA ASP C 318 -35.95 -20.54 5.04
C ASP C 318 -35.53 -19.09 4.70
N CYS C 319 -34.52 -18.96 3.86
CA CYS C 319 -34.08 -17.64 3.42
C CYS C 319 -34.20 -17.65 1.89
N GLY C 320 -34.42 -16.48 1.30
CA GLY C 320 -34.62 -16.40 -0.14
C GLY C 320 -33.37 -16.32 -1.02
N GLN C 321 -32.23 -15.90 -0.48
CA GLN C 321 -30.99 -15.82 -1.26
C GLN C 321 -29.91 -16.75 -0.77
N ASN C 322 -29.53 -16.66 0.52
CA ASN C 322 -28.49 -17.55 1.08
C ASN C 322 -28.61 -17.70 2.61
N ALA C 323 -27.99 -18.76 3.14
CA ALA C 323 -27.89 -18.92 4.57
C ALA C 323 -26.64 -18.08 4.94
N ILE C 324 -25.58 -18.13 4.11
CA ILE C 324 -24.36 -17.37 4.33
C ILE C 324 -23.92 -16.73 2.99
N VAL C 325 -23.63 -15.43 2.99
CA VAL C 325 -23.24 -14.76 1.76
C VAL C 325 -22.07 -13.83 2.03
N GLY C 326 -21.34 -13.44 0.97
CA GLY C 326 -20.27 -12.47 1.20
C GLY C 326 -19.16 -12.36 0.19
N HIS C 327 -18.89 -11.14 -0.27
CA HIS C 327 -17.78 -10.93 -1.20
C HIS C 327 -16.73 -10.14 -0.39
N LEU C 328 -15.48 -10.61 -0.41
CA LEU C 328 -14.33 -9.97 0.26
C LEU C 328 -14.30 -9.98 1.79
N GLY C 329 -15.45 -9.75 2.44
CA GLY C 329 -15.45 -9.69 3.89
C GLY C 329 -15.27 -10.97 4.65
N GLY C 330 -15.25 -12.10 3.95
CA GLY C 330 -15.11 -13.37 4.66
C GLY C 330 -13.74 -14.02 4.55
N VAL C 331 -12.72 -13.32 4.03
CA VAL C 331 -11.40 -13.90 3.92
C VAL C 331 -10.89 -14.45 5.26
N PHE C 332 -10.26 -15.63 5.16
CA PHE C 332 -9.66 -16.37 6.28
C PHE C 332 -10.67 -16.85 7.33
N SER C 333 -11.95 -16.86 6.98
CA SER C 333 -12.97 -17.29 7.90
C SER C 333 -13.10 -18.82 7.98
N GLU C 334 -13.82 -19.31 8.98
CA GLU C 334 -14.07 -20.74 9.16
C GLU C 334 -15.58 -20.89 9.36
N ILE C 335 -16.16 -21.87 8.67
CA ILE C 335 -17.58 -22.14 8.68
C ILE C 335 -17.72 -23.64 8.89
N TYR C 336 -18.16 -24.04 10.08
CA TYR C 336 -18.27 -25.45 10.37
C TYR C 336 -19.37 -25.86 11.35
N ASN C 337 -19.79 -27.10 11.23
CA ASN C 337 -20.82 -27.68 12.08
C ASN C 337 -22.12 -26.93 11.94
N ASN C 338 -22.44 -26.39 10.78
CA ASN C 338 -23.72 -25.67 10.66
C ASN C 338 -24.69 -26.58 9.92
N HIS C 339 -25.97 -26.38 10.18
CA HIS C 339 -27.02 -27.15 9.51
C HIS C 339 -27.80 -26.13 8.67
N ILE C 340 -27.64 -26.24 7.36
CA ILE C 340 -28.24 -25.30 6.43
C ILE C 340 -29.24 -26.00 5.53
N TYR C 341 -30.47 -25.47 5.44
CA TYR C 341 -31.48 -26.09 4.59
C TYR C 341 -32.63 -25.17 4.18
N ASN C 342 -33.40 -25.61 3.18
CA ASN C 342 -34.53 -24.81 2.68
C ASN C 342 -34.12 -23.41 2.26
N ILE C 343 -33.06 -23.32 1.46
CA ILE C 343 -32.63 -22.02 1.02
C ILE C 343 -33.10 -21.78 -0.38
N ALA C 344 -33.93 -20.75 -0.56
CA ALA C 344 -34.44 -20.31 -1.85
C ALA C 344 -35.42 -21.26 -2.53
N LEU C 345 -36.18 -22.00 -1.75
CA LEU C 345 -37.13 -22.92 -2.35
C LEU C 345 -38.43 -22.28 -2.85
N LYS C 346 -38.81 -21.12 -2.29
CA LYS C 346 -40.05 -20.49 -2.73
C LYS C 346 -39.91 -19.89 -4.14
N ARG C 347 -38.68 -19.56 -4.51
CA ARG C 347 -38.40 -19.02 -5.82
C ARG C 347 -39.27 -17.84 -6.23
N GLU C 348 -39.49 -16.89 -5.31
CA GLU C 348 -40.30 -15.70 -5.64
C GLU C 348 -39.48 -14.79 -6.56
N PHE C 349 -38.15 -14.95 -6.54
CA PHE C 349 -37.25 -14.16 -7.37
C PHE C 349 -36.03 -15.03 -7.61
N TYR C 350 -35.32 -14.76 -8.71
CA TYR C 350 -34.16 -15.56 -9.05
C TYR C 350 -33.09 -14.67 -9.66
N GLY C 351 -31.83 -15.07 -9.46
CA GLY C 351 -30.71 -14.33 -9.99
C GLY C 351 -29.47 -15.11 -9.64
N HIS C 352 -28.32 -14.69 -10.16
CA HIS C 352 -27.07 -15.42 -9.94
C HIS C 352 -26.35 -15.15 -8.62
N GLU C 353 -27.08 -15.11 -7.52
CA GLU C 353 -26.45 -14.91 -6.22
C GLU C 353 -27.04 -15.88 -5.18
N ILE C 354 -27.78 -16.88 -5.66
CA ILE C 354 -28.48 -17.83 -4.80
C ILE C 354 -27.73 -19.13 -4.48
N ALA C 355 -27.67 -19.49 -3.20
CA ALA C 355 -27.05 -20.75 -2.77
C ALA C 355 -27.04 -20.82 -1.24
N GLY C 356 -27.00 -22.03 -0.70
CA GLY C 356 -26.94 -22.20 0.74
C GLY C 356 -25.84 -21.29 1.30
N ILE C 357 -24.64 -21.40 0.71
CA ILE C 357 -23.52 -20.57 1.06
C ILE C 357 -22.94 -20.05 -0.27
N LYS C 358 -22.76 -18.75 -0.38
CA LYS C 358 -22.14 -18.21 -1.59
C LYS C 358 -21.09 -17.22 -1.11
N LEU C 359 -19.85 -17.44 -1.54
CA LEU C 359 -18.75 -16.55 -1.19
C LEU C 359 -17.86 -16.20 -2.38
N HIS C 360 -17.62 -14.89 -2.53
CA HIS C 360 -16.70 -14.40 -3.56
C HIS C 360 -15.40 -14.06 -2.82
N ALA C 361 -14.27 -14.47 -3.38
CA ALA C 361 -12.96 -14.23 -2.76
C ALA C 361 -12.90 -14.91 -1.38
N ALA C 362 -13.25 -16.20 -1.33
CA ALA C 362 -13.17 -16.96 -0.08
C ALA C 362 -11.70 -17.39 0.18
N ILE C 363 -10.80 -16.42 0.16
CA ILE C 363 -9.39 -16.71 0.37
C ILE C 363 -9.09 -17.47 1.68
N ASP C 364 -8.55 -18.68 1.54
CA ASP C 364 -8.21 -19.50 2.69
C ASP C 364 -9.38 -19.81 3.62
N VAL C 365 -10.60 -19.70 3.12
CA VAL C 365 -11.78 -20.00 3.93
C VAL C 365 -11.92 -21.54 4.11
N GLN C 366 -12.21 -21.97 5.34
CA GLN C 366 -12.35 -23.40 5.69
C GLN C 366 -13.84 -23.68 5.91
N ILE C 367 -14.43 -24.54 5.07
CA ILE C 367 -15.85 -24.89 5.14
C ILE C 367 -15.86 -26.37 5.40
N HIS C 368 -16.19 -26.76 6.63
CA HIS C 368 -16.13 -28.18 6.98
C HIS C 368 -17.18 -28.64 7.96
N HIS C 369 -17.47 -29.95 7.91
CA HIS C 369 -18.45 -30.56 8.83
C HIS C 369 -19.80 -29.87 8.81
N ASN C 370 -20.27 -29.46 7.64
CA ASN C 370 -21.59 -28.82 7.53
C ASN C 370 -22.61 -29.82 6.89
N ARG C 371 -23.89 -29.64 7.23
CA ARG C 371 -24.98 -30.47 6.71
C ARG C 371 -25.82 -29.51 5.84
N ILE C 372 -25.81 -29.71 4.53
CA ILE C 372 -26.49 -28.78 3.62
C ILE C 372 -27.40 -29.54 2.66
N HIS C 373 -28.71 -29.32 2.77
CA HIS C 373 -29.67 -30.06 1.97
C HIS C 373 -30.89 -29.20 1.65
N ASP C 374 -31.66 -29.65 0.67
CA ASP C 374 -32.85 -28.91 0.29
C ASP C 374 -32.57 -27.46 -0.09
N CYS C 375 -31.56 -27.28 -0.95
CA CYS C 375 -31.24 -25.97 -1.47
C CYS C 375 -31.25 -26.09 -2.98
N SER C 376 -31.55 -25.00 -3.68
CA SER C 376 -31.49 -25.11 -5.12
C SER C 376 -30.00 -25.27 -5.52
N LEU C 377 -29.08 -24.78 -4.67
CA LEU C 377 -27.62 -24.92 -4.84
C LEU C 377 -26.99 -24.89 -3.45
N GLY C 378 -26.21 -25.91 -3.10
CA GLY C 378 -25.65 -25.93 -1.76
C GLY C 378 -24.56 -24.92 -1.49
N LEU C 379 -23.47 -24.97 -2.26
CA LEU C 379 -22.34 -24.08 -2.06
C LEU C 379 -21.87 -23.46 -3.38
N TRP C 380 -21.61 -22.15 -3.37
CA TRP C 380 -21.14 -21.51 -4.59
C TRP C 380 -19.93 -20.65 -4.23
N LEU C 381 -18.76 -21.00 -4.75
CA LEU C 381 -17.52 -20.24 -4.52
C LEU C 381 -17.35 -19.57 -5.88
N ASP C 382 -17.42 -18.25 -5.89
CA ASP C 382 -17.42 -17.44 -7.13
C ASP C 382 -16.30 -16.39 -7.09
N TRP C 383 -15.24 -16.60 -7.88
CA TRP C 383 -14.04 -15.75 -7.92
C TRP C 383 -13.11 -16.01 -6.73
N GLU C 384 -11.82 -15.98 -7.01
CA GLU C 384 -10.81 -16.03 -5.98
C GLU C 384 -10.96 -17.07 -4.89
N ALA C 385 -11.38 -18.29 -5.25
CA ALA C 385 -11.47 -19.39 -4.29
C ALA C 385 -10.00 -19.87 -4.18
N GLN C 386 -9.14 -19.09 -3.53
CA GLN C 386 -7.74 -19.46 -3.43
C GLN C 386 -7.41 -19.89 -2.02
N GLY C 387 -6.99 -21.14 -1.87
CA GLY C 387 -6.67 -21.65 -0.55
C GLY C 387 -7.91 -22.15 0.15
N THR C 388 -9.07 -22.01 -0.50
CA THR C 388 -10.33 -22.45 0.07
C THR C 388 -10.35 -23.98 0.24
N ARG C 389 -10.87 -24.44 1.38
CA ARG C 389 -10.99 -25.87 1.63
C ARG C 389 -12.42 -26.28 2.01
N VAL C 390 -13.03 -27.14 1.19
CA VAL C 390 -14.39 -27.66 1.40
C VAL C 390 -14.12 -29.13 1.80
N SER C 391 -14.32 -29.41 3.08
CA SER C 391 -13.98 -30.70 3.61
C SER C 391 -14.97 -31.31 4.59
N LYS C 392 -15.18 -32.61 4.46
CA LYS C 392 -16.05 -33.35 5.36
C LYS C 392 -17.45 -32.80 5.52
N ASN C 393 -18.01 -32.32 4.42
CA ASN C 393 -19.37 -31.80 4.44
C ASN C 393 -20.36 -32.86 3.91
N LEU C 394 -21.63 -32.73 4.30
CA LEU C 394 -22.67 -33.64 3.90
C LEU C 394 -23.68 -32.87 3.06
N PHE C 395 -23.70 -33.17 1.76
CA PHE C 395 -24.63 -32.52 0.85
C PHE C 395 -25.63 -33.55 0.33
N TYR C 396 -26.92 -33.24 0.39
CA TYR C 396 -27.94 -34.14 -0.16
C TYR C 396 -29.24 -33.39 -0.47
N ASN C 397 -30.05 -33.98 -1.34
CA ASN C 397 -31.33 -33.38 -1.69
C ASN C 397 -31.26 -31.92 -2.16
N ASN C 398 -30.20 -31.57 -2.89
CA ASN C 398 -30.11 -30.21 -3.43
C ASN C 398 -30.27 -30.34 -4.92
N ASN C 399 -30.77 -29.31 -5.59
CA ASN C 399 -30.85 -29.40 -7.03
C ASN C 399 -29.41 -29.52 -7.59
N ARG C 400 -28.45 -28.91 -6.90
CA ARG C 400 -27.04 -28.99 -7.27
C ARG C 400 -26.30 -28.87 -5.93
N ASP C 401 -25.17 -29.55 -5.76
CA ASP C 401 -24.42 -29.43 -4.51
C ASP C 401 -23.37 -28.30 -4.47
N VAL C 402 -22.39 -28.36 -5.38
CA VAL C 402 -21.29 -27.41 -5.42
C VAL C 402 -21.00 -26.78 -6.77
N PHE C 403 -20.68 -25.49 -6.73
CA PHE C 403 -20.35 -24.71 -7.91
C PHE C 403 -19.06 -23.89 -7.57
N VAL C 404 -17.96 -24.12 -8.29
CA VAL C 404 -16.72 -23.34 -8.12
C VAL C 404 -16.53 -22.66 -9.49
N GLU C 405 -16.67 -21.34 -9.47
CA GLU C 405 -16.64 -20.55 -10.69
C GLU C 405 -15.51 -19.53 -10.81
N VAL C 406 -14.99 -19.40 -12.02
CA VAL C 406 -13.87 -18.49 -12.36
C VAL C 406 -12.80 -18.30 -11.28
N SER C 407 -12.34 -19.41 -10.73
CA SER C 407 -11.29 -19.40 -9.72
C SER C 407 -10.10 -20.16 -10.29
N HIS C 408 -8.91 -19.88 -9.75
CA HIS C 408 -7.70 -20.51 -10.24
C HIS C 408 -7.04 -21.38 -9.21
N GLY C 409 -7.63 -21.41 -8.02
CA GLY C 409 -7.10 -22.21 -6.93
C GLY C 409 -5.79 -21.69 -6.39
N PRO C 410 -5.06 -22.54 -5.64
CA PRO C 410 -5.44 -23.94 -5.33
C PRO C 410 -6.59 -24.06 -4.34
N TYR C 411 -7.63 -24.76 -4.73
CA TYR C 411 -8.75 -24.96 -3.83
C TYR C 411 -8.88 -26.48 -3.66
N LEU C 412 -9.35 -26.87 -2.49
CA LEU C 412 -9.44 -28.27 -2.12
C LEU C 412 -10.83 -28.68 -1.69
N VAL C 413 -11.30 -29.77 -2.29
CA VAL C 413 -12.60 -30.37 -2.01
C VAL C 413 -12.28 -31.81 -1.57
N ASP C 414 -12.28 -32.06 -0.25
CA ASP C 414 -11.90 -33.36 0.27
C ASP C 414 -12.84 -33.99 1.30
N HIS C 415 -12.93 -35.32 1.23
CA HIS C 415 -13.72 -36.13 2.17
C HIS C 415 -15.19 -35.71 2.30
N ASN C 416 -15.76 -35.23 1.20
CA ASN C 416 -17.16 -34.84 1.24
C ASN C 416 -18.06 -35.93 0.67
N ILE C 417 -19.33 -35.78 1.02
CA ILE C 417 -20.38 -36.61 0.47
C ILE C 417 -21.18 -35.67 -0.43
N LEU C 418 -21.02 -35.77 -1.75
CA LEU C 418 -21.81 -34.89 -2.64
C LEU C 418 -22.76 -35.88 -3.26
N SER C 419 -23.92 -36.01 -2.65
CA SER C 419 -24.88 -37.01 -3.07
C SER C 419 -26.00 -36.59 -4.01
N SER C 420 -26.07 -35.32 -4.40
CA SER C 420 -27.15 -34.93 -5.29
C SER C 420 -26.90 -35.35 -6.74
N GLU C 421 -27.94 -35.40 -7.56
CA GLU C 421 -27.86 -35.80 -8.97
C GLU C 421 -26.93 -34.99 -9.87
N TYR C 422 -26.84 -33.70 -9.55
CA TYR C 422 -26.02 -32.73 -10.26
C TYR C 422 -25.07 -32.34 -9.14
N ALA C 423 -23.89 -32.94 -9.11
CA ALA C 423 -23.02 -32.67 -7.97
C ALA C 423 -22.11 -31.45 -8.02
N ILE C 424 -21.56 -31.18 -9.20
CA ILE C 424 -20.59 -30.13 -9.37
C ILE C 424 -20.70 -29.31 -10.66
N ASP C 425 -20.66 -27.98 -10.51
CA ASP C 425 -20.55 -27.07 -11.65
C ASP C 425 -19.08 -26.60 -11.45
N ASN C 426 -18.24 -26.96 -12.41
CA ASN C 426 -16.84 -26.63 -12.34
C ASN C 426 -16.45 -25.70 -13.49
N MET C 427 -16.34 -24.40 -13.18
CA MET C 427 -15.97 -23.41 -14.20
C MET C 427 -14.70 -22.72 -13.71
N SER C 428 -13.78 -23.55 -13.26
CA SER C 428 -12.53 -23.07 -12.72
C SER C 428 -11.38 -23.96 -13.14
N GLN C 429 -10.23 -23.69 -12.55
CA GLN C 429 -9.03 -24.47 -12.78
C GLN C 429 -8.29 -24.46 -11.44
N GLY C 430 -7.34 -25.37 -11.24
CA GLY C 430 -6.60 -25.38 -10.00
C GLY C 430 -7.25 -26.11 -8.80
N GLY C 431 -8.17 -27.02 -9.10
CA GLY C 431 -8.84 -27.76 -8.03
C GLY C 431 -8.20 -29.11 -7.70
N ALA C 432 -8.49 -29.63 -6.52
CA ALA C 432 -8.03 -30.93 -6.04
C ALA C 432 -9.29 -31.54 -5.35
N TYR C 433 -9.80 -32.64 -5.91
CA TYR C 433 -10.98 -33.34 -5.41
C TYR C 433 -10.40 -34.66 -4.86
N ILE C 434 -10.30 -34.74 -3.54
CA ILE C 434 -9.67 -35.88 -2.87
C ILE C 434 -10.60 -36.64 -1.91
N ASN C 435 -10.70 -37.97 -2.09
CA ASN C 435 -11.49 -38.82 -1.22
C ASN C 435 -12.95 -38.44 -1.03
N ASN C 436 -13.62 -38.06 -2.11
CA ASN C 436 -15.04 -37.71 -1.99
C ASN C 436 -15.93 -38.85 -2.52
N LEU C 437 -17.20 -38.83 -2.12
CA LEU C 437 -18.21 -39.71 -2.68
C LEU C 437 -18.96 -38.67 -3.56
N ILE C 438 -18.98 -38.89 -4.87
CA ILE C 438 -19.63 -37.95 -5.78
C ILE C 438 -20.65 -38.75 -6.57
N ALA C 439 -21.93 -38.47 -6.34
CA ALA C 439 -23.00 -39.25 -6.94
C ALA C 439 -23.88 -38.50 -7.90
N GLY C 440 -23.33 -37.54 -8.62
CA GLY C 440 -24.12 -36.78 -9.54
C GLY C 440 -23.17 -36.28 -10.63
N LYS C 441 -23.72 -35.66 -11.65
CA LYS C 441 -22.87 -35.21 -12.73
C LYS C 441 -22.04 -33.97 -12.43
N MET C 442 -21.06 -33.75 -13.30
CA MET C 442 -20.21 -32.58 -13.22
C MET C 442 -20.30 -31.89 -14.56
N ASN C 443 -20.51 -30.60 -14.51
CA ASN C 443 -20.57 -29.78 -15.70
C ASN C 443 -19.26 -28.96 -15.60
N GLN C 444 -18.30 -29.25 -16.49
CA GLN C 444 -17.01 -28.56 -16.49
C GLN C 444 -16.88 -27.70 -17.77
N ARG C 445 -16.62 -26.40 -17.60
CA ARG C 445 -16.57 -25.46 -18.72
C ARG C 445 -15.47 -24.40 -18.56
N LYS C 446 -14.82 -24.06 -19.68
CA LYS C 446 -13.80 -23.01 -19.69
C LYS C 446 -14.55 -21.67 -19.61
N VAL C 447 -13.84 -20.60 -19.23
CA VAL C 447 -14.43 -19.25 -19.21
C VAL C 447 -13.36 -18.37 -19.83
N LEU C 448 -13.51 -18.12 -21.12
CA LEU C 448 -12.49 -17.37 -21.82
C LEU C 448 -12.75 -15.89 -22.04
N ASN C 449 -13.93 -15.40 -21.67
CA ASN C 449 -14.19 -13.98 -21.86
C ASN C 449 -14.26 -13.20 -20.54
N ARG C 450 -13.79 -13.82 -19.45
CA ARG C 450 -13.76 -13.20 -18.12
C ARG C 450 -12.45 -13.62 -17.43
N SER C 451 -11.67 -12.61 -17.06
CA SER C 451 -10.41 -12.83 -16.38
C SER C 451 -10.69 -12.36 -14.95
N THR C 452 -10.13 -13.06 -13.96
CA THR C 452 -10.37 -12.73 -12.56
C THR C 452 -9.09 -12.82 -11.75
N GLN C 453 -9.02 -12.09 -10.65
CA GLN C 453 -7.81 -12.05 -9.86
C GLN C 453 -7.32 -13.32 -9.17
N TYR C 454 -6.01 -13.41 -8.99
CA TYR C 454 -5.45 -14.45 -8.15
C TYR C 454 -4.50 -13.67 -7.24
N HIS C 455 -4.08 -14.30 -6.16
CA HIS C 455 -3.32 -13.61 -5.13
C HIS C 455 -1.98 -14.23 -4.71
N LEU C 456 -1.21 -13.47 -3.94
CA LEU C 456 -0.01 -14.03 -3.33
C LEU C 456 -0.63 -15.02 -2.30
N PRO C 457 0.10 -16.08 -1.92
CA PRO C 457 -0.48 -17.02 -0.94
C PRO C 457 -0.86 -16.46 0.44
N HIS C 458 -1.98 -16.95 0.98
CA HIS C 458 -2.39 -16.54 2.31
C HIS C 458 -2.50 -15.04 2.47
N SER C 459 -2.98 -14.36 1.42
CA SER C 459 -3.01 -12.91 1.49
C SER C 459 -4.04 -12.34 0.52
N THR C 460 -4.40 -11.07 0.73
CA THR C 460 -5.33 -10.41 -0.18
C THR C 460 -4.51 -9.67 -1.27
N GLU C 461 -3.19 -9.58 -1.10
CA GLU C 461 -2.37 -8.91 -2.14
C GLU C 461 -2.67 -9.56 -3.49
N VAL C 462 -2.89 -8.73 -4.51
CA VAL C 462 -3.17 -9.26 -5.86
C VAL C 462 -1.87 -9.61 -6.59
N ALA C 463 -1.80 -10.84 -7.11
CA ALA C 463 -0.63 -11.26 -7.88
C ALA C 463 -0.84 -11.14 -9.41
N GLY C 464 -2.09 -11.24 -9.85
CA GLY C 464 -2.37 -11.18 -11.29
C GLY C 464 -3.85 -11.44 -11.54
N PHE C 465 -4.20 -11.88 -12.75
CA PHE C 465 -5.57 -12.20 -13.07
C PHE C 465 -5.49 -13.12 -14.28
N ALA C 466 -6.50 -13.94 -14.48
CA ALA C 466 -6.47 -14.88 -15.58
C ALA C 466 -7.84 -15.39 -15.96
N PHE C 467 -7.91 -15.91 -17.19
CA PHE C 467 -9.11 -16.57 -17.70
C PHE C 467 -9.02 -18.00 -17.18
N VAL C 468 -10.12 -18.74 -17.35
CA VAL C 468 -10.13 -20.14 -16.97
C VAL C 468 -9.98 -20.95 -18.26
N TYR C 469 -8.80 -21.56 -18.43
CA TYR C 469 -8.51 -22.38 -19.60
C TYR C 469 -9.08 -23.80 -19.47
N GLY C 470 -9.46 -24.20 -18.25
CA GLY C 470 -10.02 -25.53 -18.04
C GLY C 470 -8.97 -26.56 -17.68
N GLY C 471 -9.30 -27.52 -16.83
CA GLY C 471 -8.29 -28.51 -16.50
C GLY C 471 -7.41 -28.04 -15.36
N ASP C 472 -6.19 -28.56 -15.26
CA ASP C 472 -5.30 -28.27 -14.13
C ASP C 472 -6.10 -28.57 -12.84
N ASP C 473 -6.74 -29.74 -12.83
CA ASP C 473 -7.50 -30.23 -11.67
C ASP C 473 -6.89 -31.58 -11.23
N ARG C 474 -7.11 -31.97 -9.97
CA ARG C 474 -6.62 -33.27 -9.46
C ARG C 474 -7.84 -34.04 -8.91
N PHE C 475 -7.92 -35.33 -9.24
CA PHE C 475 -8.98 -36.19 -8.71
C PHE C 475 -8.31 -37.50 -8.26
N TYR C 476 -8.32 -37.75 -6.96
CA TYR C 476 -7.72 -38.95 -6.35
C TYR C 476 -8.64 -39.51 -5.27
N ASN C 477 -8.73 -40.85 -5.25
CA ASN C 477 -9.48 -41.56 -4.24
C ASN C 477 -10.97 -41.25 -4.17
N ASN C 478 -11.57 -40.83 -5.27
CA ASN C 478 -13.00 -40.54 -5.23
C ASN C 478 -13.83 -41.72 -5.67
N ILE C 479 -15.07 -41.79 -5.18
CA ILE C 479 -15.99 -42.83 -5.60
C ILE C 479 -17.03 -42.05 -6.38
N PHE C 480 -17.19 -42.37 -7.66
CA PHE C 480 -18.20 -41.73 -8.51
C PHE C 480 -19.34 -42.72 -8.74
N ILE C 481 -20.58 -42.23 -8.74
CA ILE C 481 -21.73 -43.09 -8.94
C ILE C 481 -22.70 -42.39 -9.88
N GLY C 482 -22.94 -43.01 -11.02
CA GLY C 482 -23.84 -42.44 -11.99
C GLY C 482 -25.24 -42.94 -11.73
N LYS C 483 -26.08 -42.83 -12.73
CA LYS C 483 -27.47 -43.23 -12.57
C LYS C 483 -27.96 -43.29 -14.00
N GLU C 484 -28.94 -44.15 -14.26
CA GLU C 484 -29.48 -44.32 -15.60
C GLU C 484 -29.86 -43.01 -16.28
N GLY C 485 -29.42 -42.87 -17.53
CA GLY C 485 -29.72 -41.68 -18.31
C GLY C 485 -28.92 -40.44 -17.92
N LEU C 486 -28.32 -40.48 -16.74
CA LEU C 486 -27.53 -39.36 -16.23
C LEU C 486 -26.16 -39.35 -16.87
N GLU C 487 -25.87 -38.28 -17.61
CA GLU C 487 -24.61 -38.17 -18.30
C GLU C 487 -23.57 -37.33 -17.56
N ASN C 488 -22.33 -37.42 -18.00
CA ASN C 488 -21.26 -36.63 -17.43
C ASN C 488 -20.91 -36.79 -15.95
N VAL C 489 -21.03 -38.01 -15.44
CA VAL C 489 -20.62 -38.32 -14.08
C VAL C 489 -19.22 -38.92 -14.25
N GLY C 490 -18.26 -38.46 -13.46
CA GLY C 490 -16.92 -39.00 -13.54
C GLY C 490 -15.87 -37.98 -13.92
N THR C 491 -14.84 -38.45 -14.64
CA THR C 491 -13.74 -37.60 -15.06
C THR C 491 -13.40 -37.67 -16.56
N SER C 492 -14.32 -38.19 -17.37
CA SER C 492 -14.01 -38.29 -18.80
C SER C 492 -14.06 -36.91 -19.44
N HIS C 493 -14.51 -35.92 -18.66
CA HIS C 493 -14.58 -34.54 -19.16
C HIS C 493 -13.22 -34.06 -19.63
N TYR C 494 -12.18 -34.60 -19.02
CA TYR C 494 -10.83 -34.19 -19.30
C TYR C 494 -10.09 -35.04 -20.31
N ASN C 495 -10.78 -35.84 -21.12
CA ASN C 495 -10.06 -36.70 -22.03
C ASN C 495 -8.98 -36.05 -22.89
N ASN C 496 -9.13 -34.79 -23.27
CA ASN C 496 -8.07 -34.20 -24.09
C ASN C 496 -6.92 -33.53 -23.35
N CYS C 497 -6.97 -33.57 -22.02
CA CYS C 497 -5.91 -32.92 -21.25
C CYS C 497 -4.59 -33.64 -21.23
N THR C 498 -3.53 -32.90 -20.92
CA THR C 498 -2.22 -33.50 -20.78
C THR C 498 -2.21 -34.17 -19.38
N THR C 499 -1.20 -34.99 -19.11
CA THR C 499 -1.22 -35.68 -17.84
C THR C 499 -0.15 -35.29 -16.83
N SER C 500 0.67 -34.31 -17.15
CA SER C 500 1.67 -33.83 -16.19
C SER C 500 2.09 -32.43 -16.64
N LEU C 501 2.56 -31.64 -15.70
CA LEU C 501 2.98 -30.30 -16.04
C LEU C 501 4.17 -30.43 -17.03
N GLU C 502 5.07 -31.41 -16.81
CA GLU C 502 6.20 -31.63 -17.72
C GLU C 502 5.72 -31.85 -19.17
N GLU C 503 4.67 -32.64 -19.33
CA GLU C 503 4.14 -32.89 -20.68
C GLU C 503 3.54 -31.61 -21.30
N TYR C 504 2.79 -30.85 -20.49
CA TYR C 504 2.20 -29.59 -20.98
C TYR C 504 3.32 -28.67 -21.47
N ILE C 505 4.35 -28.52 -20.64
CA ILE C 505 5.48 -27.67 -21.01
C ILE C 505 6.19 -28.13 -22.28
N GLU C 506 6.38 -29.42 -22.42
CA GLU C 506 7.04 -29.94 -23.61
C GLU C 506 6.20 -29.68 -24.84
N LYS C 507 4.91 -29.91 -24.76
CA LYS C 507 4.05 -29.69 -25.93
C LYS C 507 3.96 -28.22 -26.33
N VAL C 508 3.89 -27.35 -25.33
CA VAL C 508 3.82 -25.91 -25.58
C VAL C 508 5.12 -25.40 -26.21
N ASN C 509 6.23 -25.88 -25.70
CA ASN C 509 7.45 -25.37 -26.21
C ASN C 509 8.03 -26.04 -27.45
N GLU C 510 7.19 -26.81 -28.15
CA GLU C 510 7.58 -27.48 -29.38
C GLU C 510 7.86 -26.46 -30.48
N VAL C 511 7.06 -25.41 -30.54
CA VAL C 511 7.29 -24.38 -31.54
C VAL C 511 7.43 -23.04 -30.82
N PRO C 512 8.38 -22.22 -31.26
CA PRO C 512 8.62 -20.91 -30.63
C PRO C 512 7.35 -20.05 -30.60
N GLY C 513 7.26 -19.17 -29.60
CA GLY C 513 6.10 -18.30 -29.50
C GLY C 513 5.74 -17.90 -28.08
N ASP C 514 4.56 -17.31 -27.94
CA ASP C 514 4.10 -16.91 -26.63
C ASP C 514 2.68 -17.42 -26.35
N LEU C 515 1.78 -16.51 -25.96
CA LEU C 515 0.41 -16.88 -25.61
C LEU C 515 -0.29 -17.86 -26.57
N GLY C 516 -0.24 -17.61 -27.87
CA GLY C 516 -0.86 -18.53 -28.82
C GLY C 516 -0.36 -19.97 -28.70
N GLU C 517 0.94 -20.14 -28.46
CA GLU C 517 1.45 -21.51 -28.31
C GLU C 517 0.90 -22.13 -27.02
N PHE C 518 0.72 -21.33 -25.97
CA PHE C 518 0.19 -21.90 -24.72
C PHE C 518 -1.27 -22.25 -24.88
N GLU C 519 -2.03 -21.41 -25.56
CA GLU C 519 -3.46 -21.71 -25.69
C GLU C 519 -3.79 -22.96 -26.52
N ARG C 520 -2.89 -23.38 -27.41
CA ARG C 520 -3.20 -24.57 -28.22
C ARG C 520 -3.04 -25.91 -27.45
N VAL C 521 -2.48 -25.89 -26.26
CA VAL C 521 -2.29 -27.14 -25.52
C VAL C 521 -3.24 -27.19 -24.31
N GLU C 522 -3.91 -28.33 -24.07
CA GLU C 522 -4.80 -28.45 -22.90
C GLU C 522 -3.99 -28.59 -21.59
N GLN C 523 -4.44 -27.94 -20.52
CA GLN C 523 -3.75 -28.02 -19.22
C GLN C 523 -3.73 -29.45 -18.71
N PRO C 524 -2.78 -29.75 -17.82
CA PRO C 524 -2.73 -31.14 -17.32
C PRO C 524 -3.76 -31.46 -16.28
N VAL C 525 -4.09 -32.73 -16.11
CA VAL C 525 -4.97 -33.15 -15.02
C VAL C 525 -4.19 -34.28 -14.34
N TYR C 526 -4.40 -34.45 -13.05
CA TYR C 526 -3.71 -35.44 -12.22
C TYR C 526 -4.80 -36.34 -11.65
N ILE C 527 -5.04 -37.47 -12.31
CA ILE C 527 -6.15 -38.33 -11.94
C ILE C 527 -5.74 -39.78 -11.74
N ASN C 528 -6.06 -40.31 -10.55
CA ASN C 528 -5.72 -41.68 -10.22
C ASN C 528 -6.42 -42.20 -8.97
N LYS C 529 -6.60 -43.52 -8.93
CA LYS C 529 -7.23 -44.22 -7.83
C LYS C 529 -8.70 -43.90 -7.55
N ASN C 530 -9.47 -43.64 -8.60
CA ASN C 530 -10.89 -43.37 -8.42
C ASN C 530 -11.67 -44.65 -8.83
N ALA C 531 -12.91 -44.77 -8.37
CA ALA C 531 -13.77 -45.90 -8.70
C ALA C 531 -14.97 -45.25 -9.42
N TYR C 532 -15.54 -45.96 -10.38
CA TYR C 532 -16.63 -45.46 -11.18
C TYR C 532 -17.69 -46.56 -11.30
N PHE C 533 -18.88 -46.26 -10.76
CA PHE C 533 -19.96 -47.22 -10.73
C PHE C 533 -21.25 -46.71 -11.37
N ASN C 534 -22.09 -47.64 -11.76
CA ASN C 534 -23.39 -47.31 -12.28
C ASN C 534 -23.46 -46.25 -13.37
N GLY C 535 -22.51 -46.29 -14.30
CA GLY C 535 -22.55 -45.34 -15.39
C GLY C 535 -21.51 -44.23 -15.33
N ALA C 536 -20.83 -44.06 -14.20
CA ALA C 536 -19.79 -43.01 -14.12
C ALA C 536 -18.69 -43.45 -15.12
N GLU C 537 -18.04 -42.48 -15.77
CA GLU C 537 -17.00 -42.71 -16.79
C GLU C 537 -15.68 -42.09 -16.37
N PRO C 538 -14.57 -42.79 -16.59
CA PRO C 538 -13.29 -42.21 -16.20
C PRO C 538 -12.50 -41.48 -17.27
N PHE C 539 -11.54 -40.69 -16.82
CA PHE C 539 -10.61 -40.00 -17.69
C PHE C 539 -9.96 -41.19 -18.44
N GLU C 540 -9.87 -41.12 -19.75
CA GLU C 540 -9.30 -42.27 -20.44
C GLU C 540 -7.86 -42.57 -20.15
N LYS C 541 -7.08 -41.60 -19.69
CA LYS C 541 -5.68 -41.91 -19.42
C LYS C 541 -5.40 -42.20 -17.93
N GLU C 542 -6.44 -42.36 -17.13
CA GLU C 542 -6.18 -42.66 -15.72
C GLU C 542 -5.47 -44.03 -15.64
N LYS C 543 -4.40 -44.13 -14.87
CA LYS C 543 -3.70 -45.40 -14.79
C LYS C 543 -4.29 -46.44 -13.85
N ASP C 544 -4.62 -46.07 -12.62
CA ASP C 544 -5.16 -47.05 -11.68
C ASP C 544 -6.55 -46.73 -11.23
N ASN C 545 -7.54 -47.45 -11.73
CA ASN C 545 -8.91 -47.16 -11.28
C ASN C 545 -9.78 -48.42 -11.27
N LEU C 546 -11.00 -48.30 -10.75
CA LEU C 546 -11.92 -49.42 -10.70
C LEU C 546 -13.17 -48.98 -11.41
N VAL C 547 -13.47 -49.58 -12.55
CA VAL C 547 -14.68 -49.21 -13.29
C VAL C 547 -15.66 -50.38 -13.37
N LYS C 548 -16.84 -50.21 -12.78
CA LYS C 548 -17.87 -51.25 -12.82
C LYS C 548 -19.15 -50.56 -13.17
N LYS C 549 -19.34 -50.30 -14.46
CA LYS C 549 -20.51 -49.63 -14.96
C LYS C 549 -21.78 -50.34 -14.65
N ASP C 550 -21.69 -51.65 -14.48
CA ASP C 550 -22.90 -52.37 -14.21
C ASP C 550 -23.25 -52.52 -12.73
N PHE C 551 -22.33 -52.14 -11.85
CA PHE C 551 -22.59 -52.25 -10.42
C PHE C 551 -23.38 -51.04 -9.87
N ASP C 552 -24.50 -51.32 -9.24
CA ASP C 552 -25.32 -50.26 -8.66
C ASP C 552 -25.15 -50.21 -7.13
N PRO C 553 -24.51 -49.15 -6.59
CA PRO C 553 -24.31 -49.05 -5.13
C PRO C 553 -25.58 -48.84 -4.30
N LYS C 554 -26.68 -48.50 -4.96
CA LYS C 554 -27.93 -48.27 -4.25
C LYS C 554 -27.74 -47.29 -3.09
N LEU C 555 -27.12 -46.14 -3.41
CA LEU C 555 -26.85 -45.06 -2.46
C LEU C 555 -28.13 -44.42 -1.93
N ALA C 556 -28.17 -44.22 -0.63
CA ALA C 556 -29.32 -43.57 -0.01
C ALA C 556 -28.85 -42.78 1.20
N ILE C 557 -29.39 -41.59 1.35
CA ILE C 557 -29.06 -40.77 2.52
C ILE C 557 -30.38 -40.83 3.29
N ILE C 558 -30.32 -41.32 4.53
CA ILE C 558 -31.54 -41.42 5.29
C ILE C 558 -31.50 -40.37 6.39
N ASP C 559 -32.32 -39.35 6.21
CA ASP C 559 -32.42 -38.22 7.14
C ASP C 559 -33.53 -38.52 8.16
N GLU C 560 -33.16 -38.81 9.40
CA GLU C 560 -34.18 -39.07 10.42
C GLU C 560 -34.30 -37.89 11.38
N GLY C 561 -34.07 -36.67 10.92
CA GLY C 561 -34.18 -35.53 11.80
C GLY C 561 -32.83 -35.10 12.30
N ASP C 562 -32.52 -35.44 13.55
CA ASP C 562 -31.24 -35.07 14.10
C ASP C 562 -30.11 -35.99 13.68
N GLU C 563 -30.44 -37.14 13.12
CA GLU C 563 -29.40 -38.03 12.68
C GLU C 563 -29.59 -38.31 11.20
N VAL C 564 -28.50 -38.63 10.52
CA VAL C 564 -28.58 -38.92 9.10
C VAL C 564 -27.69 -40.14 8.87
N TYR C 565 -28.16 -41.05 8.05
CA TYR C 565 -27.40 -42.24 7.76
C TYR C 565 -27.13 -42.35 6.30
N LEU C 566 -26.03 -43.02 6.01
CA LEU C 566 -25.61 -43.30 4.66
C LEU C 566 -25.74 -44.83 4.47
N SER C 567 -26.46 -45.23 3.43
CA SER C 567 -26.64 -46.64 3.08
C SER C 567 -25.96 -46.80 1.73
N LEU C 568 -25.00 -47.72 1.65
CA LEU C 568 -24.24 -47.91 0.43
C LEU C 568 -23.72 -49.34 0.25
N GLN C 569 -23.96 -49.92 -0.92
CA GLN C 569 -23.43 -51.24 -1.26
C GLN C 569 -22.16 -51.05 -2.10
N LEU C 570 -21.12 -51.85 -1.83
CA LEU C 570 -19.88 -51.79 -2.63
C LEU C 570 -19.52 -53.21 -3.12
N PRO C 571 -18.88 -53.32 -4.29
CA PRO C 571 -18.47 -54.58 -4.88
C PRO C 571 -17.25 -55.17 -4.20
N ASP C 572 -17.05 -56.47 -4.35
CA ASP C 572 -15.91 -57.09 -3.71
C ASP C 572 -14.62 -56.48 -4.19
N GLU C 573 -14.62 -55.97 -5.42
CA GLU C 573 -13.42 -55.37 -6.00
C GLU C 573 -12.99 -54.09 -5.27
N PHE C 574 -13.89 -53.52 -4.47
CA PHE C 574 -13.60 -52.31 -3.72
C PHE C 574 -12.37 -52.57 -2.85
N GLU C 575 -12.24 -53.78 -2.34
CA GLU C 575 -11.11 -54.11 -1.50
C GLU C 575 -9.76 -54.10 -2.24
N ASN C 576 -9.78 -54.16 -3.56
CA ASN C 576 -8.52 -54.18 -4.30
C ASN C 576 -7.96 -52.82 -4.72
N ILE C 577 -8.74 -51.76 -4.54
CA ILE C 577 -8.23 -50.45 -4.90
C ILE C 577 -7.96 -49.71 -3.57
N VAL C 578 -6.75 -49.21 -3.39
CA VAL C 578 -6.42 -48.48 -2.17
C VAL C 578 -5.85 -47.12 -2.50
N GLY C 579 -6.16 -46.13 -1.66
CA GLY C 579 -5.66 -44.79 -1.94
C GLY C 579 -4.53 -44.34 -1.04
N ASP C 580 -3.74 -43.39 -1.54
CA ASP C 580 -2.65 -42.84 -0.75
C ASP C 580 -3.18 -41.70 0.11
N ILE C 581 -2.36 -41.29 1.06
CA ILE C 581 -2.67 -40.14 1.91
C ILE C 581 -2.15 -38.99 1.05
N HIS C 582 -3.02 -38.08 0.64
CA HIS C 582 -2.49 -36.97 -0.14
C HIS C 582 -2.05 -35.84 0.76
N SER C 583 -1.20 -34.98 0.22
CA SER C 583 -0.63 -33.90 1.00
C SER C 583 -0.01 -32.87 0.07
N THR C 584 0.59 -31.85 0.66
CA THR C 584 1.25 -30.82 -0.11
C THR C 584 2.32 -31.49 -1.00
N LYS C 585 3.00 -32.49 -0.46
CA LYS C 585 4.03 -33.20 -1.19
C LYS C 585 3.48 -33.94 -2.40
N THR C 586 2.29 -34.54 -2.29
CA THR C 586 1.76 -35.31 -3.42
C THR C 586 0.91 -34.55 -4.45
N LEU C 587 0.46 -33.34 -4.13
CA LEU C 587 -0.40 -32.62 -5.06
C LEU C 587 0.42 -31.65 -5.86
N GLU C 588 0.39 -31.80 -7.18
CA GLU C 588 1.17 -30.90 -8.03
C GLU C 588 0.65 -29.45 -7.90
N ARG C 589 1.58 -28.48 -7.91
CA ARG C 589 1.21 -27.08 -7.81
C ARG C 589 0.31 -26.68 -8.98
N VAL C 590 -0.52 -25.65 -8.78
CA VAL C 590 -1.40 -25.18 -9.86
C VAL C 590 -0.51 -24.36 -10.77
N ARG C 591 -0.80 -24.38 -12.06
CA ARG C 591 0.07 -23.69 -13.02
C ARG C 591 0.07 -22.15 -13.01
N ILE C 592 -1.08 -21.53 -13.29
CA ILE C 592 -1.12 -20.08 -13.33
C ILE C 592 -0.80 -19.36 -12.03
N VAL C 593 -1.41 -19.78 -10.92
CA VAL C 593 -1.17 -19.14 -9.64
C VAL C 593 0.22 -19.55 -9.08
N ASP C 594 0.72 -20.70 -9.54
CA ASP C 594 2.04 -21.22 -9.15
C ASP C 594 2.18 -21.38 -7.61
N ALA C 595 1.17 -21.96 -6.98
CA ALA C 595 1.13 -22.14 -5.53
C ALA C 595 0.76 -23.59 -5.14
N GLU C 596 1.17 -24.00 -3.94
CA GLU C 596 0.93 -25.35 -3.48
C GLU C 596 -0.37 -25.43 -2.68
N TYR C 597 -0.75 -26.64 -2.35
CA TYR C 597 -1.92 -26.89 -1.52
C TYR C 597 -1.36 -27.03 -0.11
N GLU C 598 -1.61 -26.03 0.73
CA GLU C 598 -1.09 -26.11 2.09
C GLU C 598 -2.08 -25.57 3.10
N SER C 599 -1.71 -25.56 4.37
CA SER C 599 -2.54 -25.02 5.46
C SER C 599 -2.52 -23.51 5.41
N PRO C 600 -3.53 -22.86 6.00
CA PRO C 600 -3.64 -21.39 6.01
C PRO C 600 -2.39 -20.76 6.62
N ASP C 601 -1.76 -21.47 7.55
CA ASP C 601 -0.54 -20.96 8.17
C ASP C 601 0.70 -21.22 7.31
N GLY C 602 0.52 -21.65 6.07
CA GLY C 602 1.70 -21.86 5.23
C GLY C 602 2.45 -23.19 5.43
N LYS C 603 1.98 -24.02 6.34
CA LYS C 603 2.63 -25.29 6.58
C LYS C 603 2.04 -26.41 5.76
N GLU C 604 2.78 -27.51 5.72
CA GLU C 604 2.35 -28.68 4.97
C GLU C 604 1.00 -29.17 5.45
N LEU C 605 0.18 -29.56 4.50
CA LEU C 605 -1.12 -30.08 4.80
C LEU C 605 -1.12 -31.59 4.49
N VAL C 606 -1.63 -32.40 5.41
CA VAL C 606 -1.71 -33.85 5.20
C VAL C 606 -3.16 -34.30 5.34
N LEU C 607 -3.71 -34.92 4.31
CA LEU C 607 -5.11 -35.31 4.39
C LEU C 607 -5.27 -36.74 4.91
N ASP C 608 -4.90 -36.96 6.16
CA ASP C 608 -4.95 -38.28 6.78
C ASP C 608 -6.08 -38.57 7.76
N THR C 609 -7.15 -37.78 7.74
CA THR C 609 -8.31 -38.10 8.58
C THR C 609 -9.52 -38.05 7.68
N ASP C 610 -10.48 -38.94 7.92
CA ASP C 610 -11.61 -38.96 7.03
C ASP C 610 -12.79 -38.13 7.50
N TYR C 611 -13.90 -38.36 6.82
CA TYR C 611 -15.13 -37.66 7.12
C TYR C 611 -15.58 -37.83 8.57
N LEU C 612 -15.28 -38.98 9.17
CA LEU C 612 -15.68 -39.21 10.57
C LEU C 612 -14.51 -38.82 11.52
N ASP C 613 -13.50 -38.19 10.93
CA ASP C 613 -12.30 -37.76 11.67
C ASP C 613 -11.42 -38.90 12.21
N ALA C 614 -11.53 -40.08 11.59
CA ALA C 614 -10.68 -41.22 11.96
C ALA C 614 -9.35 -41.05 11.23
N LYS C 615 -8.26 -41.24 11.94
CA LYS C 615 -6.93 -41.14 11.35
C LYS C 615 -6.82 -42.37 10.48
N LYS C 616 -6.27 -42.24 9.28
CA LYS C 616 -6.13 -43.40 8.43
C LYS C 616 -4.69 -43.66 8.05
N PRO C 617 -4.35 -44.93 7.75
CA PRO C 617 -3.02 -45.41 7.35
C PRO C 617 -2.75 -45.13 5.90
N GLU C 618 -1.51 -45.38 5.49
CA GLU C 618 -1.11 -45.10 4.12
C GLU C 618 -1.92 -45.76 3.04
N ASN C 619 -2.29 -47.01 3.22
CA ASN C 619 -3.07 -47.65 2.19
C ASN C 619 -4.39 -47.90 2.86
N SER C 620 -5.42 -47.31 2.28
CA SER C 620 -6.72 -47.35 2.88
C SER C 620 -7.80 -47.32 1.81
N SER C 621 -9.05 -47.62 2.19
CA SER C 621 -10.16 -47.61 1.24
C SER C 621 -10.26 -46.21 0.62
N ILE C 622 -10.70 -46.12 -0.63
CA ILE C 622 -10.88 -44.82 -1.22
C ILE C 622 -12.24 -44.26 -0.76
N GLY C 623 -12.62 -43.06 -1.20
CA GLY C 623 -13.89 -42.54 -0.75
C GLY C 623 -13.67 -41.72 0.52
N PRO C 624 -14.73 -41.16 1.10
CA PRO C 624 -14.64 -40.33 2.31
C PRO C 624 -14.61 -40.92 3.71
N ILE C 625 -14.95 -42.21 3.80
CA ILE C 625 -15.02 -42.90 5.09
C ILE C 625 -14.24 -44.18 5.05
N ALA C 626 -13.18 -44.28 5.87
CA ALA C 626 -12.34 -45.46 5.91
C ALA C 626 -13.08 -46.78 6.23
N LEU C 627 -14.14 -46.72 7.06
CA LEU C 627 -14.94 -47.89 7.42
C LEU C 627 -15.63 -48.54 6.22
N LEU C 628 -15.80 -47.79 5.12
CA LEU C 628 -16.47 -48.35 3.96
C LEU C 628 -15.67 -49.56 3.50
N LYS C 629 -16.40 -50.63 3.18
CA LYS C 629 -15.81 -51.90 2.74
C LYS C 629 -16.75 -52.57 1.75
N LYS C 630 -16.33 -53.69 1.19
CA LYS C 630 -17.15 -54.43 0.25
C LYS C 630 -18.38 -54.89 0.98
N GLY C 631 -19.51 -54.95 0.27
CA GLY C 631 -20.72 -55.40 0.90
C GLY C 631 -21.66 -54.28 1.28
N ASN C 632 -22.49 -54.55 2.29
CA ASN C 632 -23.44 -53.59 2.76
C ASN C 632 -22.76 -52.65 3.73
N ASN C 633 -23.20 -51.39 3.75
CA ASN C 633 -22.63 -50.37 4.62
C ASN C 633 -23.81 -49.51 5.08
N TYR C 634 -23.93 -49.30 6.37
CA TYR C 634 -24.99 -48.45 6.88
C TYR C 634 -24.24 -47.64 7.90
N ILE C 635 -24.05 -46.36 7.62
CA ILE C 635 -23.24 -45.54 8.52
C ILE C 635 -23.86 -44.23 8.94
N LYS C 636 -23.74 -43.90 10.22
CA LYS C 636 -24.28 -42.64 10.71
C LYS C 636 -23.34 -41.53 10.23
N VAL C 637 -23.87 -40.58 9.48
CA VAL C 637 -23.03 -39.51 8.98
C VAL C 637 -23.34 -38.14 9.57
N TRP C 638 -24.30 -38.10 10.49
CA TRP C 638 -24.62 -36.86 11.20
C TRP C 638 -25.35 -37.24 12.48
N MET D 1 -29.08 16.39 -16.80
CA MET D 1 -30.43 16.90 -16.42
C MET D 1 -30.27 18.14 -15.53
N GLU D 2 -31.15 19.10 -15.69
CA GLU D 2 -31.11 20.30 -14.87
C GLU D 2 -32.38 20.25 -14.04
N TYR D 3 -32.24 19.85 -12.77
CA TYR D 3 -33.39 19.76 -11.86
C TYR D 3 -33.65 21.13 -11.23
N HIS D 4 -34.92 21.37 -10.93
CA HIS D 4 -35.38 22.60 -10.29
C HIS D 4 -36.14 22.26 -9.02
N VAL D 5 -35.92 23.08 -8.00
CA VAL D 5 -36.57 22.95 -6.69
C VAL D 5 -37.14 24.35 -6.40
N ALA D 6 -38.40 24.39 -6.00
CA ALA D 6 -39.07 25.68 -5.74
C ALA D 6 -40.15 25.50 -4.70
N LYS D 7 -40.46 26.57 -3.97
CA LYS D 7 -41.47 26.49 -2.92
C LYS D 7 -42.88 26.21 -3.49
N THR D 8 -43.01 26.27 -4.81
CA THR D 8 -44.28 25.98 -5.48
C THR D 8 -44.26 24.61 -6.13
N GLY D 9 -43.22 23.82 -5.88
CA GLY D 9 -43.12 22.52 -6.53
C GLY D 9 -43.73 21.37 -5.78
N SER D 10 -43.34 20.17 -6.19
CA SER D 10 -43.88 18.98 -5.56
C SER D 10 -42.88 17.86 -5.72
N ASP D 11 -42.65 17.10 -4.64
CA ASP D 11 -41.70 16.01 -4.75
C ASP D 11 -42.27 14.81 -5.50
N GLU D 12 -43.51 14.94 -5.95
CA GLU D 12 -44.12 13.87 -6.74
C GLU D 12 -44.06 14.37 -8.18
N GLY D 13 -43.52 15.57 -8.41
CA GLY D 13 -43.41 16.09 -9.76
C GLY D 13 -42.16 15.61 -10.52
N LYS D 14 -41.94 16.13 -11.73
CA LYS D 14 -40.79 15.71 -12.54
C LYS D 14 -39.44 16.36 -12.21
N GLY D 15 -39.44 17.47 -11.48
CA GLY D 15 -38.19 18.13 -11.16
C GLY D 15 -37.69 19.03 -12.28
N THR D 16 -38.59 19.41 -13.19
CA THR D 16 -38.20 20.31 -14.28
C THR D 16 -38.51 21.76 -13.89
N LEU D 17 -38.17 22.69 -14.77
CA LEU D 17 -38.43 24.09 -14.48
C LEU D 17 -39.94 24.35 -14.37
N LYS D 18 -40.72 23.73 -15.26
CA LYS D 18 -42.17 23.92 -15.25
C LYS D 18 -42.88 23.11 -14.19
N ASP D 19 -42.24 22.05 -13.72
CA ASP D 19 -42.83 21.16 -12.73
C ASP D 19 -41.73 20.79 -11.72
N PRO D 20 -41.23 21.78 -10.96
CA PRO D 20 -40.17 21.59 -9.97
C PRO D 20 -40.48 20.73 -8.74
N PHE D 21 -39.44 20.23 -8.08
CA PHE D 21 -39.60 19.46 -6.85
C PHE D 21 -39.83 20.52 -5.78
N LEU D 22 -40.21 20.09 -4.58
CA LEU D 22 -40.46 20.97 -3.47
C LEU D 22 -39.28 21.05 -2.50
N THR D 23 -38.57 19.92 -2.30
CA THR D 23 -37.44 19.89 -1.38
C THR D 23 -36.09 19.63 -2.06
N ILE D 24 -35.06 20.22 -1.51
CA ILE D 24 -33.73 20.03 -2.10
C ILE D 24 -33.29 18.58 -1.90
N ASN D 25 -33.66 17.95 -0.78
CA ASN D 25 -33.19 16.58 -0.62
C ASN D 25 -33.79 15.67 -1.65
N LYS D 26 -34.97 16.02 -2.14
CA LYS D 26 -35.59 15.23 -3.19
C LYS D 26 -34.64 15.22 -4.41
N ALA D 27 -34.21 16.40 -4.85
CA ALA D 27 -33.31 16.45 -6.02
C ALA D 27 -32.01 15.70 -5.70
N ALA D 28 -31.54 15.84 -4.47
CA ALA D 28 -30.30 15.18 -4.06
C ALA D 28 -30.40 13.67 -4.08
N SER D 29 -31.61 13.13 -4.02
CA SER D 29 -31.79 11.68 -4.05
C SER D 29 -31.82 11.13 -5.47
N VAL D 30 -31.97 12.00 -6.47
CA VAL D 30 -32.02 11.50 -7.83
C VAL D 30 -30.94 12.03 -8.78
N ALA D 31 -30.33 13.18 -8.47
CA ALA D 31 -29.32 13.77 -9.35
C ALA D 31 -28.14 12.81 -9.51
N MET D 32 -27.53 12.85 -10.69
CA MET D 32 -26.38 12.00 -10.96
C MET D 32 -25.29 12.77 -11.66
N ALA D 33 -24.13 12.12 -11.76
CA ALA D 33 -22.97 12.73 -12.36
C ALA D 33 -23.33 13.55 -13.59
N GLY D 34 -22.95 14.82 -13.58
CA GLY D 34 -23.23 15.71 -14.70
C GLY D 34 -24.48 16.57 -14.53
N ASP D 35 -25.35 16.23 -13.60
CA ASP D 35 -26.60 17.00 -13.37
C ASP D 35 -26.36 18.33 -12.58
N THR D 36 -27.39 19.19 -12.63
CA THR D 36 -27.42 20.48 -11.92
C THR D 36 -28.74 20.56 -11.16
N ILE D 37 -28.69 21.13 -9.97
CA ILE D 37 -29.90 21.31 -9.20
C ILE D 37 -29.97 22.83 -8.98
N ILE D 38 -31.01 23.44 -9.54
CA ILE D 38 -31.22 24.87 -9.40
C ILE D 38 -32.32 25.07 -8.35
N VAL D 39 -32.00 25.80 -7.28
CA VAL D 39 -32.98 26.00 -6.22
C VAL D 39 -33.50 27.45 -6.21
N HIS D 40 -34.82 27.58 -6.21
CA HIS D 40 -35.44 28.89 -6.28
C HIS D 40 -35.72 29.48 -4.90
N GLU D 41 -35.94 30.79 -4.93
CA GLU D 41 -36.17 31.57 -3.74
C GLU D 41 -36.95 30.89 -2.62
N GLY D 42 -36.43 30.98 -1.39
CA GLY D 42 -37.12 30.39 -0.26
C GLY D 42 -36.19 29.90 0.82
N VAL D 43 -36.76 29.53 1.96
CA VAL D 43 -36.02 29.00 3.10
C VAL D 43 -36.34 27.50 3.15
N TYR D 44 -35.29 26.68 3.07
CA TYR D 44 -35.43 25.24 3.10
C TYR D 44 -34.89 24.70 4.41
N ARG D 45 -35.79 24.22 5.26
CA ARG D 45 -35.40 23.71 6.56
C ARG D 45 -35.23 22.21 6.47
N GLU D 46 -34.03 21.82 6.06
CA GLU D 46 -33.71 20.42 5.89
C GLU D 46 -32.18 20.25 5.82
N TRP D 47 -31.75 19.02 6.03
CA TRP D 47 -30.34 18.63 5.95
C TRP D 47 -30.25 17.94 4.59
N VAL D 48 -29.57 18.55 3.63
CA VAL D 48 -29.43 17.98 2.29
C VAL D 48 -28.33 16.89 2.28
N LYS D 49 -28.64 15.71 1.74
CA LYS D 49 -27.70 14.60 1.69
C LYS D 49 -27.46 14.08 0.29
N PRO D 50 -26.41 14.58 -0.43
CA PRO D 50 -26.10 14.14 -1.80
C PRO D 50 -26.00 12.63 -1.80
N LYS D 51 -26.77 11.97 -2.65
CA LYS D 51 -26.78 10.53 -2.68
C LYS D 51 -25.76 9.89 -3.67
N TYR D 52 -25.67 10.46 -4.87
CA TYR D 52 -24.74 9.94 -5.86
C TYR D 52 -23.58 10.89 -6.03
N LYS D 53 -22.44 10.35 -6.49
CA LYS D 53 -21.24 11.14 -6.65
C LYS D 53 -21.03 11.69 -8.05
N GLY D 54 -20.32 12.81 -8.12
CA GLY D 54 -19.89 13.34 -9.40
C GLY D 54 -18.73 12.37 -9.75
N LEU D 55 -18.34 12.27 -11.01
CA LEU D 55 -17.32 11.32 -11.44
C LEU D 55 -16.01 11.91 -11.91
N SER D 56 -15.96 13.23 -12.02
CA SER D 56 -14.75 13.96 -12.44
C SER D 56 -15.09 15.44 -12.32
N ASP D 57 -14.10 16.29 -12.49
CA ASP D 57 -14.36 17.70 -12.39
C ASP D 57 -15.31 18.10 -13.51
N LYS D 58 -15.19 17.47 -14.68
CA LYS D 58 -16.11 17.78 -15.76
C LYS D 58 -17.50 17.23 -15.41
N ARG D 59 -17.56 16.01 -14.89
CA ARG D 59 -18.89 15.45 -14.57
C ARG D 59 -19.28 15.56 -13.08
N ARG D 60 -19.31 16.78 -12.57
CA ARG D 60 -19.68 16.96 -11.18
C ARG D 60 -21.21 17.10 -11.06
N ILE D 61 -21.69 17.19 -9.82
CA ILE D 61 -23.12 17.39 -9.57
C ILE D 61 -23.12 18.76 -8.90
N THR D 62 -23.83 19.69 -9.53
CA THR D 62 -23.90 21.06 -9.08
C THR D 62 -25.22 21.45 -8.44
N TYR D 63 -25.13 22.00 -7.23
CA TYR D 63 -26.29 22.51 -6.48
C TYR D 63 -26.05 24.01 -6.37
N LYS D 64 -27.00 24.80 -6.86
CA LYS D 64 -26.87 26.25 -6.79
C LYS D 64 -28.20 26.99 -6.73
N ALA D 65 -28.15 28.21 -6.18
CA ALA D 65 -29.35 29.04 -6.07
C ALA D 65 -29.65 29.63 -7.46
N ALA D 66 -30.94 29.72 -7.81
CA ALA D 66 -31.35 30.31 -9.09
C ALA D 66 -30.71 31.71 -9.17
N GLU D 67 -30.42 32.16 -10.39
CA GLU D 67 -29.81 33.48 -10.56
C GLU D 67 -30.64 34.59 -9.91
N GLY D 68 -29.97 35.42 -9.12
CA GLY D 68 -30.66 36.52 -8.46
C GLY D 68 -31.68 36.16 -7.38
N GLU D 69 -31.69 34.91 -6.91
CA GLU D 69 -32.66 34.55 -5.90
C GLU D 69 -32.03 34.25 -4.54
N LYS D 70 -32.73 34.61 -3.48
CA LYS D 70 -32.22 34.39 -2.14
C LYS D 70 -32.66 33.01 -1.65
N VAL D 71 -31.69 32.10 -1.51
CA VAL D 71 -32.01 30.76 -1.07
C VAL D 71 -31.26 30.47 0.21
N VAL D 72 -32.02 30.05 1.21
CA VAL D 72 -31.49 29.76 2.51
C VAL D 72 -31.75 28.32 2.88
N ILE D 73 -30.75 27.68 3.47
CA ILE D 73 -30.89 26.32 3.97
C ILE D 73 -30.59 26.48 5.47
N LYS D 74 -31.50 26.03 6.33
CA LYS D 74 -31.32 26.12 7.77
C LYS D 74 -31.54 24.81 8.47
N GLY D 75 -30.84 24.63 9.58
CA GLY D 75 -30.96 23.42 10.38
C GLY D 75 -31.94 23.66 11.52
N SER D 76 -32.48 24.88 11.58
CA SER D 76 -33.42 25.27 12.62
C SER D 76 -34.88 25.18 12.21
N GLU D 77 -35.73 25.48 13.19
CA GLU D 77 -37.20 25.54 13.00
C GLU D 77 -37.68 26.79 13.76
N ARG D 78 -38.70 27.46 13.21
CA ARG D 78 -39.23 28.62 13.92
C ARG D 78 -40.17 28.05 14.98
N ILE D 79 -40.13 28.59 16.20
CA ILE D 79 -41.02 28.08 17.23
C ILE D 79 -42.01 29.17 17.58
N GLN D 80 -43.29 28.84 17.47
CA GLN D 80 -44.35 29.79 17.81
C GLN D 80 -45.34 29.21 18.82
N SER D 81 -44.89 28.29 19.66
CA SER D 81 -45.74 27.69 20.69
C SER D 81 -45.19 27.97 22.10
N TRP D 82 -44.52 29.11 22.27
CA TRP D 82 -43.96 29.48 23.56
C TRP D 82 -45.04 29.90 24.54
N GLN D 83 -44.81 29.61 25.82
CA GLN D 83 -45.75 29.97 26.90
C GLN D 83 -44.93 30.70 27.96
N ARG D 84 -45.41 31.86 28.37
CA ARG D 84 -44.70 32.65 29.35
C ARG D 84 -44.70 31.95 30.70
N VAL D 85 -43.54 31.84 31.32
CA VAL D 85 -43.47 31.16 32.61
C VAL D 85 -43.56 32.16 33.74
N GLU D 86 -42.70 33.17 33.68
CA GLU D 86 -42.64 34.19 34.70
C GLU D 86 -41.62 35.22 34.25
N GLY D 87 -41.88 36.50 34.54
CA GLY D 87 -40.96 37.54 34.14
C GLY D 87 -40.83 37.52 32.64
N ASN D 88 -39.59 37.45 32.14
CA ASN D 88 -39.37 37.41 30.69
C ASN D 88 -38.97 36.04 30.19
N VAL D 89 -39.17 35.02 31.01
CA VAL D 89 -38.83 33.64 30.64
C VAL D 89 -40.03 32.90 30.07
N TRP D 90 -39.84 32.27 28.92
CA TRP D 90 -40.89 31.53 28.23
C TRP D 90 -40.41 30.11 28.00
N ARG D 91 -41.34 29.24 27.68
CA ARG D 91 -41.02 27.84 27.53
C ARG D 91 -41.73 27.19 26.37
N CYS D 92 -41.07 26.25 25.70
CA CYS D 92 -41.77 25.52 24.66
C CYS D 92 -41.47 24.04 24.94
N GLN D 93 -42.31 23.14 24.44
CA GLN D 93 -42.13 21.71 24.66
C GLN D 93 -42.34 20.94 23.39
N LEU D 94 -41.42 20.04 23.08
CA LEU D 94 -41.51 19.27 21.88
C LEU D 94 -41.33 17.79 22.16
N PRO D 95 -42.11 16.94 21.47
CA PRO D 95 -41.96 15.51 21.69
C PRO D 95 -40.56 15.19 21.15
N ASN D 96 -39.87 14.26 21.77
CA ASN D 96 -38.53 13.92 21.32
C ASN D 96 -38.44 13.49 19.86
N SER D 97 -39.54 12.96 19.31
CA SER D 97 -39.55 12.54 17.92
C SER D 97 -39.30 13.71 16.97
N PHE D 98 -39.50 14.93 17.45
CA PHE D 98 -39.26 16.13 16.66
C PHE D 98 -37.79 16.21 16.23
N PHE D 99 -36.92 15.64 17.06
CA PHE D 99 -35.49 15.67 16.79
C PHE D 99 -34.99 14.34 16.25
N GLY D 100 -35.76 13.29 16.47
CA GLY D 100 -35.33 11.98 15.99
C GLY D 100 -34.12 11.46 16.74
N GLU D 101 -33.19 10.87 16.01
CA GLU D 101 -31.97 10.28 16.59
C GLU D 101 -30.96 11.30 17.11
N PHE D 102 -31.01 12.51 16.57
CA PHE D 102 -30.09 13.55 17.02
C PHE D 102 -30.85 14.70 17.69
N ASN D 103 -30.75 14.77 19.01
CA ASN D 103 -31.41 15.82 19.77
C ASN D 103 -30.35 16.79 20.31
N PRO D 104 -30.24 17.98 19.70
CA PRO D 104 -29.24 18.98 20.12
C PRO D 104 -29.27 19.35 21.60
N TYR D 105 -30.42 19.22 22.24
CA TYR D 105 -30.59 19.57 23.65
C TYR D 105 -30.12 18.45 24.57
N LYS D 106 -29.92 17.26 24.00
CA LYS D 106 -29.42 16.13 24.76
C LYS D 106 -27.90 15.99 24.44
N GLU D 107 -27.51 16.24 23.20
CA GLU D 107 -26.10 16.15 22.80
C GLU D 107 -25.20 17.21 23.43
N GLU D 108 -24.06 16.79 23.98
CA GLU D 108 -23.13 17.72 24.59
C GLU D 108 -22.00 18.16 23.67
N VAL D 109 -21.38 19.31 24.02
CA VAL D 109 -20.14 19.74 23.39
C VAL D 109 -19.21 18.74 24.12
N PHE D 110 -18.56 17.86 23.39
CA PHE D 110 -17.79 16.80 24.07
C PHE D 110 -16.63 16.26 23.26
N GLY D 111 -15.57 15.84 23.95
CA GLY D 111 -14.47 15.23 23.23
C GLY D 111 -13.05 15.59 23.59
N ASP D 112 -12.14 14.99 22.83
CA ASP D 112 -10.71 15.21 23.03
C ASP D 112 -10.37 16.68 22.92
N TRP D 113 -9.51 17.13 23.84
CA TRP D 113 -9.01 18.49 23.94
C TRP D 113 -10.07 19.54 24.26
N LEU D 114 -11.27 19.11 24.64
CA LEU D 114 -12.28 20.10 25.10
C LEU D 114 -11.83 20.37 26.57
N LEU D 115 -11.67 21.63 26.94
CA LEU D 115 -11.18 21.96 28.26
C LEU D 115 -12.24 22.42 29.22
N THR D 116 -13.30 23.00 28.71
CA THR D 116 -14.36 23.48 29.60
C THR D 116 -15.15 22.23 30.00
N VAL D 117 -14.73 21.60 31.10
CA VAL D 117 -15.37 20.36 31.53
C VAL D 117 -16.34 20.36 32.73
N ASN D 118 -16.35 21.40 33.56
CA ASN D 118 -17.28 21.39 34.68
C ASN D 118 -18.69 21.83 34.33
N GLU D 119 -18.78 22.84 33.47
CA GLU D 119 -20.06 23.40 33.00
C GLU D 119 -20.40 22.81 31.64
N LYS D 120 -21.15 21.70 31.60
CA LYS D 120 -21.52 21.10 30.30
C LYS D 120 -22.33 22.04 29.39
N LYS D 121 -21.99 22.06 28.11
CA LYS D 121 -22.74 22.85 27.15
C LYS D 121 -23.34 21.85 26.17
N HIS D 122 -24.42 22.21 25.49
CA HIS D 122 -25.08 21.33 24.54
C HIS D 122 -25.08 21.96 23.15
N LEU D 123 -25.45 21.18 22.15
CA LEU D 123 -25.43 21.65 20.78
C LEU D 123 -26.65 22.50 20.31
N GLY D 124 -27.63 22.66 21.20
CA GLY D 124 -28.80 23.46 20.86
C GLY D 124 -28.48 24.95 20.85
N ASP D 125 -29.48 25.77 20.49
CA ASP D 125 -29.30 27.19 20.45
C ASP D 125 -30.68 27.82 20.26
N VAL D 126 -30.84 29.07 20.74
CA VAL D 126 -32.09 29.83 20.56
C VAL D 126 -31.71 31.13 19.87
N TYR D 127 -32.53 31.56 18.91
CA TYR D 127 -32.28 32.78 18.17
C TYR D 127 -33.50 33.70 18.20
N LEU D 128 -33.26 35.00 18.39
CA LEU D 128 -34.34 36.02 18.41
C LEU D 128 -34.03 36.93 17.25
N ASN D 129 -34.86 36.87 16.21
CA ASN D 129 -34.60 37.65 15.00
C ASN D 129 -33.17 37.49 14.53
N GLY D 130 -32.69 36.25 14.51
CA GLY D 130 -31.33 35.99 14.06
C GLY D 130 -30.19 36.01 15.08
N MET D 131 -30.39 36.61 16.24
CA MET D 131 -29.32 36.66 17.24
C MET D 131 -29.34 35.44 18.19
N SER D 132 -28.25 34.65 18.24
CA SER D 132 -28.18 33.47 19.11
C SER D 132 -28.06 33.86 20.60
N PHE D 133 -28.46 32.94 21.48
CA PHE D 133 -28.43 33.17 22.92
C PHE D 133 -27.25 32.46 23.59
N TYR D 134 -27.14 32.64 24.89
CA TYR D 134 -26.11 32.03 25.71
C TYR D 134 -26.78 30.95 26.52
N GLU D 135 -26.21 29.76 26.56
CA GLU D 135 -26.80 28.70 27.35
C GLU D 135 -26.42 28.94 28.84
N VAL D 136 -27.35 28.66 29.76
CA VAL D 136 -27.01 28.76 31.19
C VAL D 136 -27.20 27.36 31.75
N THR D 137 -26.53 27.11 32.87
CA THR D 137 -26.49 25.78 33.46
C THR D 137 -27.72 25.35 34.26
N ASN D 138 -28.33 26.29 34.97
CA ASN D 138 -29.49 25.98 35.78
C ASN D 138 -30.76 26.77 35.47
N TYR D 139 -31.89 26.17 35.82
CA TYR D 139 -33.19 26.79 35.63
C TYR D 139 -33.17 28.18 36.24
N GLU D 140 -32.64 28.28 37.46
CA GLU D 140 -32.62 29.56 38.17
C GLU D 140 -31.88 30.69 37.45
N ASP D 141 -30.84 30.35 36.68
CA ASP D 141 -30.02 31.30 35.94
C ASP D 141 -30.77 31.99 34.79
N LEU D 142 -31.97 31.52 34.49
CA LEU D 142 -32.76 32.09 33.40
C LEU D 142 -33.42 33.44 33.73
N PHE D 143 -33.80 33.59 35.00
CA PHE D 143 -34.56 34.75 35.38
C PHE D 143 -33.96 36.11 35.47
N ASN D 144 -32.78 36.23 36.02
CA ASN D 144 -32.21 37.57 36.07
C ASN D 144 -30.77 37.54 35.55
N PRO D 145 -30.59 37.20 34.27
CA PRO D 145 -29.24 37.15 33.69
C PRO D 145 -28.51 38.51 33.79
N GLN D 146 -27.20 38.45 34.03
CA GLN D 146 -26.35 39.63 34.18
C GLN D 146 -25.66 40.08 32.89
N LEU D 147 -25.80 41.35 32.55
CA LEU D 147 -25.17 41.86 31.36
C LEU D 147 -23.65 41.79 31.55
N ARG D 148 -22.91 41.31 30.55
CA ARG D 148 -21.45 41.27 30.71
C ARG D 148 -20.88 42.11 29.57
N THR D 149 -19.79 42.82 29.87
CA THR D 149 -19.20 43.68 28.86
C THR D 149 -17.78 43.26 28.57
N GLU D 150 -17.27 42.33 29.36
CA GLU D 150 -15.92 41.86 29.07
C GLU D 150 -15.75 40.40 29.38
N VAL D 151 -14.76 39.80 28.73
CA VAL D 151 -14.53 38.38 28.86
C VAL D 151 -13.03 38.02 28.79
N LEU D 152 -12.69 36.87 29.38
CA LEU D 152 -11.31 36.41 29.37
C LEU D 152 -11.01 35.63 28.09
N ASP D 153 -9.99 36.04 27.35
CA ASP D 153 -9.56 35.25 26.18
C ASP D 153 -8.65 34.17 26.83
N HIS D 154 -9.03 32.89 26.74
CA HIS D 154 -8.29 31.82 27.41
C HIS D 154 -6.83 31.73 27.06
N TRP D 155 -6.51 31.70 25.77
CA TRP D 155 -5.09 31.57 25.41
C TRP D 155 -4.22 32.72 25.86
N THR D 156 -4.57 33.95 25.50
CA THR D 156 -3.74 35.09 25.91
C THR D 156 -3.88 35.48 27.37
N GLN D 157 -4.92 34.96 28.05
CA GLN D 157 -5.22 35.28 29.45
C GLN D 157 -5.43 36.78 29.64
N LYS D 158 -5.96 37.44 28.61
CA LYS D 158 -6.25 38.86 28.69
C LYS D 158 -7.76 39.07 28.80
N ILE D 159 -8.18 40.13 29.49
CA ILE D 159 -9.61 40.41 29.58
C ILE D 159 -9.86 41.33 28.41
N VAL D 160 -10.86 41.00 27.61
CA VAL D 160 -11.13 41.80 26.45
C VAL D 160 -12.59 42.16 26.40
N PRO D 161 -12.91 43.20 25.64
CA PRO D 161 -14.34 43.58 25.57
C PRO D 161 -15.16 42.50 24.84
N ILE D 162 -16.44 42.42 25.18
CA ILE D 162 -17.38 41.52 24.54
C ILE D 162 -17.97 42.36 23.41
N LYS D 163 -17.90 41.84 22.18
CA LYS D 163 -18.39 42.52 20.99
C LYS D 163 -19.83 43.02 21.19
N ASN D 164 -20.73 42.07 21.39
CA ASN D 164 -22.15 42.38 21.55
C ASN D 164 -22.52 42.11 22.99
N ALA D 165 -22.42 43.13 23.83
CA ALA D 165 -22.71 42.95 25.24
C ALA D 165 -24.18 42.67 25.47
N GLU D 166 -25.01 43.31 24.67
CA GLU D 166 -26.46 43.14 24.82
C GLU D 166 -26.90 41.68 24.72
N GLN D 167 -26.25 40.95 23.82
CA GLN D 167 -26.57 39.54 23.61
C GLN D 167 -26.38 38.70 24.90
N THR D 168 -25.51 39.14 25.81
CA THR D 168 -25.25 38.36 27.02
C THR D 168 -26.47 38.21 27.97
N LYS D 169 -27.48 39.04 27.79
CA LYS D 169 -28.66 38.95 28.62
C LYS D 169 -29.67 37.97 28.06
N TYR D 170 -29.41 37.41 26.88
CA TYR D 170 -30.37 36.47 26.27
C TYR D 170 -29.86 35.08 26.50
N VAL D 171 -30.55 34.38 27.41
CA VAL D 171 -30.13 33.06 27.84
C VAL D 171 -31.17 31.97 27.66
N TRP D 172 -30.69 30.74 27.48
CA TRP D 172 -31.57 29.59 27.34
C TRP D 172 -31.06 28.43 28.18
N TYR D 173 -31.98 27.51 28.46
CA TYR D 173 -31.71 26.30 29.24
C TYR D 173 -32.74 25.23 28.81
N ALA D 174 -32.33 23.97 28.72
CA ALA D 174 -33.26 22.92 28.32
C ALA D 174 -33.21 21.67 29.19
N GLU D 175 -34.34 20.96 29.21
CA GLU D 175 -34.45 19.68 29.94
C GLU D 175 -35.04 18.63 29.00
N VAL D 176 -34.34 17.51 28.88
CA VAL D 176 -34.80 16.42 28.03
C VAL D 176 -35.14 15.19 28.89
N ASP D 177 -36.38 14.73 28.80
CA ASP D 177 -36.78 13.55 29.55
C ASP D 177 -37.10 12.45 28.56
N ARG D 178 -37.70 11.35 29.02
CA ARG D 178 -37.98 10.23 28.14
C ARG D 178 -39.00 10.47 27.03
N GLU D 179 -39.85 11.50 27.17
CA GLU D 179 -40.85 11.76 26.15
C GLU D 179 -40.66 13.05 25.40
N LYS D 180 -40.16 14.05 26.09
CA LYS D 180 -40.07 15.34 25.46
C LYS D 180 -38.93 16.21 25.89
N THR D 181 -38.79 17.30 25.16
CA THR D 181 -37.75 18.28 25.36
C THR D 181 -38.39 19.60 25.70
N THR D 182 -38.00 20.17 26.82
CA THR D 182 -38.54 21.44 27.24
C THR D 182 -37.44 22.47 27.18
N ILE D 183 -37.68 23.54 26.43
CA ILE D 183 -36.68 24.60 26.24
C ILE D 183 -37.20 25.92 26.85
N TYR D 184 -36.36 26.54 27.68
CA TYR D 184 -36.68 27.82 28.32
C TYR D 184 -35.72 28.90 27.79
N ALA D 185 -36.18 30.14 27.70
CA ALA D 185 -35.28 31.23 27.32
C ALA D 185 -35.83 32.53 27.83
N ASN D 186 -34.92 33.47 28.12
CA ASN D 186 -35.34 34.79 28.58
C ASN D 186 -35.31 35.71 27.35
N PHE D 187 -36.50 36.17 26.93
CA PHE D 187 -36.60 37.04 25.78
C PHE D 187 -36.56 38.53 26.10
N GLN D 188 -36.19 38.82 27.34
CA GLN D 188 -36.03 40.19 27.79
C GLN D 188 -37.15 41.17 27.42
N GLY D 189 -38.39 40.70 27.35
CA GLY D 189 -39.45 41.61 27.05
C GLY D 189 -40.15 41.39 25.72
N ALA D 190 -39.47 40.74 24.79
CA ALA D 190 -40.11 40.48 23.50
C ALA D 190 -41.09 39.32 23.61
N ASP D 191 -42.07 39.27 22.72
CA ASP D 191 -43.04 38.17 22.69
C ASP D 191 -42.45 37.23 21.65
N PRO D 192 -41.96 36.06 22.08
CA PRO D 192 -41.34 35.10 21.15
C PRO D 192 -42.22 34.48 20.09
N ASN D 193 -43.54 34.48 20.29
CA ASN D 193 -44.39 33.92 19.24
C ASN D 193 -44.62 34.96 18.15
N GLU D 194 -44.43 36.21 18.54
CA GLU D 194 -44.63 37.34 17.65
C GLU D 194 -43.34 37.70 16.89
N GLU D 195 -42.21 37.75 17.60
CA GLU D 195 -40.91 38.02 16.96
C GLU D 195 -40.56 36.74 16.18
N PHE D 196 -39.40 36.72 15.52
CA PHE D 196 -39.00 35.57 14.74
C PHE D 196 -37.98 34.77 15.56
N VAL D 197 -38.47 33.74 16.24
CA VAL D 197 -37.67 32.91 17.12
C VAL D 197 -37.47 31.50 16.58
N GLU D 198 -36.20 31.08 16.57
CA GLU D 198 -35.82 29.78 16.04
C GLU D 198 -34.92 29.02 17.02
N ILE D 199 -34.92 27.70 16.91
CA ILE D 199 -34.06 26.89 17.74
C ILE D 199 -33.32 25.89 16.85
N ASN D 200 -32.12 25.50 17.27
CA ASN D 200 -31.38 24.48 16.52
C ASN D 200 -32.15 23.17 16.56
N VAL D 201 -32.12 22.44 15.45
CA VAL D 201 -32.77 21.15 15.36
C VAL D 201 -31.90 20.08 14.69
N ARG D 202 -31.39 20.37 13.49
CA ARG D 202 -30.58 19.39 12.78
C ARG D 202 -29.08 19.59 12.95
N ARG D 203 -28.32 18.53 12.81
CA ARG D 203 -26.88 18.62 12.99
C ARG D 203 -26.19 19.36 11.87
N SER D 204 -26.58 19.09 10.62
CA SER D 204 -25.92 19.69 9.45
C SER D 204 -26.94 20.21 8.46
N CYS D 205 -26.47 20.97 7.46
CA CYS D 205 -27.35 21.51 6.41
C CYS D 205 -27.11 20.87 5.04
N PHE D 206 -25.85 20.56 4.73
CA PHE D 206 -25.45 20.01 3.43
C PHE D 206 -24.22 19.11 3.69
N TYR D 207 -24.44 17.80 3.81
CA TYR D 207 -23.36 16.92 4.20
C TYR D 207 -23.83 15.51 3.86
N PRO D 208 -23.06 14.77 3.04
CA PRO D 208 -23.47 13.41 2.65
C PRO D 208 -23.43 12.48 3.85
N VAL D 209 -24.27 11.45 3.84
CA VAL D 209 -24.24 10.49 4.92
C VAL D 209 -23.38 9.28 4.57
N GLU D 210 -22.70 9.34 3.44
CA GLU D 210 -21.79 8.26 3.07
C GLU D 210 -20.48 8.96 2.71
N THR D 211 -19.35 8.26 2.81
CA THR D 211 -18.08 8.86 2.42
C THR D 211 -17.95 8.64 0.89
N GLY D 212 -16.98 9.28 0.26
CA GLY D 212 -16.80 9.04 -1.15
C GLY D 212 -17.73 9.71 -2.15
N ILE D 213 -18.61 10.62 -1.68
CA ILE D 213 -19.49 11.34 -2.60
C ILE D 213 -18.71 12.52 -3.19
N ASP D 214 -17.88 12.20 -4.16
CA ASP D 214 -17.01 13.16 -4.79
C ASP D 214 -17.66 14.20 -5.71
N TYR D 215 -16.82 15.16 -6.08
CA TYR D 215 -17.14 16.16 -7.09
C TYR D 215 -18.52 16.83 -7.05
N ILE D 216 -18.80 17.47 -5.92
CA ILE D 216 -20.05 18.18 -5.77
C ILE D 216 -19.71 19.66 -5.71
N THR D 217 -20.49 20.49 -6.38
CA THR D 217 -20.28 21.92 -6.27
C THR D 217 -21.51 22.47 -5.55
N VAL D 218 -21.29 23.36 -4.58
CA VAL D 218 -22.40 23.94 -3.83
C VAL D 218 -22.15 25.44 -3.97
N LYS D 219 -23.12 26.15 -4.56
CA LYS D 219 -22.90 27.54 -4.83
C LYS D 219 -24.04 28.50 -4.60
N GLY D 220 -23.71 29.62 -3.93
CA GLY D 220 -24.65 30.73 -3.73
C GLY D 220 -25.78 30.68 -2.74
N PHE D 221 -25.66 29.82 -1.74
CA PHE D 221 -26.69 29.69 -0.73
C PHE D 221 -26.33 30.42 0.55
N GLU D 222 -27.33 30.74 1.36
CA GLU D 222 -27.02 31.24 2.69
C GLU D 222 -27.35 29.97 3.48
N MET D 223 -26.51 29.56 4.42
CA MET D 223 -26.76 28.34 5.21
C MET D 223 -26.53 28.69 6.65
N ALA D 224 -27.40 28.23 7.53
CA ALA D 224 -27.24 28.60 8.92
C ALA D 224 -27.98 27.70 9.91
N HIS D 225 -27.61 27.86 11.20
CA HIS D 225 -28.25 27.17 12.32
C HIS D 225 -28.02 25.66 12.30
N ALA D 226 -26.77 25.25 12.54
CA ALA D 226 -26.47 23.82 12.54
C ALA D 226 -25.92 23.43 13.90
N ALA D 227 -26.43 22.36 14.47
CA ALA D 227 -25.95 21.92 15.77
C ALA D 227 -24.79 20.95 15.58
N THR D 228 -23.65 21.48 15.10
CA THR D 228 -22.46 20.68 14.87
C THR D 228 -21.72 20.42 16.19
N PRO D 229 -21.15 19.20 16.35
CA PRO D 229 -20.41 18.78 17.55
C PRO D 229 -18.92 19.19 17.57
N TRP D 230 -18.31 19.15 18.76
CA TRP D 230 -16.90 19.48 18.93
C TRP D 230 -16.16 18.58 17.90
N ALA D 231 -15.20 19.15 17.18
CA ALA D 231 -14.56 18.38 16.15
C ALA D 231 -13.04 18.31 16.20
N PRO D 232 -12.49 17.49 17.10
CA PRO D 232 -11.02 17.35 17.22
C PRO D 232 -10.50 16.41 16.12
N PRO D 233 -9.16 16.38 15.91
CA PRO D 233 -8.56 15.53 14.86
C PRO D 233 -8.68 14.04 15.07
N THR D 234 -9.01 13.65 16.30
CA THR D 234 -9.12 12.25 16.72
C THR D 234 -10.55 11.69 16.71
N ALA D 235 -11.48 12.42 16.09
CA ALA D 235 -12.88 11.99 16.05
C ALA D 235 -13.45 12.26 14.68
N ASP D 236 -14.70 11.84 14.50
CA ASP D 236 -15.43 12.12 13.28
C ASP D 236 -15.51 13.66 13.29
N GLN D 237 -15.45 14.31 12.13
CA GLN D 237 -15.51 15.76 12.13
C GLN D 237 -16.64 16.34 11.24
N PRO D 238 -17.89 16.15 11.64
CA PRO D 238 -18.99 16.70 10.83
C PRO D 238 -19.04 18.24 10.94
N GLY D 239 -19.62 18.90 9.95
CA GLY D 239 -19.75 20.34 10.02
C GLY D 239 -21.13 20.71 9.50
N LEU D 240 -21.38 22.00 9.35
CA LEU D 240 -22.66 22.46 8.81
C LEU D 240 -22.70 22.00 7.33
N ILE D 241 -21.57 22.10 6.65
CA ILE D 241 -21.48 21.63 5.28
C ILE D 241 -20.06 21.06 5.19
N GLY D 242 -19.88 20.02 4.35
CA GLY D 242 -18.56 19.40 4.19
C GLY D 242 -18.64 18.23 3.23
N PRO D 243 -17.52 17.78 2.64
CA PRO D 243 -17.51 16.66 1.69
C PRO D 243 -17.60 15.27 2.31
N ASN D 244 -17.38 15.19 3.61
CA ASN D 244 -17.39 13.95 4.36
C ASN D 244 -16.45 12.89 3.73
N TRP D 245 -15.14 13.17 3.76
CA TRP D 245 -14.12 12.20 3.30
C TRP D 245 -14.30 11.84 1.82
N SER D 246 -14.01 12.79 0.94
CA SER D 246 -14.17 12.53 -0.49
C SER D 246 -13.26 13.49 -1.22
N LYS D 247 -13.44 13.61 -2.52
CA LYS D 247 -12.56 14.46 -3.31
C LYS D 247 -13.26 15.42 -4.28
N GLY D 248 -12.62 16.56 -4.52
CA GLY D 248 -13.07 17.53 -5.50
C GLY D 248 -14.29 18.39 -5.31
N TRP D 249 -14.62 18.70 -4.07
CA TRP D 249 -15.76 19.57 -3.84
C TRP D 249 -15.36 21.03 -4.14
N ILE D 250 -16.36 21.87 -4.45
CA ILE D 250 -16.17 23.29 -4.67
C ILE D 250 -17.33 23.90 -3.89
N ILE D 251 -17.00 24.65 -2.83
CA ILE D 251 -18.01 25.29 -1.98
C ILE D 251 -17.73 26.75 -2.21
N GLU D 252 -18.65 27.44 -2.88
CA GLU D 252 -18.38 28.83 -3.25
C GLU D 252 -19.59 29.75 -3.23
N ASP D 253 -19.30 31.03 -3.01
CA ASP D 253 -20.30 32.08 -3.01
C ASP D 253 -21.42 31.85 -2.02
N ASN D 254 -21.14 31.21 -0.91
CA ASN D 254 -22.18 30.99 0.11
C ASN D 254 -21.94 31.96 1.27
N ILE D 255 -22.99 32.21 2.07
CA ILE D 255 -22.88 33.02 3.28
C ILE D 255 -23.29 31.97 4.29
N ILE D 256 -22.38 31.62 5.20
CA ILE D 256 -22.57 30.54 6.19
C ILE D 256 -22.42 31.05 7.61
N HIS D 257 -23.39 30.78 8.49
CA HIS D 257 -23.27 31.30 9.84
C HIS D 257 -24.02 30.48 10.88
N ASP D 258 -23.68 30.75 12.13
CA ASP D 258 -24.28 30.05 13.24
C ASP D 258 -24.16 28.52 13.26
N ALA D 259 -22.93 28.02 13.11
CA ALA D 259 -22.69 26.58 13.26
C ALA D 259 -22.27 26.55 14.74
N LYS D 260 -22.81 25.62 15.51
CA LYS D 260 -22.48 25.52 16.94
C LYS D 260 -20.96 25.40 17.06
N CYS D 261 -20.37 24.42 16.37
CA CYS D 261 -18.92 24.31 16.42
C CYS D 261 -18.30 24.70 15.05
N SER D 262 -18.06 23.76 14.14
CA SER D 262 -17.42 24.12 12.85
C SER D 262 -18.42 24.25 11.72
N ALA D 263 -18.21 25.23 10.85
CA ALA D 263 -19.13 25.48 9.73
C ALA D 263 -18.79 24.59 8.53
N ILE D 264 -17.68 24.85 7.87
CA ILE D 264 -17.28 24.01 6.76
C ILE D 264 -16.24 23.00 7.30
N SER D 265 -16.49 21.72 7.09
CA SER D 265 -15.53 20.72 7.53
C SER D 265 -14.95 19.98 6.34
N ILE D 266 -13.63 19.89 6.28
CA ILE D 266 -13.00 19.08 5.25
C ILE D 266 -12.13 18.14 6.08
N GLY D 267 -12.75 17.56 7.11
CA GLY D 267 -12.04 16.70 8.03
C GLY D 267 -12.15 15.20 7.78
N LYS D 268 -12.00 14.44 8.86
CA LYS D 268 -12.04 12.99 8.72
C LYS D 268 -13.35 12.42 9.25
N GLU D 269 -13.52 11.11 9.09
CA GLU D 269 -14.74 10.44 9.57
C GLU D 269 -14.41 9.51 10.75
N ALA D 270 -15.42 8.90 11.37
CA ALA D 270 -15.27 8.08 12.57
C ALA D 270 -14.38 6.84 12.56
N THR D 271 -14.44 6.13 11.46
CA THR D 271 -13.72 4.86 11.24
C THR D 271 -12.21 4.85 11.60
N THR D 272 -11.52 5.96 11.35
CA THR D 272 -10.11 6.00 11.63
C THR D 272 -9.77 6.47 13.06
N GLY D 273 -10.79 6.71 13.89
CA GLY D 273 -10.54 7.17 15.26
C GLY D 273 -11.70 8.01 15.78
N ASN D 274 -12.22 7.70 16.96
CA ASN D 274 -13.36 8.48 17.43
C ASN D 274 -13.33 8.77 18.91
N ASN D 275 -12.56 9.77 19.29
CA ASN D 275 -12.45 10.16 20.69
C ASN D 275 -12.02 9.00 21.59
N TYR D 276 -11.09 8.15 21.13
CA TYR D 276 -10.66 7.05 21.98
C TYR D 276 -10.04 7.52 23.31
N ARG D 277 -9.29 8.62 23.32
CA ARG D 277 -8.72 9.10 24.59
C ARG D 277 -9.84 9.45 25.58
N SER D 278 -10.84 10.20 25.11
CA SER D 278 -11.92 10.59 25.99
C SER D 278 -12.80 9.42 26.40
N ILE D 279 -12.92 8.40 25.54
CA ILE D 279 -13.74 7.28 25.88
C ILE D 279 -13.03 6.09 26.52
N ARG D 280 -11.88 5.69 25.97
CA ARG D 280 -11.12 4.57 26.52
C ARG D 280 -10.22 5.00 27.67
N LYS D 281 -9.67 6.21 27.56
CA LYS D 281 -8.86 6.80 28.61
C LYS D 281 -7.55 6.08 28.95
N ASP D 282 -7.08 5.22 28.06
CA ASP D 282 -5.85 4.48 28.30
C ASP D 282 -4.61 5.12 27.67
N LYS D 283 -4.84 6.03 26.72
CA LYS D 283 -3.75 6.70 26.00
C LYS D 283 -4.21 8.11 25.68
N PRO D 284 -3.27 9.05 25.57
CA PRO D 284 -3.66 10.45 25.26
C PRO D 284 -4.10 10.64 23.79
N GLY D 285 -4.74 11.76 23.51
CA GLY D 285 -5.16 12.08 22.14
C GLY D 285 -3.94 12.15 21.22
N TYR D 286 -2.83 12.67 21.76
CA TYR D 286 -1.58 12.74 20.98
C TYR D 286 -1.27 11.36 20.35
N GLN D 287 -1.33 10.32 21.17
CA GLN D 287 -0.99 8.96 20.71
C GLN D 287 -2.05 8.44 19.74
N TYR D 288 -3.32 8.75 20.01
CA TYR D 288 -4.41 8.32 19.13
C TYR D 288 -4.41 9.08 17.82
N GLN D 289 -3.97 10.34 17.84
CA GLN D 289 -3.94 11.09 16.58
C GLN D 289 -2.87 10.55 15.64
N LEU D 290 -1.65 10.30 16.13
CA LEU D 290 -0.62 9.81 15.19
C LEU D 290 -1.07 8.45 14.66
N GLU D 291 -1.83 7.71 15.46
CA GLU D 291 -2.36 6.43 15.00
C GLU D 291 -3.44 6.60 13.88
N ALA D 292 -4.34 7.59 14.04
CA ALA D 292 -5.39 7.85 13.05
C ALA D 292 -4.79 8.12 11.65
N VAL D 293 -3.62 8.75 11.64
CA VAL D 293 -2.93 9.02 10.37
C VAL D 293 -2.64 7.69 9.63
N PHE D 294 -2.13 6.69 10.34
CA PHE D 294 -1.86 5.40 9.71
C PHE D 294 -3.14 4.65 9.39
N ASN D 295 -4.15 4.72 10.25
CA ASN D 295 -5.44 4.07 9.98
C ASN D 295 -5.97 4.68 8.63
N ALA D 296 -5.86 6.01 8.49
CA ALA D 296 -6.38 6.68 7.29
C ALA D 296 -5.62 6.20 6.04
N LYS D 297 -4.31 6.09 6.18
CA LYS D 297 -3.48 5.63 5.10
C LYS D 297 -3.93 4.24 4.66
N ARG D 298 -4.26 3.40 5.64
CA ARG D 298 -4.72 2.07 5.29
C ARG D 298 -6.09 2.11 4.61
N ASN D 299 -6.87 3.15 4.90
CA ASN D 299 -8.21 3.34 4.33
C ASN D 299 -8.13 4.15 3.01
N GLY D 300 -6.95 4.25 2.41
CA GLY D 300 -6.87 4.95 1.14
C GLY D 300 -6.66 6.47 1.12
N TRP D 301 -6.29 7.05 2.24
CA TRP D 301 -6.04 8.49 2.30
C TRP D 301 -4.84 8.83 1.38
N SER D 302 -5.14 9.48 0.25
CA SER D 302 -4.13 9.83 -0.74
C SER D 302 -4.70 10.83 -1.71
N LYS D 303 -3.82 11.46 -2.48
CA LYS D 303 -4.29 12.41 -3.48
C LYS D 303 -5.35 11.78 -4.44
N GLU D 304 -5.25 10.50 -4.74
CA GLU D 304 -6.20 9.89 -5.65
C GLU D 304 -7.63 9.77 -5.12
N LYS D 305 -7.81 9.80 -3.81
CA LYS D 305 -9.14 9.58 -3.28
C LYS D 305 -9.70 10.65 -2.35
N ILE D 306 -8.83 11.44 -1.75
CA ILE D 306 -9.26 12.41 -0.76
C ILE D 306 -8.71 13.83 -0.95
N GLY D 307 -9.56 14.83 -0.71
CA GLY D 307 -9.11 16.21 -0.77
C GLY D 307 -9.26 16.95 -2.08
N SER D 308 -8.29 17.81 -2.41
CA SER D 308 -8.35 18.63 -3.61
C SER D 308 -9.68 19.39 -3.68
N HIS D 309 -10.11 19.94 -2.55
CA HIS D 309 -11.36 20.72 -2.51
C HIS D 309 -11.01 22.21 -2.69
N ILE D 310 -12.00 22.99 -3.12
CA ILE D 310 -11.86 24.43 -3.28
C ILE D 310 -12.94 25.12 -2.45
N ILE D 311 -12.52 26.01 -1.56
CA ILE D 311 -13.45 26.76 -0.73
C ILE D 311 -13.18 28.21 -1.10
N ARG D 312 -14.07 28.83 -1.86
CA ARG D 312 -13.80 30.22 -2.30
C ARG D 312 -15.01 31.16 -2.33
N ASN D 313 -14.71 32.45 -2.16
CA ASN D 313 -15.73 33.50 -2.18
C ASN D 313 -16.88 33.26 -1.19
N ASN D 314 -16.61 32.70 -0.01
CA ASN D 314 -17.71 32.52 0.94
C ASN D 314 -17.51 33.56 2.03
N THR D 315 -18.57 33.83 2.81
CA THR D 315 -18.52 34.72 3.98
C THR D 315 -19.01 33.78 5.08
N ILE D 316 -18.19 33.60 6.11
CA ILE D 316 -18.50 32.63 7.18
C ILE D 316 -18.29 33.31 8.52
N TYR D 317 -19.28 33.30 9.39
CA TYR D 317 -19.11 34.00 10.66
C TYR D 317 -20.01 33.44 11.77
N ASP D 318 -19.79 33.94 12.98
CA ASP D 318 -20.59 33.52 14.13
C ASP D 318 -20.63 32.00 14.33
N CYS D 319 -19.47 31.34 14.43
CA CYS D 319 -19.45 29.90 14.67
C CYS D 319 -18.66 29.73 15.94
N GLY D 320 -18.99 28.70 16.73
CA GLY D 320 -18.30 28.49 18.00
C GLY D 320 -16.94 27.82 17.97
N GLN D 321 -16.60 27.07 16.91
CA GLN D 321 -15.28 26.42 16.90
C GLN D 321 -14.43 26.88 15.73
N ASN D 322 -14.94 26.79 14.51
CA ASN D 322 -14.20 27.21 13.31
C ASN D 322 -15.15 27.60 12.17
N ALA D 323 -14.61 28.39 11.24
CA ALA D 323 -15.32 28.72 10.01
C ALA D 323 -14.95 27.50 9.11
N ILE D 324 -13.69 27.04 9.24
CA ILE D 324 -13.22 25.89 8.46
C ILE D 324 -12.37 24.95 9.34
N VAL D 325 -12.65 23.67 9.28
CA VAL D 325 -11.93 22.72 10.10
C VAL D 325 -11.59 21.47 9.29
N GLY D 326 -10.64 20.70 9.81
CA GLY D 326 -10.36 19.43 9.16
C GLY D 326 -9.00 18.82 9.36
N HIS D 327 -9.01 17.55 9.75
CA HIS D 327 -7.80 16.78 9.89
C HIS D 327 -7.84 15.78 8.72
N LEU D 328 -6.74 15.70 7.95
CA LEU D 328 -6.57 14.76 6.84
C LEU D 328 -7.40 14.95 5.56
N GLY D 329 -8.70 15.19 5.73
CA GLY D 329 -9.62 15.33 4.61
C GLY D 329 -9.44 16.56 3.71
N GLY D 330 -8.54 17.48 4.08
CA GLY D 330 -8.37 18.66 3.25
C GLY D 330 -7.07 18.71 2.47
N VAL D 331 -6.30 17.63 2.44
CA VAL D 331 -5.02 17.66 1.73
C VAL D 331 -5.20 18.15 0.29
N PHE D 332 -4.25 18.95 -0.19
CA PHE D 332 -4.25 19.46 -1.57
C PHE D 332 -5.37 20.45 -1.88
N SER D 333 -6.10 20.92 -0.86
CA SER D 333 -7.19 21.86 -1.11
C SER D 333 -6.73 23.30 -1.29
N GLU D 334 -7.65 24.16 -1.72
CA GLU D 334 -7.38 25.59 -1.91
C GLU D 334 -8.50 26.37 -1.24
N ILE D 335 -8.11 27.34 -0.40
CA ILE D 335 -9.06 28.16 0.34
C ILE D 335 -8.71 29.61 0.00
N TYR D 336 -9.58 30.30 -0.75
CA TYR D 336 -9.25 31.68 -1.12
C TYR D 336 -10.42 32.64 -1.30
N ASN D 337 -10.14 33.93 -1.16
CA ASN D 337 -11.15 34.99 -1.29
C ASN D 337 -12.31 34.80 -0.32
N ASN D 338 -12.05 34.27 0.88
CA ASN D 338 -13.14 34.11 1.85
C ASN D 338 -13.05 35.23 2.86
N HIS D 339 -14.19 35.57 3.43
CA HIS D 339 -14.27 36.59 4.46
C HIS D 339 -14.76 35.81 5.69
N ILE D 340 -13.88 35.72 6.69
CA ILE D 340 -14.16 34.95 7.91
C ILE D 340 -14.07 35.86 9.12
N TYR D 341 -15.10 35.88 9.97
CA TYR D 341 -15.00 36.75 11.15
C TYR D 341 -15.92 36.28 12.26
N ASN D 342 -15.75 36.85 13.46
CA ASN D 342 -16.61 36.50 14.59
C ASN D 342 -16.59 34.99 14.89
N ILE D 343 -15.41 34.39 14.95
CA ILE D 343 -15.33 32.98 15.26
C ILE D 343 -14.96 32.72 16.72
N ALA D 344 -15.87 32.07 17.44
CA ALA D 344 -15.67 31.68 18.83
C ALA D 344 -15.58 32.86 19.78
N LEU D 345 -16.31 33.93 19.50
CA LEU D 345 -16.21 35.07 20.39
C LEU D 345 -17.08 34.95 21.65
N LYS D 346 -18.16 34.18 21.57
CA LYS D 346 -19.06 34.05 22.72
C LYS D 346 -18.37 33.30 23.84
N ARG D 347 -17.42 32.45 23.46
CA ARG D 347 -16.66 31.69 24.43
C ARG D 347 -17.55 30.91 25.41
N GLU D 348 -18.51 30.17 24.89
CA GLU D 348 -19.36 29.37 25.78
C GLU D 348 -18.62 28.12 26.22
N PHE D 349 -17.64 27.71 25.41
CA PHE D 349 -16.85 26.53 25.71
C PHE D 349 -15.48 26.79 25.06
N TYR D 350 -14.46 26.10 25.55
CA TYR D 350 -13.13 26.31 25.04
C TYR D 350 -12.37 25.01 25.03
N GLY D 351 -11.46 24.90 24.06
CA GLY D 351 -10.65 23.70 23.92
C GLY D 351 -9.63 24.02 22.86
N HIS D 352 -8.70 23.10 22.62
CA HIS D 352 -7.62 23.31 21.66
C HIS D 352 -7.94 22.97 20.22
N GLU D 353 -9.09 23.40 19.74
CA GLU D 353 -9.46 23.14 18.35
C GLU D 353 -10.10 24.38 17.75
N ILE D 354 -10.02 25.50 18.46
CA ILE D 354 -10.65 26.74 18.00
C ILE D 354 -9.79 27.69 17.20
N ALA D 355 -10.31 28.15 16.05
CA ALA D 355 -9.66 29.12 15.15
C ALA D 355 -10.56 29.40 13.94
N GLY D 356 -10.37 30.55 13.27
CA GLY D 356 -11.15 30.88 12.09
C GLY D 356 -11.03 29.69 11.14
N ILE D 357 -9.76 29.29 10.94
CA ILE D 357 -9.41 28.14 10.13
C ILE D 357 -8.42 27.26 10.90
N LYS D 358 -8.77 25.99 11.11
CA LYS D 358 -7.82 25.07 11.75
C LYS D 358 -7.75 23.82 10.85
N LEU D 359 -6.56 23.46 10.42
CA LEU D 359 -6.36 22.27 9.59
C LEU D 359 -5.18 21.45 10.11
N HIS D 360 -5.39 20.15 10.28
CA HIS D 360 -4.31 19.22 10.67
C HIS D 360 -3.93 18.48 9.37
N ALA D 361 -2.64 18.32 9.11
CA ALA D 361 -2.19 17.67 7.87
C ALA D 361 -2.69 18.43 6.63
N ALA D 362 -2.48 19.75 6.60
CA ALA D 362 -2.82 20.60 5.45
C ALA D 362 -1.73 20.45 4.34
N ILE D 363 -1.46 19.20 3.92
CA ILE D 363 -0.42 18.97 2.93
C ILE D 363 -0.70 19.71 1.61
N ASP D 364 0.26 20.53 1.20
CA ASP D 364 0.14 21.34 -0.01
C ASP D 364 -1.15 22.19 -0.08
N VAL D 365 -1.77 22.51 1.06
CA VAL D 365 -2.95 23.36 1.01
C VAL D 365 -2.56 24.82 0.69
N GLN D 366 -3.32 25.48 -0.17
CA GLN D 366 -3.06 26.89 -0.55
C GLN D 366 -4.12 27.76 0.17
N ILE D 367 -3.72 28.67 1.04
CA ILE D 367 -4.67 29.50 1.76
C ILE D 367 -4.30 30.91 1.36
N HIS D 368 -5.07 31.55 0.49
CA HIS D 368 -4.67 32.87 0.04
C HIS D 368 -5.81 33.89 -0.22
N HIS D 369 -5.46 35.18 -0.16
CA HIS D 369 -6.42 36.24 -0.38
C HIS D 369 -7.67 36.11 0.49
N ASN D 370 -7.50 35.76 1.77
CA ASN D 370 -8.66 35.70 2.65
C ASN D 370 -8.58 36.90 3.62
N ARG D 371 -9.73 37.29 4.17
CA ARG D 371 -9.85 38.39 5.14
C ARG D 371 -10.36 37.69 6.40
N ILE D 372 -9.57 37.71 7.46
CA ILE D 372 -9.91 37.00 8.67
C ILE D 372 -9.72 37.94 9.83
N HIS D 373 -10.83 38.29 10.50
CA HIS D 373 -10.75 39.23 11.59
C HIS D 373 -11.76 38.90 12.68
N ASP D 374 -11.59 39.52 13.84
CA ASP D 374 -12.47 39.26 14.95
C ASP D 374 -12.61 37.79 15.36
N CYS D 375 -11.47 37.09 15.42
CA CYS D 375 -11.43 35.69 15.87
C CYS D 375 -10.47 35.61 17.08
N SER D 376 -10.65 34.62 17.94
CA SER D 376 -9.74 34.46 19.07
C SER D 376 -8.37 34.01 18.48
N LEU D 377 -8.43 33.27 17.36
CA LEU D 377 -7.22 32.85 16.62
C LEU D 377 -7.63 32.78 15.14
N GLY D 378 -6.91 33.47 14.27
CA GLY D 378 -7.27 33.46 12.87
C GLY D 378 -7.06 32.15 12.12
N LEU D 379 -5.83 31.60 12.21
CA LEU D 379 -5.47 30.41 11.48
C LEU D 379 -4.56 29.52 12.34
N TRP D 380 -4.88 28.24 12.36
CA TRP D 380 -4.12 27.26 13.14
C TRP D 380 -3.77 26.04 12.23
N LEU D 381 -2.48 25.86 11.94
CA LEU D 381 -1.98 24.73 11.13
C LEU D 381 -1.37 23.83 12.23
N ASP D 382 -1.89 22.63 12.36
CA ASP D 382 -1.50 21.73 13.46
C ASP D 382 -1.13 20.32 12.93
N TRP D 383 0.16 20.01 12.94
CA TRP D 383 0.73 18.75 12.43
C TRP D 383 0.71 18.77 10.90
N GLU D 384 1.78 18.25 10.35
CA GLU D 384 1.86 18.03 8.95
C GLU D 384 1.52 19.15 7.98
N ALA D 385 1.91 20.38 8.32
CA ALA D 385 1.71 21.50 7.43
C ALA D 385 2.93 21.36 6.49
N GLN D 386 2.83 20.45 5.52
CA GLN D 386 3.96 20.24 4.59
C GLN D 386 3.56 20.72 3.19
N GLY D 387 4.24 21.75 2.69
CA GLY D 387 3.88 22.31 1.39
C GLY D 387 2.80 23.37 1.55
N THR D 388 2.26 23.52 2.75
CA THR D 388 1.23 24.51 3.01
C THR D 388 1.72 25.93 2.63
N ARG D 389 0.85 26.73 2.04
CA ARG D 389 1.22 28.10 1.65
C ARG D 389 0.16 29.05 2.10
N VAL D 390 0.55 30.01 2.95
CA VAL D 390 -0.38 31.01 3.52
C VAL D 390 0.11 32.28 2.90
N SER D 391 -0.65 32.77 1.93
CA SER D 391 -0.21 33.89 1.14
C SER D 391 -1.24 34.99 0.83
N LYS D 392 -0.80 36.24 0.95
CA LYS D 392 -1.65 37.36 0.62
C LYS D 392 -2.96 37.44 1.39
N ASN D 393 -2.92 37.08 2.67
CA ASN D 393 -4.10 37.15 3.51
C ASN D 393 -4.07 38.44 4.34
N LEU D 394 -5.27 38.87 4.75
CA LEU D 394 -5.45 40.05 5.59
C LEU D 394 -5.99 39.62 6.99
N PHE D 395 -5.15 39.70 8.01
CA PHE D 395 -5.50 39.35 9.39
C PHE D 395 -5.45 40.62 10.25
N TYR D 396 -6.53 40.90 10.97
CA TYR D 396 -6.58 42.04 11.89
C TYR D 396 -7.65 41.83 12.98
N ASN D 397 -7.51 42.56 14.08
CA ASN D 397 -8.46 42.46 15.19
C ASN D 397 -8.72 41.02 15.65
N ASN D 398 -7.66 40.22 15.70
CA ASN D 398 -7.76 38.87 16.20
C ASN D 398 -7.00 38.84 17.49
N ASN D 399 -7.34 37.95 18.43
CA ASN D 399 -6.56 37.91 19.65
C ASN D 399 -5.20 37.37 19.29
N ARG D 400 -5.15 36.54 18.24
CA ARG D 400 -3.89 36.01 17.70
C ARG D 400 -4.16 35.78 16.21
N ASP D 401 -3.18 36.04 15.35
CA ASP D 401 -3.37 35.80 13.92
C ASP D 401 -3.10 34.38 13.44
N VAL D 402 -1.86 33.91 13.60
CA VAL D 402 -1.45 32.60 13.06
C VAL D 402 -0.71 31.72 14.06
N PHE D 403 -0.94 30.42 13.95
CA PHE D 403 -0.32 29.44 14.84
C PHE D 403 0.04 28.23 13.96
N VAL D 404 1.33 27.88 13.89
CA VAL D 404 1.78 26.70 13.12
C VAL D 404 2.43 25.81 14.20
N GLU D 405 1.81 24.66 14.46
CA GLU D 405 2.24 23.79 15.54
C GLU D 405 2.69 22.41 15.10
N VAL D 406 3.71 21.94 15.79
CA VAL D 406 4.33 20.64 15.54
C VAL D 406 4.44 20.20 14.07
N SER D 407 4.93 21.10 13.24
CA SER D 407 5.14 20.84 11.83
C SER D 407 6.61 21.01 11.51
N HIS D 408 7.03 20.39 10.42
CA HIS D 408 8.43 20.39 9.99
C HIS D 408 8.67 21.07 8.63
N GLY D 409 7.58 21.56 8.03
CA GLY D 409 7.69 22.19 6.72
C GLY D 409 8.01 21.22 5.57
N PRO D 410 8.43 21.76 4.41
CA PRO D 410 8.56 23.23 4.26
C PRO D 410 7.20 23.94 4.17
N TYR D 411 6.94 24.94 5.02
CA TYR D 411 5.68 25.65 4.93
C TYR D 411 6.05 27.10 4.66
N LEU D 412 5.19 27.78 3.93
CA LEU D 412 5.47 29.15 3.51
C LEU D 412 4.37 30.13 3.89
N VAL D 413 4.79 31.29 4.41
CA VAL D 413 3.91 32.36 4.85
C VAL D 413 4.45 33.58 4.12
N ASP D 414 3.76 34.02 3.07
CA ASP D 414 4.27 35.14 2.28
C ASP D 414 3.25 36.21 1.92
N HIS D 415 3.77 37.44 1.85
CA HIS D 415 2.98 38.61 1.45
C HIS D 415 1.70 38.80 2.23
N ASN D 416 1.66 38.38 3.50
CA ASN D 416 0.45 38.59 4.30
C ASN D 416 0.55 39.86 5.10
N ILE D 417 -0.62 40.31 5.54
CA ILE D 417 -0.67 41.41 6.47
C ILE D 417 -1.12 40.74 7.78
N LEU D 418 -0.20 40.61 8.75
CA LEU D 418 -0.53 40.03 10.06
C LEU D 418 -0.46 41.21 11.05
N SER D 419 -1.59 41.87 11.26
CA SER D 419 -1.60 43.09 12.06
C SER D 419 -2.01 43.07 13.52
N SER D 420 -2.41 41.91 14.02
CA SER D 420 -2.84 41.79 15.41
C SER D 420 -1.64 41.84 16.35
N GLU D 421 -1.89 42.19 17.60
CA GLU D 421 -0.84 42.34 18.64
C GLU D 421 0.01 41.12 18.93
N TYR D 422 -0.63 39.96 18.79
CA TYR D 422 0.04 38.67 18.97
C TYR D 422 -0.12 38.09 17.56
N ALA D 423 0.93 38.18 16.76
CA ALA D 423 0.85 37.77 15.38
C ALA D 423 1.10 36.31 15.09
N ILE D 424 2.15 35.75 15.68
CA ILE D 424 2.54 34.37 15.41
C ILE D 424 2.87 33.46 16.59
N ASP D 425 2.24 32.29 16.61
CA ASP D 425 2.56 31.25 17.58
C ASP D 425 3.34 30.27 16.68
N ASN D 426 4.61 30.08 16.95
CA ASN D 426 5.47 29.22 16.12
C ASN D 426 6.05 28.07 16.96
N MET D 427 5.45 26.90 16.84
CA MET D 427 5.91 25.75 17.60
C MET D 427 6.25 24.68 16.58
N SER D 428 6.93 25.11 15.52
CA SER D 428 7.29 24.24 14.42
C SER D 428 8.72 24.56 13.96
N GLN D 429 9.11 23.94 12.86
CA GLN D 429 10.39 24.20 12.24
C GLN D 429 10.16 24.06 10.72
N GLY D 430 11.09 24.56 9.90
CA GLY D 430 10.95 24.42 8.47
C GLY D 430 10.07 25.47 7.78
N GLY D 431 9.93 26.63 8.42
CA GLY D 431 9.09 27.68 7.85
C GLY D 431 9.84 28.75 7.06
N ALA D 432 9.15 29.41 6.13
CA ALA D 432 9.74 30.53 5.40
C ALA D 432 8.69 31.65 5.48
N TYR D 433 9.08 32.77 6.09
CA TYR D 433 8.25 33.97 6.26
C TYR D 433 8.83 35.00 5.31
N ILE D 434 8.15 35.24 4.19
CA ILE D 434 8.69 36.13 3.13
C ILE D 434 7.80 37.33 2.79
N ASN D 435 8.36 38.54 2.82
CA ASN D 435 7.60 39.73 2.44
C ASN D 435 6.28 39.95 3.17
N ASN D 436 6.22 39.69 4.48
CA ASN D 436 4.99 39.93 5.23
C ASN D 436 5.10 41.25 5.98
N LEU D 437 3.96 41.75 6.49
CA LEU D 437 3.94 42.91 7.37
C LEU D 437 3.51 42.21 8.68
N ILE D 438 4.37 42.23 9.69
CA ILE D 438 4.09 41.57 10.96
C ILE D 438 4.11 42.63 12.08
N ALA D 439 2.94 42.90 12.66
CA ALA D 439 2.86 43.93 13.68
C ALA D 439 2.47 43.42 15.06
N GLY D 440 2.91 42.23 15.40
CA GLY D 440 2.57 41.67 16.69
C GLY D 440 3.68 40.72 17.08
N LYS D 441 3.64 40.24 18.32
CA LYS D 441 4.69 39.36 18.74
C LYS D 441 4.63 37.96 18.17
N MET D 442 5.75 37.29 18.33
CA MET D 442 5.87 35.91 17.95
C MET D 442 6.30 35.13 19.21
N ASN D 443 5.62 34.03 19.47
CA ASN D 443 5.99 33.12 20.58
C ASN D 443 6.55 31.89 19.84
N GLN D 444 7.84 31.62 20.00
CA GLN D 444 8.50 30.48 19.35
C GLN D 444 8.99 29.50 20.41
N ARG D 445 8.64 28.21 20.28
CA ARG D 445 9.06 27.21 21.26
C ARG D 445 9.24 25.83 20.63
N LYS D 446 10.21 25.09 21.16
CA LYS D 446 10.51 23.73 20.74
C LYS D 446 9.41 22.83 21.27
N VAL D 447 9.29 21.62 20.71
CA VAL D 447 8.33 20.63 21.20
C VAL D 447 9.14 19.33 21.18
N LEU D 448 9.66 18.98 22.36
CA LEU D 448 10.50 17.80 22.48
C LEU D 448 9.84 16.56 23.04
N ASN D 449 8.57 16.65 23.44
CA ASN D 449 7.91 15.45 23.97
C ASN D 449 6.78 14.93 23.05
N ARG D 450 6.71 15.46 21.84
CA ARG D 450 5.74 14.99 20.85
C ARG D 450 6.44 14.90 19.50
N SER D 451 6.36 13.73 18.88
CA SER D 451 6.98 13.52 17.58
C SER D 451 5.82 13.44 16.61
N THR D 452 5.95 14.08 15.44
CA THR D 452 4.84 14.06 14.45
C THR D 452 5.34 13.72 13.03
N GLN D 453 4.46 13.16 12.22
CA GLN D 453 4.87 12.73 10.87
C GLN D 453 5.30 13.78 9.87
N TYR D 454 6.17 13.38 8.95
CA TYR D 454 6.48 14.21 7.79
C TYR D 454 6.32 13.23 6.60
N HIS D 455 6.27 13.76 5.40
CA HIS D 455 5.93 12.96 4.23
C HIS D 455 6.84 13.07 3.02
N LEU D 456 6.58 12.21 2.06
CA LEU D 456 7.26 12.35 0.81
C LEU D 456 6.62 13.66 0.22
N PRO D 457 7.37 14.41 -0.59
CA PRO D 457 6.80 15.63 -1.14
C PRO D 457 5.54 15.40 -1.96
N HIS D 458 4.59 16.32 -1.86
CA HIS D 458 3.35 16.27 -2.64
C HIS D 458 2.60 14.95 -2.56
N SER D 459 2.57 14.39 -1.36
CA SER D 459 1.97 13.08 -1.16
C SER D 459 1.54 12.85 0.30
N THR D 460 0.64 11.89 0.51
CA THR D 460 0.27 11.52 1.88
C THR D 460 1.22 10.40 2.41
N GLU D 461 2.06 9.82 1.55
CA GLU D 461 3.01 8.79 2.00
C GLU D 461 3.83 9.32 3.16
N VAL D 462 3.95 8.51 4.22
CA VAL D 462 4.74 8.92 5.37
C VAL D 462 6.25 8.66 5.16
N ALA D 463 7.07 9.69 5.37
CA ALA D 463 8.51 9.55 5.21
C ALA D 463 9.19 9.30 6.56
N GLY D 464 8.53 9.77 7.62
CA GLY D 464 9.09 9.63 8.96
C GLY D 464 8.32 10.45 10.00
N PHE D 465 8.95 10.72 11.14
CA PHE D 465 8.29 11.54 12.16
C PHE D 465 9.41 12.21 12.95
N ALA D 466 9.13 13.39 13.52
CA ALA D 466 10.16 14.14 14.27
C ALA D 466 9.62 15.03 15.35
N PHE D 467 10.49 15.37 16.30
CA PHE D 467 10.17 16.34 17.34
C PHE D 467 10.52 17.69 16.69
N VAL D 468 10.12 18.76 17.36
CA VAL D 468 10.45 20.09 16.87
C VAL D 468 11.60 20.61 17.70
N TYR D 469 12.77 20.68 17.08
CA TYR D 469 13.99 21.15 17.73
C TYR D 469 14.07 22.69 17.73
N GLY D 470 13.19 23.32 16.96
CA GLY D 470 13.16 24.77 16.89
C GLY D 470 14.16 25.31 15.89
N GLY D 471 13.81 26.43 15.25
CA GLY D 471 14.73 26.99 14.26
C GLY D 471 14.47 26.40 12.90
N ASP D 472 15.47 26.42 12.00
CA ASP D 472 15.30 25.96 10.62
C ASP D 472 14.14 26.77 10.03
N ASP D 473 14.17 28.08 10.29
CA ASP D 473 13.18 28.99 9.73
C ASP D 473 13.90 30.04 8.89
N ARG D 474 13.19 30.60 7.91
CA ARG D 474 13.69 31.64 7.02
C ARG D 474 12.80 32.86 7.22
N PHE D 475 13.41 34.06 7.22
CA PHE D 475 12.69 35.32 7.36
C PHE D 475 13.35 36.30 6.43
N TYR D 476 12.67 36.69 5.35
CA TYR D 476 13.25 37.63 4.39
C TYR D 476 12.20 38.65 4.00
N ASN D 477 12.65 39.90 3.79
CA ASN D 477 11.83 41.02 3.36
C ASN D 477 10.58 41.33 4.19
N ASN D 478 10.62 41.05 5.49
CA ASN D 478 9.44 41.38 6.27
C ASN D 478 9.62 42.76 6.93
N ILE D 479 8.49 43.38 7.26
CA ILE D 479 8.48 44.64 7.97
C ILE D 479 7.87 44.27 9.32
N PHE D 480 8.65 44.36 10.39
CA PHE D 480 8.16 44.06 11.72
C PHE D 480 7.84 45.38 12.43
N ILE D 481 6.73 45.44 13.14
CA ILE D 481 6.40 46.68 13.84
C ILE D 481 6.03 46.33 15.26
N GLY D 482 6.83 46.80 16.22
CA GLY D 482 6.52 46.54 17.60
C GLY D 482 5.51 47.52 18.16
N LYS D 483 5.44 47.57 19.49
CA LYS D 483 4.52 48.46 20.18
C LYS D 483 4.99 48.63 21.64
N GLU D 484 4.82 49.82 22.21
CA GLU D 484 5.22 50.08 23.60
C GLU D 484 4.49 49.03 24.45
N GLY D 485 5.26 48.31 25.27
CA GLY D 485 4.62 47.31 26.09
C GLY D 485 4.32 45.98 25.38
N LEU D 486 5.11 45.64 24.35
CA LEU D 486 4.91 44.40 23.62
C LEU D 486 6.29 43.79 23.36
N GLU D 487 6.57 42.67 24.00
CA GLU D 487 7.86 42.05 23.83
C GLU D 487 7.82 41.01 22.74
N ASN D 488 9.00 40.63 22.28
CA ASN D 488 9.14 39.58 21.30
C ASN D 488 8.65 39.78 19.89
N VAL D 489 8.61 41.02 19.43
CA VAL D 489 8.25 41.28 18.05
C VAL D 489 9.60 41.24 17.31
N GLY D 490 9.67 40.53 16.19
CA GLY D 490 10.90 40.46 15.45
C GLY D 490 11.45 39.05 15.28
N THR D 491 12.78 38.95 15.21
CA THR D 491 13.45 37.66 15.00
C THR D 491 14.60 37.42 16.02
N SER D 492 14.68 38.22 17.08
CA SER D 492 15.72 38.03 18.09
C SER D 492 15.55 36.69 18.81
N HIS D 493 14.38 36.08 18.66
CA HIS D 493 14.12 34.75 19.25
C HIS D 493 15.18 33.72 18.82
N TYR D 494 15.78 33.91 17.67
CA TYR D 494 16.75 32.95 17.16
C TYR D 494 18.22 33.23 17.45
N ASN D 495 18.47 34.17 18.34
CA ASN D 495 19.84 34.58 18.63
C ASN D 495 20.85 33.45 18.83
N ASN D 496 20.46 32.34 19.43
CA ASN D 496 21.43 31.26 19.61
C ASN D 496 21.62 30.32 18.40
N CYS D 497 20.83 30.51 17.34
CA CYS D 497 20.90 29.60 16.20
C CYS D 497 22.12 29.74 15.31
N THR D 498 22.41 28.70 14.54
CA THR D 498 23.49 28.74 13.55
C THR D 498 22.89 29.52 12.36
N THR D 499 23.71 29.90 11.38
CA THR D 499 23.23 30.69 10.26
C THR D 499 23.31 30.00 8.91
N SER D 500 23.57 28.71 8.89
CA SER D 500 23.60 27.99 7.64
C SER D 500 23.67 26.54 7.95
N LEU D 501 23.18 25.75 7.02
CA LEU D 501 23.19 24.34 7.22
C LEU D 501 24.64 23.85 7.28
N GLU D 502 25.53 24.48 6.52
CA GLU D 502 26.95 24.08 6.55
C GLU D 502 27.53 24.27 7.94
N GLU D 503 27.19 25.39 8.57
CA GLU D 503 27.70 25.68 9.91
C GLU D 503 27.18 24.65 10.93
N TYR D 504 25.88 24.35 10.83
CA TYR D 504 25.25 23.38 11.71
C TYR D 504 25.96 22.01 11.59
N ILE D 505 26.18 21.62 10.35
CA ILE D 505 26.85 20.35 10.10
C ILE D 505 28.30 20.36 10.61
N GLU D 506 29.05 21.44 10.36
CA GLU D 506 30.42 21.49 10.86
C GLU D 506 30.39 21.33 12.38
N LYS D 507 29.55 22.12 13.06
CA LYS D 507 29.48 22.05 14.52
C LYS D 507 29.05 20.70 15.09
N VAL D 508 28.01 20.10 14.52
CA VAL D 508 27.55 18.81 15.01
C VAL D 508 28.65 17.78 14.82
N ASN D 509 29.35 17.87 13.71
CA ASN D 509 30.32 16.87 13.46
C ASN D 509 31.73 17.09 14.04
N GLU D 510 31.86 18.02 14.97
CA GLU D 510 33.15 18.30 15.61
C GLU D 510 33.57 17.13 16.49
N VAL D 511 32.62 16.40 17.06
CA VAL D 511 32.94 15.23 17.88
C VAL D 511 32.04 14.05 17.45
N PRO D 512 32.62 12.85 17.31
CA PRO D 512 31.89 11.64 16.89
C PRO D 512 30.70 11.38 17.78
N GLY D 513 29.66 10.78 17.20
CA GLY D 513 28.47 10.47 17.97
C GLY D 513 27.27 10.49 17.06
N ASP D 514 26.10 10.32 17.66
CA ASP D 514 24.88 10.33 16.88
C ASP D 514 23.93 11.40 17.38
N LEU D 515 22.72 10.98 17.72
CA LEU D 515 21.67 11.88 18.15
C LEU D 515 22.09 12.95 19.16
N GLY D 516 22.76 12.52 20.22
CA GLY D 516 23.17 13.48 21.25
C GLY D 516 23.97 14.62 20.66
N GLU D 517 24.88 14.33 19.73
CA GLU D 517 25.67 15.37 19.11
C GLU D 517 24.80 16.33 18.32
N PHE D 518 23.77 15.83 17.63
CA PHE D 518 22.91 16.72 16.88
C PHE D 518 22.06 17.59 17.80
N GLU D 519 21.60 17.01 18.91
CA GLU D 519 20.74 17.75 19.82
C GLU D 519 21.49 18.89 20.50
N ARG D 520 22.81 18.80 20.62
CA ARG D 520 23.52 19.88 21.29
C ARG D 520 23.75 21.13 20.42
N VAL D 521 23.41 21.06 19.14
CA VAL D 521 23.62 22.23 18.28
C VAL D 521 22.28 22.80 17.81
N GLU D 522 22.14 24.13 17.87
CA GLU D 522 20.89 24.79 17.46
C GLU D 522 20.76 24.77 15.92
N GLN D 523 19.55 24.49 15.42
CA GLN D 523 19.36 24.47 13.98
C GLN D 523 19.60 25.86 13.37
N PRO D 524 19.87 25.91 12.06
CA PRO D 524 20.14 27.19 11.39
C PRO D 524 18.90 28.02 11.08
N VAL D 525 19.09 29.33 10.96
CA VAL D 525 18.02 30.23 10.55
C VAL D 525 18.63 31.02 9.40
N TYR D 526 17.77 31.46 8.49
CA TYR D 526 18.18 32.16 7.27
C TYR D 526 17.40 33.47 7.31
N ILE D 527 18.03 34.53 7.86
CA ILE D 527 17.34 35.79 8.05
C ILE D 527 18.06 36.98 7.46
N ASN D 528 17.37 37.73 6.60
CA ASN D 528 17.95 38.91 5.97
C ASN D 528 16.94 39.87 5.31
N LYS D 529 17.34 41.12 5.19
CA LYS D 529 16.54 42.17 4.57
C LYS D 529 15.20 42.42 5.23
N ASN D 530 15.15 42.39 6.55
CA ASN D 530 13.90 42.69 7.26
C ASN D 530 14.06 44.10 7.88
N ALA D 531 12.93 44.76 8.16
CA ALA D 531 12.92 46.08 8.79
C ALA D 531 12.25 45.89 10.14
N TYR D 532 12.71 46.66 11.12
CA TYR D 532 12.21 46.55 12.48
C TYR D 532 11.95 47.93 13.04
N PHE D 533 10.66 48.27 13.20
CA PHE D 533 10.26 49.57 13.70
C PHE D 533 9.50 49.49 15.01
N ASN D 534 9.55 50.60 15.74
CA ASN D 534 8.77 50.77 16.96
C ASN D 534 9.02 49.75 18.06
N GLY D 535 10.24 49.25 18.16
CA GLY D 535 10.52 48.31 19.23
C GLY D 535 10.76 46.87 18.85
N ALA D 536 10.47 46.50 17.59
CA ALA D 536 10.70 45.13 17.10
C ALA D 536 12.24 44.94 17.16
N GLU D 537 12.69 43.73 17.47
CA GLU D 537 14.11 43.41 17.61
C GLU D 537 14.61 42.39 16.62
N PRO D 538 15.78 42.64 16.01
CA PRO D 538 16.32 41.69 15.04
C PRO D 538 17.20 40.59 15.62
N PHE D 539 17.29 39.50 14.86
CA PHE D 539 18.18 38.40 15.14
C PHE D 539 19.59 39.09 15.13
N GLU D 540 20.40 38.85 16.17
CA GLU D 540 21.72 39.49 16.30
C GLU D 540 22.67 39.32 15.12
N LYS D 541 22.57 38.20 14.42
CA LYS D 541 23.48 37.97 13.30
C LYS D 541 22.89 38.28 11.91
N GLU D 542 21.76 38.98 11.85
CA GLU D 542 21.23 39.28 10.54
C GLU D 542 22.22 40.24 9.86
N LYS D 543 22.60 40.00 8.61
CA LYS D 543 23.58 40.89 7.95
C LYS D 543 23.09 42.23 7.41
N ASP D 544 21.96 42.24 6.71
CA ASP D 544 21.43 43.46 6.14
C ASP D 544 19.99 43.67 6.60
N ASN D 545 19.78 44.64 7.48
CA ASN D 545 18.44 44.96 7.94
C ASN D 545 18.32 46.47 8.21
N LEU D 546 17.13 46.93 8.54
CA LEU D 546 16.87 48.33 8.86
C LEU D 546 16.20 48.31 10.23
N VAL D 547 16.86 48.89 11.21
CA VAL D 547 16.31 48.94 12.55
C VAL D 547 16.17 50.42 12.97
N LYS D 548 14.92 50.85 13.25
CA LYS D 548 14.63 52.20 13.73
C LYS D 548 13.64 52.00 14.83
N LYS D 549 14.14 51.70 16.01
CA LYS D 549 13.29 51.46 17.16
C LYS D 549 12.41 52.63 17.55
N ASP D 550 12.88 53.84 17.29
CA ASP D 550 12.15 55.03 17.67
C ASP D 550 11.14 55.54 16.65
N PHE D 551 11.04 54.83 15.53
CA PHE D 551 10.08 55.22 14.51
C PHE D 551 8.79 54.48 14.67
N ASP D 552 7.68 55.21 14.72
CA ASP D 552 6.37 54.62 14.88
C ASP D 552 5.58 54.78 13.59
N PRO D 553 5.34 53.67 12.87
CA PRO D 553 4.60 53.67 11.59
C PRO D 553 3.12 54.06 11.73
N LYS D 554 2.61 54.08 12.96
CA LYS D 554 1.19 54.40 13.19
C LYS D 554 0.28 53.58 12.29
N LEU D 555 0.55 52.29 12.24
CA LEU D 555 -0.21 51.38 11.43
C LEU D 555 -1.69 51.36 11.81
N ALA D 556 -2.59 51.38 10.84
CA ALA D 556 -4.01 51.22 11.18
C ALA D 556 -4.68 50.48 10.02
N ILE D 557 -5.54 49.52 10.38
CA ILE D 557 -6.32 48.79 9.40
C ILE D 557 -7.68 49.48 9.57
N ILE D 558 -8.20 50.02 8.47
CA ILE D 558 -9.47 50.71 8.52
C ILE D 558 -10.53 49.93 7.78
N ASP D 559 -11.40 49.32 8.58
CA ASP D 559 -12.48 48.48 8.07
C ASP D 559 -13.73 49.33 7.86
N GLU D 560 -14.11 49.53 6.60
CA GLU D 560 -15.33 50.29 6.32
C GLU D 560 -16.45 49.40 5.80
N GLY D 561 -16.43 48.12 6.14
CA GLY D 561 -17.49 47.26 5.66
C GLY D 561 -17.06 46.41 4.49
N ASP D 562 -17.45 46.77 3.28
CA ASP D 562 -17.03 45.97 2.14
C ASP D 562 -15.61 46.28 1.73
N GLU D 563 -15.06 47.37 2.26
CA GLU D 563 -13.71 47.73 1.91
C GLU D 563 -12.86 47.91 3.13
N VAL D 564 -11.58 47.62 2.98
CA VAL D 564 -10.63 47.77 4.07
C VAL D 564 -9.41 48.48 3.53
N TYR D 565 -8.88 49.39 4.34
CA TYR D 565 -7.73 50.19 4.00
C TYR D 565 -6.60 50.03 5.01
N LEU D 566 -5.39 50.17 4.50
CA LEU D 566 -4.19 50.09 5.30
C LEU D 566 -3.56 51.50 5.35
N SER D 567 -3.31 51.99 6.56
CA SER D 567 -2.67 53.28 6.72
C SER D 567 -1.35 53.04 7.44
N LEU D 568 -0.27 53.58 6.90
CA LEU D 568 1.04 53.33 7.46
C LEU D 568 2.04 54.42 7.07
N GLN D 569 2.85 54.89 8.03
CA GLN D 569 3.90 55.88 7.71
C GLN D 569 5.24 55.10 7.62
N LEU D 570 6.11 55.39 6.64
CA LEU D 570 7.42 54.71 6.55
C LEU D 570 8.51 55.78 6.50
N PRO D 571 9.66 55.54 7.16
CA PRO D 571 10.78 56.49 7.20
C PRO D 571 11.56 56.57 5.89
N ASP D 572 12.31 57.64 5.70
CA ASP D 572 13.10 57.78 4.48
C ASP D 572 14.03 56.61 4.26
N GLU D 573 14.52 56.03 5.35
CA GLU D 573 15.43 54.89 5.22
C GLU D 573 14.77 53.70 4.54
N PHE D 574 13.43 53.66 4.57
CA PHE D 574 12.72 52.57 3.94
C PHE D 574 13.16 52.39 2.50
N GLU D 575 13.53 53.49 1.85
CA GLU D 575 13.96 53.44 0.46
C GLU D 575 15.31 52.78 0.27
N ASN D 576 16.14 52.75 1.30
CA ASN D 576 17.47 52.17 1.11
C ASN D 576 17.61 50.69 1.36
N ILE D 577 16.52 50.02 1.70
CA ILE D 577 16.62 48.59 1.92
C ILE D 577 15.79 47.99 0.81
N VAL D 578 16.39 47.06 0.10
CA VAL D 578 15.74 46.45 -1.04
C VAL D 578 15.67 44.91 -0.92
N GLY D 579 14.57 44.32 -1.36
CA GLY D 579 14.44 42.88 -1.23
C GLY D 579 14.56 42.10 -2.52
N ASP D 580 15.01 40.85 -2.42
CA ASP D 580 15.12 39.97 -3.59
C ASP D 580 13.82 39.23 -3.83
N ILE D 581 13.68 38.68 -5.03
CA ILE D 581 12.54 37.84 -5.38
C ILE D 581 12.95 36.46 -4.82
N HIS D 582 12.22 35.92 -3.87
CA HIS D 582 12.59 34.59 -3.39
C HIS D 582 11.95 33.49 -4.22
N SER D 583 12.50 32.29 -4.14
CA SER D 583 12.03 31.21 -4.98
C SER D 583 12.62 29.94 -4.48
N THR D 584 12.33 28.85 -5.17
CA THR D 584 12.86 27.55 -4.80
C THR D 584 14.40 27.62 -4.78
N LYS D 585 14.96 28.41 -5.68
CA LYS D 585 16.42 28.56 -5.76
C LYS D 585 17.02 29.32 -4.56
N THR D 586 16.34 30.33 -4.06
CA THR D 586 16.90 31.13 -2.96
C THR D 586 16.63 30.61 -1.56
N LEU D 587 15.65 29.74 -1.39
CA LEU D 587 15.31 29.23 -0.06
C LEU D 587 15.98 27.87 0.22
N GLU D 588 16.77 27.82 1.28
CA GLU D 588 17.45 26.59 1.65
C GLU D 588 16.42 25.53 2.06
N ARG D 589 16.64 24.28 1.64
CA ARG D 589 15.79 23.15 1.99
C ARG D 589 15.67 23.00 3.50
N VAL D 590 14.57 22.44 3.97
CA VAL D 590 14.43 22.24 5.41
C VAL D 590 15.30 21.01 5.79
N ARG D 591 15.89 21.00 6.97
CA ARG D 591 16.78 19.90 7.33
C ARG D 591 16.16 18.49 7.52
N ILE D 592 15.29 18.33 8.51
CA ILE D 592 14.71 17.02 8.79
C ILE D 592 13.96 16.44 7.58
N VAL D 593 12.99 17.20 7.05
CA VAL D 593 12.22 16.70 5.92
C VAL D 593 13.03 16.62 4.61
N ASP D 594 14.11 17.39 4.56
CA ASP D 594 15.02 17.38 3.41
C ASP D 594 14.23 17.64 2.10
N ALA D 595 13.44 18.71 2.08
CA ALA D 595 12.62 19.01 0.90
C ALA D 595 12.67 20.50 0.60
N GLU D 596 12.35 20.85 -0.65
CA GLU D 596 12.40 22.22 -1.12
C GLU D 596 11.07 22.92 -1.03
N TYR D 597 11.10 24.25 -1.17
CA TYR D 597 9.89 25.06 -1.20
C TYR D 597 9.54 25.12 -2.70
N GLU D 598 8.52 24.39 -3.12
CA GLU D 598 8.16 24.40 -4.52
C GLU D 598 6.65 24.44 -4.68
N SER D 599 6.19 24.47 -5.92
CA SER D 599 4.74 24.46 -6.22
C SER D 599 4.16 23.08 -5.97
N PRO D 600 2.84 22.98 -5.80
CA PRO D 600 2.18 21.70 -5.55
C PRO D 600 2.42 20.74 -6.70
N ASP D 601 2.73 21.29 -7.89
CA ASP D 601 2.98 20.43 -9.04
C ASP D 601 4.45 19.99 -9.11
N GLY D 602 5.23 20.26 -8.07
CA GLY D 602 6.62 19.83 -8.12
C GLY D 602 7.56 20.80 -8.84
N LYS D 603 7.01 21.80 -9.52
CA LYS D 603 7.82 22.79 -10.24
C LYS D 603 8.37 23.97 -9.37
N GLU D 604 9.32 24.71 -9.92
CA GLU D 604 9.89 25.82 -9.19
C GLU D 604 8.85 26.87 -8.79
N LEU D 605 9.00 27.42 -7.60
CA LEU D 605 8.07 28.44 -7.13
C LEU D 605 8.82 29.76 -7.12
N VAL D 606 8.22 30.81 -7.66
CA VAL D 606 8.84 32.13 -7.71
C VAL D 606 7.90 33.12 -7.05
N LEU D 607 8.35 33.76 -5.98
CA LEU D 607 7.49 34.70 -5.26
C LEU D 607 7.64 36.11 -5.77
N ASP D 608 7.19 36.33 -7.01
CA ASP D 608 7.32 37.63 -7.62
C ASP D 608 6.05 38.47 -7.79
N THR D 609 4.97 38.15 -7.09
CA THR D 609 3.79 39.01 -7.19
C THR D 609 3.43 39.35 -5.74
N ASP D 610 3.03 40.60 -5.50
CA ASP D 610 2.74 40.99 -4.12
C ASP D 610 1.29 40.78 -3.68
N TYR D 611 1.00 41.29 -2.50
CA TYR D 611 -0.31 41.16 -1.90
C TYR D 611 -1.40 41.65 -2.85
N LEU D 612 -1.10 42.68 -3.63
CA LEU D 612 -2.06 43.24 -4.59
C LEU D 612 -1.97 42.58 -5.97
N ASP D 613 -1.25 41.45 -6.05
CA ASP D 613 -1.04 40.73 -7.29
C ASP D 613 -0.24 41.49 -8.37
N ALA D 614 0.55 42.48 -7.96
CA ALA D 614 1.39 43.22 -8.89
C ALA D 614 2.71 42.45 -9.04
N LYS D 615 3.18 42.34 -10.27
CA LYS D 615 4.42 41.63 -10.57
C LYS D 615 5.51 42.56 -10.10
N LYS D 616 6.58 42.06 -9.50
CA LYS D 616 7.64 42.96 -9.06
C LYS D 616 9.01 42.60 -9.57
N PRO D 617 9.86 43.62 -9.76
CA PRO D 617 11.23 43.45 -10.25
C PRO D 617 12.16 42.86 -9.21
N GLU D 618 13.38 42.57 -9.64
CA GLU D 618 14.36 41.96 -8.75
C GLU D 618 14.70 42.76 -7.51
N ASN D 619 14.67 44.09 -7.59
CA ASN D 619 14.96 44.89 -6.39
C ASN D 619 13.72 45.74 -6.16
N SER D 620 13.02 45.51 -5.06
CA SER D 620 11.82 46.29 -4.79
C SER D 620 11.66 46.41 -3.30
N SER D 621 10.70 47.22 -2.89
CA SER D 621 10.41 47.46 -1.49
C SER D 621 10.18 46.14 -0.79
N ILE D 622 10.55 46.08 0.48
CA ILE D 622 10.28 44.88 1.25
C ILE D 622 8.87 45.03 1.74
N GLY D 623 8.33 44.00 2.39
CA GLY D 623 6.96 44.11 2.85
C GLY D 623 6.05 43.44 1.83
N PRO D 624 4.76 43.35 2.14
CA PRO D 624 3.79 42.69 1.26
C PRO D 624 3.29 43.41 0.05
N ILE D 625 3.51 44.72 0.00
CA ILE D 625 2.99 45.54 -1.08
C ILE D 625 4.07 46.38 -1.74
N ALA D 626 4.29 46.15 -3.03
CA ALA D 626 5.35 46.90 -3.74
C ALA D 626 5.20 48.42 -3.69
N LEU D 627 3.94 48.90 -3.65
CA LEU D 627 3.60 50.32 -3.65
C LEU D 627 4.03 51.08 -2.39
N LEU D 628 4.26 50.38 -1.28
CA LEU D 628 4.63 51.11 -0.09
C LEU D 628 5.95 51.86 -0.31
N LYS D 629 6.01 53.09 0.21
CA LYS D 629 7.19 53.92 0.05
C LYS D 629 7.32 54.82 1.27
N LYS D 630 8.47 55.50 1.38
CA LYS D 630 8.69 56.40 2.50
C LYS D 630 7.55 57.45 2.58
N GLY D 631 7.21 57.89 3.78
CA GLY D 631 6.13 58.87 3.91
C GLY D 631 4.78 58.24 4.25
N ASN D 632 3.70 58.89 3.83
CA ASN D 632 2.36 58.42 4.10
C ASN D 632 1.91 57.37 3.08
N ASN D 633 1.20 56.33 3.53
CA ASN D 633 0.68 55.32 2.61
C ASN D 633 -0.75 55.03 3.07
N TYR D 634 -1.70 55.07 2.13
CA TYR D 634 -3.12 54.77 2.41
C TYR D 634 -3.51 53.90 1.24
N ILE D 635 -3.63 52.59 1.49
CA ILE D 635 -3.88 51.65 0.42
C ILE D 635 -5.10 50.81 0.70
N LYS D 636 -5.89 50.60 -0.36
CA LYS D 636 -7.07 49.76 -0.30
C LYS D 636 -6.54 48.31 -0.29
N VAL D 637 -6.82 47.57 0.78
CA VAL D 637 -6.33 46.19 0.84
C VAL D 637 -7.43 45.12 0.75
N TRP D 638 -8.70 45.55 0.60
CA TRP D 638 -9.83 44.63 0.38
C TRP D 638 -10.92 45.45 -0.27
#